data_6SLE
#
_entry.id   6SLE
#
_cell.length_a   66.387
_cell.length_b   89.312
_cell.length_c   97.932
_cell.angle_alpha   105.560
_cell.angle_beta   90.000
_cell.angle_gamma   93.990
#
_symmetry.space_group_name_H-M   'P 1'
#
loop_
_entity.id
_entity.type
_entity.pdbx_description
1 polymer 'Oxidoreductase, putative'
2 non-polymer 'NADP NICOTINAMIDE-ADENINE-DINUCLEOTIDE PHOSPHATE'
3 water water
#
_entity_poly.entity_id   1
_entity_poly.type   'polypeptide(L)'
_entity_poly.pdbx_seq_one_letter_code
;MSSVSIFGLGAMGTALASRFLEEKYKVAVWNRSPEKASSLLGKGATLSHTAVDGINASDLIIICLLDNAAVEATLAGALD
HLHGKTIINLTNGTPDQARKLSDRFVSHGARYVHGGIMATPSMIGSPYALVLYSGSPDAFKAAEGDLSVLAKCVFLGEDA
GTASLHDLALLSGMYGLFSGFLHATALVRSSTPAVKFMDLLVPWLGAMTEYTKGMAKQIDEGKYTSEGSNLAMQLVGIQN
IIDASEAQQVSAEFIRPMKEFMQKAVAAGHGGDDISSLIDFVKST
;
_entity_poly.pdbx_strand_id   A,B,C,D,E,F,G,H
#
# COMPACT_ATOMS: atom_id res chain seq x y z
N MET A 1 3.12 -34.55 -40.94
CA MET A 1 2.25 -33.33 -41.11
C MET A 1 2.89 -32.11 -40.41
N SER A 2 3.37 -32.28 -39.19
CA SER A 2 4.31 -31.35 -38.47
C SER A 2 5.56 -32.12 -38.05
N SER A 3 6.74 -31.62 -38.42
CA SER A 3 8.05 -32.30 -38.26
C SER A 3 8.83 -31.70 -37.09
N VAL A 4 9.42 -32.55 -36.24
CA VAL A 4 10.35 -32.17 -35.14
C VAL A 4 11.60 -33.06 -35.26
N SER A 5 12.74 -32.60 -34.72
CA SER A 5 14.00 -33.40 -34.66
C SER A 5 14.61 -33.29 -33.26
N ILE A 6 14.65 -34.39 -32.53
CA ILE A 6 15.14 -34.44 -31.13
C ILE A 6 16.63 -34.81 -31.12
N PHE A 7 17.36 -34.33 -30.11
CA PHE A 7 18.75 -34.73 -29.73
C PHE A 7 18.75 -35.15 -28.26
N GLY A 8 19.27 -36.33 -27.97
CA GLY A 8 19.40 -36.88 -26.60
C GLY A 8 18.25 -37.81 -26.27
N LEU A 9 18.51 -39.10 -26.09
CA LEU A 9 17.46 -40.13 -25.92
C LEU A 9 17.67 -40.83 -24.57
N GLY A 10 17.85 -40.03 -23.51
CA GLY A 10 17.81 -40.54 -22.14
C GLY A 10 16.37 -40.76 -21.70
N ALA A 11 16.13 -40.81 -20.37
CA ALA A 11 14.81 -40.95 -19.74
C ALA A 11 13.88 -39.83 -20.21
N MET A 12 14.39 -38.62 -20.49
CA MET A 12 13.53 -37.42 -20.71
C MET A 12 13.33 -37.22 -22.20
N GLY A 13 14.38 -37.35 -23.00
CA GLY A 13 14.32 -37.12 -24.46
C GLY A 13 13.54 -38.20 -25.19
N THR A 14 13.34 -39.36 -24.55
CA THR A 14 12.56 -40.52 -25.08
C THR A 14 11.08 -40.26 -24.77
N ALA A 15 10.75 -40.00 -23.50
CA ALA A 15 9.43 -39.54 -23.03
C ALA A 15 8.92 -38.46 -23.99
N LEU A 16 9.72 -37.44 -24.22
CA LEU A 16 9.40 -36.35 -25.20
C LEU A 16 9.17 -36.98 -26.58
N ALA A 17 10.14 -37.76 -27.09
CA ALA A 17 10.11 -38.33 -28.47
C ALA A 17 8.89 -39.22 -28.62
N SER A 18 8.66 -40.13 -27.67
CA SER A 18 7.47 -41.01 -27.59
C SER A 18 6.17 -40.18 -27.72
N ARG A 19 6.07 -39.04 -27.03
CA ARG A 19 4.82 -38.23 -26.99
C ARG A 19 4.57 -37.63 -28.37
N PHE A 20 5.59 -37.05 -29.00
CA PHE A 20 5.47 -36.45 -30.35
C PHE A 20 4.94 -37.49 -31.34
N LEU A 21 5.22 -38.77 -31.10
CA LEU A 21 4.76 -39.89 -31.96
C LEU A 21 3.27 -40.14 -31.70
N GLU A 22 2.86 -40.16 -30.43
CA GLU A 22 1.46 -40.44 -30.00
C GLU A 22 0.52 -39.35 -30.52
N GLU A 23 1.03 -38.15 -30.88
CA GLU A 23 0.27 -37.06 -31.55
C GLU A 23 0.62 -37.05 -33.04
N LYS A 24 1.10 -38.18 -33.58
CA LYS A 24 1.32 -38.39 -35.03
C LYS A 24 2.05 -37.19 -35.61
N TYR A 25 3.32 -37.00 -35.22
CA TYR A 25 4.27 -36.01 -35.81
C TYR A 25 5.30 -36.78 -36.64
N LYS A 26 6.04 -36.08 -37.49
CA LYS A 26 7.24 -36.60 -38.21
C LYS A 26 8.47 -36.40 -37.32
N VAL A 27 8.63 -37.26 -36.31
CA VAL A 27 9.69 -37.17 -35.25
C VAL A 27 11.02 -37.70 -35.81
N ALA A 28 12.05 -36.85 -35.94
CA ALA A 28 13.45 -37.28 -36.18
C ALA A 28 14.16 -37.38 -34.83
N VAL A 29 15.06 -38.34 -34.64
CA VAL A 29 15.76 -38.54 -33.35
C VAL A 29 17.26 -38.85 -33.56
N TRP A 30 18.08 -38.51 -32.54
CA TRP A 30 19.55 -38.57 -32.53
C TRP A 30 20.02 -38.92 -31.12
N ASN A 31 21.19 -39.54 -30.98
CA ASN A 31 21.84 -39.79 -29.66
C ASN A 31 23.33 -39.98 -29.91
N ARG A 32 24.15 -39.91 -28.86
CA ARG A 32 25.56 -40.37 -28.90
CA ARG A 32 25.57 -40.36 -28.91
C ARG A 32 25.55 -41.84 -29.31
N SER A 33 24.81 -42.65 -28.55
CA SER A 33 24.69 -44.12 -28.69
C SER A 33 23.26 -44.50 -29.12
N PRO A 34 23.02 -44.82 -30.41
CA PRO A 34 21.72 -45.32 -30.83
C PRO A 34 21.48 -46.78 -30.45
N GLU A 35 22.45 -47.64 -30.80
CA GLU A 35 22.52 -49.08 -30.42
C GLU A 35 22.41 -49.26 -28.90
N LYS A 36 22.76 -48.22 -28.12
CA LYS A 36 22.41 -48.09 -26.67
C LYS A 36 20.98 -47.54 -26.65
N ALA A 37 20.75 -46.34 -26.06
CA ALA A 37 19.44 -45.67 -26.06
C ALA A 37 18.69 -45.99 -27.37
N SER A 38 17.62 -46.77 -27.27
CA SER A 38 16.96 -47.43 -28.43
C SER A 38 16.60 -46.38 -29.48
N SER A 39 16.86 -46.68 -30.76
CA SER A 39 16.34 -45.97 -31.94
C SER A 39 15.27 -46.84 -32.61
N LEU A 40 14.31 -47.37 -31.83
CA LEU A 40 13.06 -47.99 -32.34
C LEU A 40 12.28 -46.95 -33.20
N LEU A 41 12.71 -46.93 -34.46
CA LEU A 41 11.94 -46.49 -35.65
C LEU A 41 10.64 -47.31 -35.72
N GLY A 42 10.51 -48.38 -34.94
CA GLY A 42 9.31 -49.21 -34.77
C GLY A 42 8.06 -48.39 -34.49
N LYS A 43 8.18 -47.35 -33.65
CA LYS A 43 7.02 -46.47 -33.31
C LYS A 43 6.91 -45.32 -34.33
N GLY A 44 7.85 -45.25 -35.29
CA GLY A 44 7.76 -44.37 -36.47
C GLY A 44 8.89 -43.34 -36.55
N ALA A 45 9.75 -43.24 -35.54
CA ALA A 45 10.81 -42.20 -35.47
C ALA A 45 11.82 -42.44 -36.59
N THR A 46 12.46 -41.37 -37.08
CA THR A 46 13.55 -41.40 -38.09
C THR A 46 14.89 -41.15 -37.36
N LEU A 47 15.86 -42.05 -37.51
CA LEU A 47 17.19 -41.96 -36.84
C LEU A 47 18.12 -41.06 -37.64
N SER A 48 18.55 -39.92 -37.07
CA SER A 48 19.59 -39.02 -37.62
C SER A 48 20.97 -39.66 -37.40
N HIS A 49 21.67 -40.03 -38.48
CA HIS A 49 22.95 -40.77 -38.42
C HIS A 49 24.00 -39.88 -37.74
N THR A 50 23.99 -38.59 -38.09
CA THR A 50 24.88 -37.54 -37.53
C THR A 50 24.01 -36.41 -36.96
N ALA A 51 24.63 -35.46 -36.27
CA ALA A 51 23.98 -34.22 -35.77
C ALA A 51 23.54 -33.35 -36.95
N VAL A 52 24.28 -33.37 -38.07
CA VAL A 52 23.97 -32.57 -39.29
C VAL A 52 22.65 -33.08 -39.89
N ASP A 53 22.51 -34.40 -40.02
CA ASP A 53 21.31 -35.08 -40.61
C ASP A 53 20.10 -34.86 -39.70
N GLY A 54 20.32 -34.69 -38.39
CA GLY A 54 19.25 -34.38 -37.42
C GLY A 54 18.93 -32.90 -37.37
N ILE A 55 19.89 -32.04 -37.73
CA ILE A 55 19.68 -30.56 -37.83
C ILE A 55 18.84 -30.28 -39.08
N ASN A 56 19.08 -31.00 -40.18
CA ASN A 56 18.41 -30.82 -41.50
C ASN A 56 17.08 -31.59 -41.53
N ALA A 57 16.82 -32.42 -40.53
CA ALA A 57 15.60 -33.26 -40.41
C ALA A 57 14.37 -32.36 -40.25
N SER A 58 14.51 -31.21 -39.59
CA SER A 58 13.38 -30.34 -39.17
C SER A 58 13.88 -28.91 -38.88
N ASP A 59 12.95 -27.97 -38.74
CA ASP A 59 13.21 -26.54 -38.38
C ASP A 59 12.81 -26.28 -36.92
N LEU A 60 12.13 -27.22 -36.28
CA LEU A 60 11.95 -27.25 -34.80
C LEU A 60 12.92 -28.29 -34.29
N ILE A 61 13.80 -27.92 -33.36
CA ILE A 61 14.86 -28.81 -32.83
C ILE A 61 14.80 -28.76 -31.30
N ILE A 62 14.31 -29.83 -30.68
CA ILE A 62 14.20 -29.97 -29.21
C ILE A 62 15.41 -30.76 -28.71
N ILE A 63 16.46 -30.09 -28.22
CA ILE A 63 17.63 -30.73 -27.55
C ILE A 63 17.26 -31.05 -26.09
N CYS A 64 17.78 -32.14 -25.53
CA CYS A 64 17.58 -32.54 -24.12
C CYS A 64 18.63 -33.57 -23.66
N LEU A 65 19.73 -33.13 -23.02
CA LEU A 65 20.96 -33.94 -22.79
C LEU A 65 21.36 -33.90 -21.31
N LEU A 66 22.60 -34.32 -20.98
CA LEU A 66 23.14 -34.39 -19.59
C LEU A 66 23.46 -32.98 -19.08
N ASP A 67 24.22 -32.21 -19.86
CA ASP A 67 24.62 -30.81 -19.53
C ASP A 67 24.59 -30.00 -20.81
N ASN A 68 24.92 -28.71 -20.71
CA ASN A 68 25.08 -27.79 -21.88
C ASN A 68 26.42 -28.08 -22.56
N ALA A 69 27.40 -28.62 -21.86
CA ALA A 69 28.69 -29.00 -22.49
C ALA A 69 28.37 -29.96 -23.66
N ALA A 70 27.62 -31.02 -23.38
CA ALA A 70 27.09 -31.99 -24.38
C ALA A 70 26.32 -31.28 -25.51
N VAL A 71 25.59 -30.21 -25.20
CA VAL A 71 24.87 -29.40 -26.23
C VAL A 71 25.91 -28.83 -27.22
N GLU A 72 26.88 -28.05 -26.71
CA GLU A 72 27.99 -27.45 -27.52
C GLU A 72 28.77 -28.55 -28.23
N ALA A 73 29.14 -29.61 -27.51
CA ALA A 73 30.01 -30.70 -28.02
C ALA A 73 29.37 -31.32 -29.26
N THR A 74 28.10 -31.72 -29.14
CA THR A 74 27.31 -32.47 -30.15
C THR A 74 27.00 -31.60 -31.38
N LEU A 75 26.62 -30.33 -31.16
CA LEU A 75 26.23 -29.40 -32.25
C LEU A 75 27.43 -28.71 -32.86
N ALA A 76 28.65 -28.94 -32.35
CA ALA A 76 29.90 -28.32 -32.86
C ALA A 76 29.94 -28.44 -34.40
N GLY A 77 30.24 -29.64 -34.92
CA GLY A 77 29.95 -30.08 -36.31
C GLY A 77 30.00 -28.94 -37.32
N ALA A 78 31.00 -28.04 -37.17
CA ALA A 78 31.05 -26.70 -37.85
C ALA A 78 29.64 -26.20 -38.23
N LEU A 79 28.86 -25.76 -37.23
CA LEU A 79 27.38 -25.68 -37.27
C LEU A 79 26.93 -24.64 -38.29
N ASP A 80 27.35 -24.80 -39.54
CA ASP A 80 27.02 -23.92 -40.71
C ASP A 80 25.58 -24.15 -41.19
N HIS A 81 25.02 -25.34 -40.98
CA HIS A 81 23.67 -25.78 -41.44
C HIS A 81 22.60 -25.38 -40.40
N LEU A 82 22.86 -24.37 -39.55
CA LEU A 82 21.97 -23.97 -38.43
C LEU A 82 21.00 -22.87 -38.88
N HIS A 83 21.37 -22.07 -39.89
CA HIS A 83 20.61 -20.89 -40.39
C HIS A 83 19.14 -21.26 -40.65
N GLY A 84 18.21 -20.68 -39.88
CA GLY A 84 16.76 -20.76 -40.08
C GLY A 84 16.06 -21.51 -38.95
N LYS A 85 16.79 -22.36 -38.22
CA LYS A 85 16.22 -23.37 -37.28
C LYS A 85 15.81 -22.69 -35.96
N THR A 86 14.93 -23.33 -35.17
CA THR A 86 14.47 -22.84 -33.84
C THR A 86 14.89 -23.84 -32.75
N ILE A 87 16.01 -23.59 -32.09
CA ILE A 87 16.64 -24.51 -31.10
C ILE A 87 15.92 -24.31 -29.76
N ILE A 88 15.22 -25.34 -29.25
CA ILE A 88 14.65 -25.40 -27.86
C ILE A 88 15.56 -26.32 -27.02
N ASN A 89 16.39 -25.77 -26.14
CA ASN A 89 17.29 -26.58 -25.28
C ASN A 89 16.57 -26.76 -23.96
N LEU A 90 16.19 -28.00 -23.63
CA LEU A 90 15.45 -28.29 -22.38
C LEU A 90 16.45 -28.73 -21.31
N THR A 91 17.72 -28.92 -21.72
CA THR A 91 18.86 -29.28 -20.84
C THR A 91 18.88 -28.36 -19.62
N ASN A 92 18.70 -28.93 -18.43
CA ASN A 92 18.84 -28.20 -17.14
C ASN A 92 20.27 -27.66 -17.10
N GLY A 93 20.44 -26.46 -16.52
CA GLY A 93 21.73 -25.78 -16.45
C GLY A 93 21.64 -24.44 -15.75
N THR A 94 22.72 -23.65 -15.82
CA THR A 94 22.85 -22.32 -15.17
C THR A 94 22.29 -21.30 -16.13
N PRO A 95 21.85 -20.11 -15.63
CA PRO A 95 21.44 -18.99 -16.50
C PRO A 95 22.60 -18.61 -17.45
N ASP A 96 23.84 -18.63 -16.95
CA ASP A 96 25.01 -18.17 -17.74
C ASP A 96 25.39 -19.19 -18.82
N GLN A 97 25.32 -20.49 -18.52
CA GLN A 97 25.47 -21.54 -19.57
C GLN A 97 24.49 -21.20 -20.70
N ALA A 98 23.23 -20.92 -20.36
CA ALA A 98 22.09 -20.73 -21.28
C ALA A 98 22.31 -19.48 -22.14
N ARG A 99 22.85 -18.42 -21.56
CA ARG A 99 23.14 -17.14 -22.27
C ARG A 99 24.33 -17.34 -23.20
N LYS A 100 25.35 -18.09 -22.79
CA LYS A 100 26.55 -18.38 -23.61
C LYS A 100 26.13 -19.19 -24.85
N LEU A 101 25.22 -20.16 -24.68
CA LEU A 101 24.65 -21.02 -25.76
C LEU A 101 23.78 -20.15 -26.70
N SER A 102 22.94 -19.28 -26.13
CA SER A 102 21.98 -18.44 -26.88
C SER A 102 22.71 -17.49 -27.83
N ASP A 103 23.82 -16.91 -27.36
CA ASP A 103 24.70 -15.99 -28.13
C ASP A 103 25.49 -16.79 -29.17
N ARG A 104 25.98 -17.98 -28.80
CA ARG A 104 26.78 -18.87 -29.68
C ARG A 104 25.94 -19.29 -30.89
N PHE A 105 24.67 -19.67 -30.66
CA PHE A 105 23.74 -20.26 -31.66
C PHE A 105 23.06 -19.16 -32.49
N VAL A 106 22.76 -18.00 -31.90
CA VAL A 106 22.19 -16.83 -32.62
C VAL A 106 23.24 -16.25 -33.59
N SER A 107 24.53 -16.45 -33.29
CA SER A 107 25.68 -16.04 -34.14
C SER A 107 25.70 -16.87 -35.43
N HIS A 108 25.05 -18.05 -35.41
CA HIS A 108 25.03 -19.01 -36.55
C HIS A 108 23.63 -19.07 -37.18
N GLY A 109 22.79 -18.05 -36.97
CA GLY A 109 21.60 -17.79 -37.80
C GLY A 109 20.32 -18.32 -37.18
N ALA A 110 20.44 -19.23 -36.20
CA ALA A 110 19.33 -19.86 -35.47
C ALA A 110 18.65 -18.83 -34.58
N ARG A 111 17.72 -19.27 -33.73
CA ARG A 111 16.86 -18.40 -32.88
C ARG A 111 16.53 -19.21 -31.63
N TYR A 112 17.17 -18.89 -30.52
CA TYR A 112 17.36 -19.80 -29.36
C TYR A 112 16.28 -19.51 -28.31
N VAL A 113 15.76 -20.57 -27.68
CA VAL A 113 14.88 -20.47 -26.49
C VAL A 113 15.19 -21.67 -25.58
N HIS A 114 14.97 -21.52 -24.28
CA HIS A 114 15.48 -22.44 -23.23
C HIS A 114 14.32 -22.78 -22.31
N GLY A 115 14.32 -24.00 -21.76
CA GLY A 115 13.17 -24.46 -20.98
C GLY A 115 13.57 -25.36 -19.85
N GLY A 116 13.07 -25.04 -18.67
CA GLY A 116 13.11 -25.93 -17.50
C GLY A 116 11.89 -26.81 -17.51
N ILE A 117 12.05 -28.11 -17.81
CA ILE A 117 10.97 -29.12 -17.79
C ILE A 117 10.65 -29.38 -16.32
N MET A 118 9.65 -28.68 -15.77
CA MET A 118 9.14 -28.97 -14.40
C MET A 118 8.19 -30.18 -14.51
N ALA A 119 8.75 -31.35 -14.82
CA ALA A 119 8.04 -32.63 -15.06
C ALA A 119 9.04 -33.78 -15.12
N THR A 120 8.78 -34.86 -14.36
CA THR A 120 9.44 -36.17 -14.53
C THR A 120 8.99 -36.76 -15.86
N PRO A 121 9.67 -37.80 -16.39
CA PRO A 121 9.32 -38.35 -17.70
C PRO A 121 7.86 -38.83 -17.78
N SER A 122 7.39 -39.58 -16.78
CA SER A 122 6.03 -40.20 -16.78
C SER A 122 4.94 -39.12 -16.85
N MET A 123 5.21 -37.92 -16.30
CA MET A 123 4.29 -36.76 -16.30
C MET A 123 4.28 -36.07 -17.66
N ILE A 124 5.24 -36.31 -18.55
CA ILE A 124 5.21 -35.64 -19.88
C ILE A 124 3.87 -36.02 -20.50
N GLY A 125 3.24 -35.10 -21.24
CA GLY A 125 1.90 -35.26 -21.81
C GLY A 125 0.77 -35.14 -20.79
N SER A 126 1.04 -35.26 -19.49
CA SER A 126 0.01 -35.26 -18.42
C SER A 126 -0.46 -33.83 -18.16
N PRO A 127 -1.58 -33.64 -17.39
CA PRO A 127 -2.06 -32.31 -17.02
C PRO A 127 -1.07 -31.47 -16.19
N TYR A 128 -0.39 -32.11 -15.22
CA TYR A 128 0.51 -31.44 -14.24
C TYR A 128 1.92 -31.21 -14.81
N ALA A 129 2.21 -31.69 -16.01
CA ALA A 129 3.45 -31.35 -16.73
C ALA A 129 3.45 -29.84 -16.93
N LEU A 130 4.63 -29.22 -16.80
CA LEU A 130 4.87 -27.76 -16.87
C LEU A 130 6.30 -27.53 -17.37
N VAL A 131 6.50 -26.55 -18.24
CA VAL A 131 7.84 -26.18 -18.78
C VAL A 131 7.93 -24.65 -18.84
N LEU A 132 8.92 -24.07 -18.13
CA LEU A 132 9.22 -22.62 -18.12
C LEU A 132 10.09 -22.35 -19.34
N TYR A 133 9.78 -21.31 -20.14
CA TYR A 133 10.58 -20.95 -21.34
C TYR A 133 10.95 -19.48 -21.30
N SER A 134 12.21 -19.19 -21.64
CA SER A 134 12.76 -17.84 -21.85
C SER A 134 13.62 -17.89 -23.10
N GLY A 135 13.92 -16.73 -23.71
CA GLY A 135 14.68 -16.65 -24.97
C GLY A 135 13.88 -15.90 -26.02
N SER A 136 14.36 -15.89 -27.26
CA SER A 136 13.72 -15.21 -28.43
C SER A 136 12.22 -15.49 -28.45
N PRO A 137 11.35 -14.50 -28.12
CA PRO A 137 9.90 -14.74 -28.03
C PRO A 137 9.24 -14.89 -29.41
N ASP A 138 9.91 -14.41 -30.48
CA ASP A 138 9.51 -14.62 -31.89
C ASP A 138 9.45 -16.13 -32.18
N ALA A 139 10.56 -16.83 -31.91
CA ALA A 139 10.73 -18.30 -32.08
C ALA A 139 9.75 -19.06 -31.20
N PHE A 140 9.60 -18.66 -29.93
CA PHE A 140 8.74 -19.36 -28.95
C PHE A 140 7.28 -19.32 -29.41
N LYS A 141 6.83 -18.18 -29.97
CA LYS A 141 5.40 -17.95 -30.31
C LYS A 141 4.99 -18.93 -31.42
N ALA A 142 5.83 -19.04 -32.47
CA ALA A 142 5.63 -19.92 -33.65
C ALA A 142 5.50 -21.39 -33.21
N ALA A 143 6.41 -21.84 -32.34
CA ALA A 143 6.54 -23.25 -31.90
C ALA A 143 5.79 -23.49 -30.57
N GLU A 144 5.07 -22.51 -30.03
CA GLU A 144 4.22 -22.73 -28.82
C GLU A 144 3.16 -23.81 -29.10
N GLY A 145 2.58 -23.81 -30.31
CA GLY A 145 1.61 -24.82 -30.75
C GLY A 145 2.12 -26.23 -30.51
N ASP A 146 3.18 -26.61 -31.21
CA ASP A 146 3.77 -27.99 -31.19
C ASP A 146 4.15 -28.37 -29.75
N LEU A 147 5.04 -27.58 -29.11
CA LEU A 147 5.61 -27.85 -27.76
C LEU A 147 4.49 -28.15 -26.75
N SER A 148 3.33 -27.50 -26.89
CA SER A 148 2.17 -27.57 -25.98
C SER A 148 1.70 -29.02 -25.75
N VAL A 149 2.00 -29.94 -26.67
CA VAL A 149 1.67 -31.39 -26.54
C VAL A 149 2.32 -31.97 -25.28
N LEU A 150 3.52 -31.49 -24.93
CA LEU A 150 4.40 -32.07 -23.88
C LEU A 150 3.90 -31.68 -22.49
N ALA A 151 3.58 -30.40 -22.29
CA ALA A 151 3.21 -29.83 -20.97
C ALA A 151 2.62 -28.43 -21.15
N LYS A 152 2.19 -27.82 -20.03
CA LYS A 152 1.64 -26.44 -19.98
C LYS A 152 2.80 -25.45 -20.12
N CYS A 153 2.97 -24.85 -21.30
CA CYS A 153 3.95 -23.74 -21.56
C CYS A 153 3.74 -22.59 -20.57
N VAL A 154 4.81 -21.85 -20.24
CA VAL A 154 4.81 -20.68 -19.31
C VAL A 154 6.03 -19.78 -19.64
N PHE A 155 5.91 -18.92 -20.65
CA PHE A 155 6.98 -17.98 -21.09
C PHE A 155 7.21 -16.95 -19.98
N LEU A 156 8.45 -16.43 -19.84
CA LEU A 156 8.74 -15.37 -18.82
C LEU A 156 10.05 -14.63 -19.08
N GLY A 157 10.22 -14.06 -20.28
CA GLY A 157 11.25 -13.05 -20.58
C GLY A 157 12.06 -13.37 -21.83
N GLU A 158 12.70 -12.34 -22.41
CA GLU A 158 13.61 -12.42 -23.58
C GLU A 158 15.03 -12.76 -23.12
N ASP A 159 15.20 -12.94 -21.81
CA ASP A 159 16.47 -13.25 -21.12
C ASP A 159 16.71 -14.77 -21.20
N ALA A 160 17.62 -15.20 -22.08
CA ALA A 160 17.85 -16.61 -22.48
C ALA A 160 18.05 -17.57 -21.30
N GLY A 161 18.30 -17.06 -20.07
CA GLY A 161 18.66 -17.89 -18.90
C GLY A 161 17.71 -17.69 -17.72
N THR A 162 16.51 -17.11 -17.94
CA THR A 162 15.50 -16.85 -16.88
C THR A 162 14.80 -18.16 -16.50
N ALA A 163 14.48 -19.01 -17.48
CA ALA A 163 13.84 -20.34 -17.29
C ALA A 163 14.74 -21.22 -16.41
N SER A 164 16.05 -21.18 -16.65
CA SER A 164 17.11 -21.94 -15.92
C SER A 164 17.18 -21.48 -14.46
N LEU A 165 17.12 -20.17 -14.23
CA LEU A 165 17.12 -19.59 -12.84
C LEU A 165 15.91 -20.15 -12.09
N HIS A 166 14.74 -20.14 -12.75
CA HIS A 166 13.45 -20.60 -12.15
C HIS A 166 13.47 -22.12 -12.01
N ASP A 167 14.06 -22.84 -12.98
CA ASP A 167 14.24 -24.31 -12.89
C ASP A 167 14.97 -24.60 -11.57
N LEU A 168 16.20 -24.08 -11.43
CA LEU A 168 17.12 -24.42 -10.32
C LEU A 168 16.51 -23.99 -8.99
N ALA A 169 15.91 -22.81 -8.93
CA ALA A 169 15.15 -22.31 -7.75
C ALA A 169 14.13 -23.37 -7.32
N LEU A 170 13.24 -23.77 -8.24
CA LEU A 170 12.13 -24.71 -7.90
C LEU A 170 12.72 -26.03 -7.38
N LEU A 171 13.68 -26.60 -8.12
CA LEU A 171 14.51 -27.77 -7.72
C LEU A 171 15.12 -27.59 -6.33
N SER A 172 15.70 -26.43 -6.03
CA SER A 172 16.25 -26.10 -4.68
C SER A 172 15.20 -26.34 -3.59
N GLY A 173 13.92 -26.00 -3.85
CA GLY A 173 12.80 -26.15 -2.90
C GLY A 173 12.29 -27.56 -2.84
N MET A 174 12.26 -28.24 -3.98
CA MET A 174 12.04 -29.71 -4.08
C MET A 174 13.01 -30.38 -3.13
N TYR A 175 14.32 -30.17 -3.37
CA TYR A 175 15.43 -30.87 -2.67
C TYR A 175 15.37 -30.57 -1.18
N GLY A 176 14.95 -29.35 -0.79
CA GLY A 176 14.63 -29.03 0.60
C GLY A 176 13.59 -30.00 1.13
N LEU A 177 12.51 -30.24 0.36
CA LEU A 177 11.32 -31.01 0.77
C LEU A 177 11.74 -32.46 0.98
N PHE A 178 12.43 -33.06 0.01
CA PHE A 178 12.89 -34.47 0.06
C PHE A 178 13.86 -34.65 1.24
N SER A 179 14.72 -33.65 1.49
CA SER A 179 15.68 -33.65 2.60
C SER A 179 14.94 -33.71 3.94
N GLY A 180 13.80 -33.04 4.01
CA GLY A 180 12.96 -33.05 5.24
C GLY A 180 12.23 -34.38 5.36
N PHE A 181 11.64 -34.86 4.26
CA PHE A 181 10.94 -36.16 4.15
C PHE A 181 11.86 -37.27 4.67
N LEU A 182 13.00 -37.48 4.00
CA LEU A 182 14.06 -38.48 4.35
C LEU A 182 14.44 -38.34 5.82
N HIS A 183 14.80 -37.15 6.29
CA HIS A 183 15.16 -36.92 7.72
C HIS A 183 13.98 -37.35 8.62
N ALA A 184 12.77 -36.84 8.32
CA ALA A 184 11.54 -37.06 9.10
C ALA A 184 11.19 -38.54 9.13
N THR A 185 11.16 -39.21 7.97
CA THR A 185 10.90 -40.68 7.86
C THR A 185 11.95 -41.42 8.70
N ALA A 186 13.21 -41.39 8.28
CA ALA A 186 14.39 -41.90 9.02
C ALA A 186 14.17 -41.80 10.53
N LEU A 187 13.85 -40.61 11.03
CA LEU A 187 13.84 -40.32 12.50
C LEU A 187 12.74 -41.17 13.17
N VAL A 188 11.72 -41.57 12.41
CA VAL A 188 10.49 -42.20 12.96
C VAL A 188 10.44 -43.71 12.60
N ARG A 189 11.10 -44.15 11.51
CA ARG A 189 10.96 -45.54 10.97
C ARG A 189 10.97 -46.55 12.12
N SER A 190 11.92 -46.43 13.05
CA SER A 190 12.15 -47.39 14.15
C SER A 190 11.22 -47.12 15.35
N SER A 191 10.03 -46.56 15.12
CA SER A 191 8.92 -46.53 16.10
C SER A 191 7.55 -46.72 15.40
N THR A 192 7.43 -46.32 14.13
CA THR A 192 6.17 -46.38 13.32
C THR A 192 6.47 -46.35 11.82
N PRO A 193 5.58 -46.92 10.98
CA PRO A 193 5.91 -47.10 9.55
C PRO A 193 5.73 -45.82 8.71
N ALA A 194 6.44 -45.69 7.59
CA ALA A 194 6.57 -44.41 6.85
C ALA A 194 5.20 -44.01 6.26
N VAL A 195 4.46 -44.98 5.71
CA VAL A 195 3.13 -44.73 5.05
C VAL A 195 2.15 -44.18 6.10
N LYS A 196 1.88 -44.92 7.19
CA LYS A 196 1.01 -44.47 8.32
C LYS A 196 1.45 -43.09 8.82
N PHE A 197 2.72 -42.71 8.62
CA PHE A 197 3.32 -41.42 9.07
C PHE A 197 3.00 -40.30 8.06
N MET A 198 2.83 -40.61 6.76
CA MET A 198 2.40 -39.63 5.73
C MET A 198 1.02 -39.08 6.07
N ASP A 199 0.24 -39.82 6.86
CA ASP A 199 -1.10 -39.41 7.36
C ASP A 199 -0.95 -38.18 8.26
N LEU A 200 0.22 -37.97 8.86
CA LEU A 200 0.57 -36.78 9.69
C LEU A 200 1.45 -35.80 8.89
N LEU A 201 2.48 -36.28 8.18
CA LEU A 201 3.37 -35.37 7.42
C LEU A 201 2.56 -34.58 6.37
N VAL A 202 1.93 -35.27 5.42
CA VAL A 202 1.35 -34.67 4.18
C VAL A 202 0.39 -33.52 4.50
N PRO A 203 -0.55 -33.66 5.45
CA PRO A 203 -1.37 -32.52 5.89
C PRO A 203 -0.46 -31.39 6.41
N TRP A 204 0.35 -31.70 7.43
CA TRP A 204 1.26 -30.75 8.13
C TRP A 204 2.09 -29.96 7.11
N LEU A 205 2.67 -30.62 6.12
CA LEU A 205 3.44 -29.93 5.03
C LEU A 205 2.50 -28.98 4.28
N GLY A 206 1.27 -29.42 4.00
CA GLY A 206 0.17 -28.59 3.46
C GLY A 206 -0.02 -27.31 4.26
N ALA A 207 -0.25 -27.41 5.57
CA ALA A 207 -0.31 -26.23 6.50
C ALA A 207 0.91 -25.35 6.21
N MET A 208 2.10 -25.88 6.46
CA MET A 208 3.41 -25.18 6.41
C MET A 208 3.66 -24.60 5.02
N THR A 209 3.18 -25.25 3.95
CA THR A 209 3.27 -24.71 2.56
C THR A 209 2.40 -23.45 2.47
N GLU A 210 1.29 -23.36 3.20
CA GLU A 210 0.41 -22.16 3.21
C GLU A 210 1.20 -21.01 3.86
N TYR A 211 1.76 -21.28 5.04
CA TYR A 211 2.56 -20.34 5.88
C TYR A 211 3.69 -19.71 5.07
N THR A 212 4.21 -20.36 4.02
CA THR A 212 5.29 -19.84 3.16
C THR A 212 4.75 -18.79 2.19
N LYS A 213 3.43 -18.77 1.92
CA LYS A 213 2.74 -17.73 1.11
C LYS A 213 2.79 -16.41 1.89
N GLY A 214 2.41 -16.46 3.17
CA GLY A 214 2.43 -15.31 4.09
C GLY A 214 3.82 -15.03 4.62
N MET A 215 4.84 -15.56 3.94
CA MET A 215 6.28 -15.38 4.29
C MET A 215 6.99 -14.72 3.10
N ALA A 216 6.65 -15.13 1.87
CA ALA A 216 7.07 -14.45 0.61
C ALA A 216 6.63 -12.98 0.65
N LYS A 217 5.44 -12.71 1.22
CA LYS A 217 4.89 -11.34 1.45
C LYS A 217 5.88 -10.55 2.31
N GLN A 218 6.15 -11.04 3.53
CA GLN A 218 7.17 -10.48 4.45
C GLN A 218 8.46 -10.20 3.65
N ILE A 219 9.03 -11.25 3.04
CA ILE A 219 10.30 -11.20 2.27
C ILE A 219 10.24 -10.09 1.20
N ASP A 220 9.06 -9.85 0.62
CA ASP A 220 8.88 -8.88 -0.49
C ASP A 220 8.80 -7.46 0.04
N GLU A 221 8.23 -7.24 1.23
CA GLU A 221 8.07 -5.90 1.86
C GLU A 221 9.27 -5.66 2.79
N GLY A 222 9.34 -6.37 3.93
CA GLY A 222 10.49 -6.34 4.85
C GLY A 222 10.07 -6.33 6.31
N LYS A 223 8.99 -7.04 6.66
CA LYS A 223 8.42 -7.10 8.03
C LYS A 223 9.37 -7.91 8.94
N TYR A 224 9.26 -9.24 8.91
CA TYR A 224 10.01 -10.20 9.77
C TYR A 224 9.53 -10.10 11.23
N THR A 225 8.26 -9.71 11.44
CA THR A 225 7.66 -9.50 12.78
C THR A 225 7.03 -10.81 13.29
N SER A 226 7.34 -11.21 14.52
CA SER A 226 6.82 -12.43 15.20
C SER A 226 5.28 -12.37 15.27
N SER A 229 6.47 -17.78 17.79
CA SER A 229 7.03 -18.56 16.65
C SER A 229 8.44 -18.04 16.35
N ASN A 230 9.28 -17.89 17.40
CA ASN A 230 10.48 -17.00 17.42
C ASN A 230 11.78 -17.82 17.26
N LEU A 231 12.74 -17.29 16.50
CA LEU A 231 14.06 -17.89 16.16
C LEU A 231 14.80 -18.40 17.40
N ALA A 232 14.61 -17.81 18.59
CA ALA A 232 15.29 -18.29 19.83
C ALA A 232 14.75 -19.67 20.20
N MET A 233 13.42 -19.87 20.17
CA MET A 233 12.75 -21.12 20.59
C MET A 233 12.96 -22.20 19.52
N GLN A 234 12.87 -21.82 18.24
CA GLN A 234 13.07 -22.77 17.12
C GLN A 234 14.49 -23.35 17.26
N LEU A 235 15.50 -22.51 17.50
CA LEU A 235 16.91 -22.92 17.75
C LEU A 235 16.97 -24.02 18.80
N VAL A 236 16.28 -23.90 19.94
CA VAL A 236 16.37 -24.95 21.01
C VAL A 236 15.56 -26.15 20.54
N GLY A 237 14.58 -25.91 19.68
CA GLY A 237 13.84 -26.98 18.96
C GLY A 237 14.76 -27.78 18.06
N ILE A 238 15.38 -27.13 17.06
CA ILE A 238 16.33 -27.75 16.09
C ILE A 238 17.42 -28.52 16.85
N GLN A 239 17.86 -28.03 18.01
CA GLN A 239 18.84 -28.75 18.86
C GLN A 239 18.23 -30.04 19.40
N ASN A 240 16.93 -30.07 19.70
CA ASN A 240 16.23 -31.29 20.17
C ASN A 240 16.14 -32.33 19.04
N ILE A 241 16.02 -31.90 17.77
CA ILE A 241 15.97 -32.83 16.61
C ILE A 241 17.36 -33.48 16.43
N ILE A 242 18.43 -32.69 16.48
CA ILE A 242 19.84 -33.16 16.37
C ILE A 242 20.16 -34.18 17.48
N ASP A 243 19.88 -33.84 18.72
CA ASP A 243 20.06 -34.74 19.90
C ASP A 243 19.24 -36.01 19.69
N ALA A 244 17.99 -35.91 19.22
CA ALA A 244 17.04 -37.03 19.02
C ALA A 244 17.50 -37.95 17.89
N SER A 245 18.00 -37.35 16.80
CA SER A 245 18.54 -38.04 15.60
C SER A 245 19.74 -38.93 15.99
N GLU A 246 20.71 -38.38 16.72
CA GLU A 246 21.90 -39.11 17.20
C GLU A 246 21.43 -40.32 18.05
N ALA A 247 20.46 -40.11 18.93
CA ALA A 247 19.93 -41.15 19.86
C ALA A 247 19.22 -42.26 19.08
N GLN A 248 18.62 -41.96 17.92
CA GLN A 248 17.96 -42.95 17.03
C GLN A 248 18.94 -43.44 15.96
N GLN A 249 20.23 -43.15 16.11
CA GLN A 249 21.29 -43.56 15.14
C GLN A 249 20.99 -43.00 13.74
N VAL A 250 20.30 -41.85 13.63
CA VAL A 250 19.99 -41.14 12.35
C VAL A 250 20.90 -39.90 12.23
N SER A 251 21.33 -39.58 11.00
CA SER A 251 22.11 -38.36 10.65
C SER A 251 21.22 -37.11 10.68
N ALA A 252 21.65 -36.08 11.41
CA ALA A 252 20.99 -34.75 11.44
C ALA A 252 21.66 -33.78 10.47
N GLU A 253 22.33 -34.28 9.43
CA GLU A 253 23.13 -33.44 8.50
C GLU A 253 22.21 -32.61 7.59
N PHE A 254 20.93 -32.99 7.49
CA PHE A 254 19.94 -32.30 6.62
C PHE A 254 19.58 -30.95 7.25
N ILE A 255 19.58 -30.88 8.58
CA ILE A 255 19.12 -29.71 9.40
C ILE A 255 20.29 -28.76 9.73
N ARG A 256 21.56 -29.19 9.63
CA ARG A 256 22.70 -28.38 10.12
C ARG A 256 22.71 -26.99 9.47
N PRO A 257 22.60 -26.86 8.13
CA PRO A 257 22.65 -25.53 7.52
C PRO A 257 21.53 -24.65 8.11
N MET A 258 20.33 -25.19 8.29
CA MET A 258 19.22 -24.41 8.90
C MET A 258 19.73 -23.86 10.24
N LYS A 259 20.32 -24.73 11.09
CA LYS A 259 20.83 -24.37 12.44
C LYS A 259 21.88 -23.26 12.29
N GLU A 260 22.88 -23.47 11.43
CA GLU A 260 23.96 -22.48 11.22
C GLU A 260 23.31 -21.12 10.88
N PHE A 261 22.28 -21.11 10.04
CA PHE A 261 21.59 -19.88 9.57
C PHE A 261 20.80 -19.21 10.70
N MET A 262 20.04 -19.97 11.50
CA MET A 262 19.29 -19.40 12.67
C MET A 262 20.28 -18.82 13.69
N GLN A 263 21.44 -19.46 13.90
CA GLN A 263 22.50 -18.98 14.81
C GLN A 263 23.07 -17.64 14.31
N LYS A 264 23.33 -17.50 13.00
CA LYS A 264 23.74 -16.21 12.39
C LYS A 264 22.68 -15.14 12.72
N ALA A 265 21.41 -15.55 12.76
CA ALA A 265 20.23 -14.65 12.86
C ALA A 265 20.07 -14.14 14.29
N VAL A 266 20.04 -15.02 15.30
CA VAL A 266 19.79 -14.57 16.71
C VAL A 266 20.99 -13.73 17.14
N ALA A 267 22.21 -14.16 16.80
CA ALA A 267 23.50 -13.45 17.05
C ALA A 267 23.46 -12.04 16.44
N ALA A 268 22.88 -11.90 15.24
CA ALA A 268 22.75 -10.63 14.48
C ALA A 268 21.47 -9.89 14.90
N GLY A 269 20.79 -10.37 15.96
CA GLY A 269 19.75 -9.62 16.69
C GLY A 269 18.33 -10.13 16.45
N HIS A 270 18.12 -11.15 15.62
CA HIS A 270 16.75 -11.57 15.18
C HIS A 270 16.14 -12.62 16.13
N GLY A 271 16.57 -12.64 17.40
CA GLY A 271 16.13 -13.60 18.42
C GLY A 271 14.61 -13.72 18.48
N GLY A 272 13.90 -12.60 18.35
CA GLY A 272 12.42 -12.55 18.47
C GLY A 272 11.72 -12.39 17.13
N ASP A 273 12.43 -12.53 16.01
CA ASP A 273 11.87 -12.34 14.66
C ASP A 273 11.43 -13.69 14.10
N ASP A 274 10.68 -13.65 12.99
CA ASP A 274 10.09 -14.84 12.32
C ASP A 274 11.15 -15.50 11.43
N ILE A 275 10.93 -16.75 11.03
CA ILE A 275 11.87 -17.53 10.19
C ILE A 275 12.04 -16.86 8.81
N SER A 276 11.20 -15.88 8.47
CA SER A 276 11.32 -15.04 7.24
C SER A 276 12.65 -14.28 7.26
N SER A 277 13.04 -13.81 8.44
CA SER A 277 14.23 -12.96 8.70
C SER A 277 15.49 -13.58 8.11
N LEU A 278 15.55 -14.92 8.01
CA LEU A 278 16.76 -15.66 7.58
C LEU A 278 17.09 -15.32 6.12
N ILE A 279 16.11 -14.80 5.36
CA ILE A 279 16.28 -14.59 3.90
C ILE A 279 17.58 -13.80 3.67
N ASP A 280 17.87 -12.80 4.50
CA ASP A 280 19.02 -11.86 4.37
C ASP A 280 20.34 -12.52 4.81
N PHE A 281 20.29 -13.71 5.40
CA PHE A 281 21.49 -14.42 5.92
C PHE A 281 21.84 -15.63 5.06
N VAL A 282 21.25 -15.75 3.86
CA VAL A 282 21.65 -16.78 2.85
C VAL A 282 22.46 -16.09 1.74
N LYS A 283 22.50 -14.75 1.76
CA LYS A 283 23.00 -13.89 0.66
C LYS A 283 24.45 -13.53 0.94
N SER B 3 -11.29 -26.70 36.22
CA SER B 3 -10.14 -25.82 36.61
C SER B 3 -8.83 -26.37 36.05
N VAL B 4 -8.00 -25.51 35.46
CA VAL B 4 -6.64 -25.82 34.96
C VAL B 4 -5.68 -24.75 35.49
N SER B 5 -4.38 -25.07 35.57
CA SER B 5 -3.30 -24.14 35.97
C SER B 5 -2.13 -24.22 34.98
N ILE B 6 -1.90 -23.15 34.22
CA ILE B 6 -0.89 -23.09 33.13
C ILE B 6 0.43 -22.57 33.70
N PHE B 7 1.55 -23.03 33.12
CA PHE B 7 2.92 -22.49 33.31
C PHE B 7 3.50 -22.14 31.94
N GLY B 8 3.99 -20.91 31.78
CA GLY B 8 4.61 -20.41 30.55
C GLY B 8 3.61 -19.65 29.69
N LEU B 9 3.81 -18.35 29.53
CA LEU B 9 2.89 -17.47 28.79
C LEU B 9 3.63 -16.83 27.61
N GLY B 10 4.33 -17.66 26.84
CA GLY B 10 4.89 -17.24 25.53
C GLY B 10 3.81 -17.18 24.47
N ALA B 11 4.20 -17.20 23.21
CA ALA B 11 3.28 -17.16 22.05
C ALA B 11 2.30 -18.34 22.10
N MET B 12 2.72 -19.49 22.62
CA MET B 12 1.93 -20.75 22.55
C MET B 12 1.12 -20.93 23.83
N GLY B 13 1.71 -20.68 25.00
CA GLY B 13 1.06 -20.84 26.32
C GLY B 13 -0.09 -19.86 26.53
N THR B 14 -0.08 -18.74 25.79
CA THR B 14 -1.10 -17.66 25.82
C THR B 14 -2.26 -18.08 24.92
N ALA B 15 -1.97 -18.38 23.66
CA ALA B 15 -2.90 -18.97 22.67
C ALA B 15 -3.70 -20.08 23.36
N LEU B 16 -3.01 -21.03 24.01
CA LEU B 16 -3.65 -22.12 24.80
C LEU B 16 -4.52 -21.50 25.89
N ALA B 17 -3.95 -20.61 26.72
CA ALA B 17 -4.63 -20.01 27.90
C ALA B 17 -5.88 -19.25 27.43
N SER B 18 -5.72 -18.39 26.43
CA SER B 18 -6.82 -17.63 25.76
C SER B 18 -7.97 -18.57 25.36
N ARG B 19 -7.65 -19.74 24.79
CA ARG B 19 -8.69 -20.66 24.26
C ARG B 19 -9.48 -21.26 25.42
N PHE B 20 -8.79 -21.73 26.46
CA PHE B 20 -9.44 -22.29 27.68
C PHE B 20 -10.43 -21.28 28.27
N LEU B 21 -10.18 -19.98 28.08
CA LEU B 21 -11.05 -18.87 28.56
C LEU B 21 -12.31 -18.82 27.68
N GLU B 22 -12.14 -18.90 26.36
CA GLU B 22 -13.24 -18.82 25.35
C GLU B 22 -14.22 -19.99 25.53
N GLU B 23 -13.79 -21.10 26.16
CA GLU B 23 -14.67 -22.25 26.57
C GLU B 23 -14.97 -22.16 28.07
N LYS B 24 -14.87 -20.96 28.64
CA LYS B 24 -15.29 -20.68 30.05
C LYS B 24 -14.73 -21.76 31.00
N TYR B 25 -13.41 -21.81 31.17
CA TYR B 25 -12.70 -22.66 32.17
C TYR B 25 -12.18 -21.80 33.30
N LYS B 26 -11.82 -22.41 34.43
CA LYS B 26 -11.20 -21.71 35.59
C LYS B 26 -9.68 -21.77 35.43
N VAL B 27 -9.12 -20.93 34.53
CA VAL B 27 -7.68 -20.93 34.15
C VAL B 27 -6.85 -20.20 35.22
N ALA B 28 -5.93 -20.90 35.90
CA ALA B 28 -4.83 -20.30 36.70
C ALA B 28 -3.60 -20.18 35.81
N VAL B 29 -2.80 -19.12 35.94
CA VAL B 29 -1.64 -18.87 35.02
C VAL B 29 -0.42 -18.34 35.79
N TRP B 30 0.77 -18.62 35.25
CA TRP B 30 2.10 -18.36 35.86
C TRP B 30 3.10 -18.04 34.74
N ASN B 31 4.15 -17.27 35.04
CA ASN B 31 5.29 -17.01 34.13
C ASN B 31 6.49 -16.60 34.99
N ARG B 32 7.69 -16.61 34.41
CA ARG B 32 8.88 -15.96 35.05
C ARG B 32 8.54 -14.47 35.18
N SER B 33 8.19 -13.87 34.05
CA SER B 33 7.88 -12.42 33.88
C SER B 33 6.40 -12.23 33.52
N PRO B 34 5.52 -11.87 34.49
CA PRO B 34 4.09 -11.83 34.21
C PRO B 34 3.63 -10.58 33.43
N GLU B 35 2.46 -10.72 32.82
CA GLU B 35 1.96 -9.82 31.74
C GLU B 35 0.68 -10.43 31.11
N LYS B 36 -0.24 -10.88 31.97
CA LYS B 36 -1.43 -11.67 31.59
C LYS B 36 -2.54 -10.74 31.08
N ALA B 37 -3.76 -11.29 30.93
CA ALA B 37 -4.99 -10.55 30.56
C ALA B 37 -6.01 -10.61 31.70
N ALA B 45 -8.56 -14.84 34.25
CA ALA B 45 -7.49 -15.74 34.70
C ALA B 45 -7.13 -15.43 36.17
N THR B 46 -6.59 -16.43 36.88
CA THR B 46 -6.00 -16.30 38.24
C THR B 46 -4.47 -16.32 38.10
N LEU B 47 -3.78 -15.27 38.57
CA LEU B 47 -2.29 -15.15 38.45
C LEU B 47 -1.66 -15.84 39.65
N SER B 48 -0.89 -16.92 39.42
CA SER B 48 -0.10 -17.65 40.44
C SER B 48 1.16 -16.83 40.75
N HIS B 49 1.28 -16.33 41.99
CA HIS B 49 2.39 -15.44 42.42
C HIS B 49 3.70 -16.20 42.33
N THR B 50 3.67 -17.47 42.76
CA THR B 50 4.82 -18.42 42.73
C THR B 50 4.40 -19.67 41.97
N ALA B 51 5.35 -20.57 41.70
CA ALA B 51 5.10 -21.90 41.10
C ALA B 51 4.27 -22.76 42.05
N VAL B 52 4.46 -22.61 43.38
CA VAL B 52 3.73 -23.37 44.42
C VAL B 52 2.24 -23.01 44.36
N ASP B 53 1.92 -21.71 44.28
CA ASP B 53 0.54 -21.16 44.26
C ASP B 53 -0.14 -21.59 42.96
N GLY B 54 0.62 -21.78 41.88
CA GLY B 54 0.11 -22.27 40.57
C GLY B 54 -0.01 -23.78 40.54
N ILE B 55 0.78 -24.49 41.35
CA ILE B 55 0.71 -25.98 41.49
C ILE B 55 -0.55 -26.33 42.29
N ASN B 56 -0.87 -25.54 43.32
CA ASN B 56 -2.01 -25.75 44.25
C ASN B 56 -3.30 -25.14 43.66
N ALA B 57 -3.19 -24.40 42.57
CA ALA B 57 -4.33 -23.74 41.88
C ALA B 57 -5.30 -24.79 41.33
N SER B 58 -4.78 -25.94 40.88
CA SER B 58 -5.53 -26.95 40.09
C SER B 58 -4.79 -28.30 40.11
N ILE B 61 -2.72 -29.64 34.97
CA ILE B 61 -1.59 -28.68 34.90
C ILE B 61 -0.98 -28.75 33.50
N ILE B 62 -1.23 -27.73 32.68
CA ILE B 62 -0.73 -27.67 31.26
C ILE B 62 0.53 -26.80 31.25
N ILE B 63 1.71 -27.41 31.31
CA ILE B 63 3.02 -26.68 31.15
C ILE B 63 3.29 -26.46 29.65
N CYS B 64 3.93 -25.35 29.29
CA CYS B 64 4.33 -25.03 27.89
C CYS B 64 5.39 -23.93 27.85
N LEU B 65 6.68 -24.31 27.81
CA LEU B 65 7.84 -23.42 28.06
C LEU B 65 8.84 -23.53 26.91
N LEU B 66 10.06 -22.99 27.07
CA LEU B 66 11.14 -22.95 26.03
C LEU B 66 11.75 -24.33 25.86
N ASP B 67 12.18 -24.95 26.96
CA ASP B 67 12.76 -26.32 26.99
C ASP B 67 12.21 -27.04 28.22
N ASN B 68 12.64 -28.29 28.41
CA ASN B 68 12.33 -29.11 29.62
C ASN B 68 13.23 -28.66 30.79
N ALA B 69 14.39 -28.07 30.50
CA ALA B 69 15.26 -27.51 31.56
C ALA B 69 14.42 -26.52 32.36
N ALA B 70 13.80 -25.55 31.68
CA ALA B 70 12.84 -24.56 32.24
C ALA B 70 11.72 -25.25 33.04
N VAL B 71 11.25 -26.41 32.57
CA VAL B 71 10.21 -27.20 33.31
C VAL B 71 10.77 -27.58 34.69
N GLU B 72 11.90 -28.30 34.72
CA GLU B 72 12.59 -28.71 35.98
C GLU B 72 12.93 -27.49 36.83
N ALA B 73 13.53 -26.47 36.22
CA ALA B 73 14.03 -25.24 36.90
C ALA B 73 12.88 -24.59 37.68
N THR B 74 11.76 -24.34 36.99
CA THR B 74 10.57 -23.59 37.48
C THR B 74 9.82 -24.39 38.56
N LEU B 75 9.64 -25.70 38.36
CA LEU B 75 8.86 -26.56 39.28
C LEU B 75 9.73 -27.08 40.44
N ALA B 76 11.04 -26.77 40.45
CA ALA B 76 11.97 -27.18 41.52
C ALA B 76 11.36 -26.82 42.88
N GLY B 77 11.37 -25.54 43.25
CA GLY B 77 10.79 -24.98 44.49
C GLY B 77 9.54 -25.72 44.97
N ALA B 78 8.69 -26.23 44.06
CA ALA B 78 7.40 -26.87 44.36
C ALA B 78 7.56 -28.40 44.34
N LEU B 79 8.63 -28.90 44.97
CA LEU B 79 8.91 -30.32 45.28
C LEU B 79 7.77 -30.89 46.14
N ASP B 80 7.41 -30.18 47.24
CA ASP B 80 6.27 -30.41 48.17
C ASP B 80 4.90 -30.79 47.56
N HIS B 81 4.13 -29.90 46.92
CA HIS B 81 2.77 -30.26 46.42
C HIS B 81 2.85 -30.67 44.93
N LEU B 82 3.21 -31.90 44.62
CA LEU B 82 2.96 -32.52 43.27
C LEU B 82 1.91 -33.62 43.40
N HIS B 83 1.82 -34.27 44.57
CA HIS B 83 0.92 -35.44 44.84
C HIS B 83 -0.51 -35.12 44.43
N GLY B 84 -1.03 -35.84 43.41
CA GLY B 84 -2.44 -35.83 42.99
C GLY B 84 -2.62 -35.24 41.60
N LYS B 85 -1.71 -34.38 41.17
CA LYS B 85 -1.84 -33.53 39.95
C LYS B 85 -1.59 -34.36 38.68
N THR B 86 -2.07 -33.89 37.52
CA THR B 86 -1.89 -34.54 36.19
C THR B 86 -1.14 -33.58 35.26
N ILE B 87 0.19 -33.72 35.17
CA ILE B 87 1.08 -32.77 34.44
C ILE B 87 1.04 -33.13 32.95
N ILE B 88 0.52 -32.23 32.10
CA ILE B 88 0.62 -32.30 30.61
C ILE B 88 1.68 -31.30 30.15
N ASN B 89 2.84 -31.80 29.73
CA ASN B 89 3.97 -30.99 29.25
C ASN B 89 3.83 -30.89 27.73
N LEU B 90 3.58 -29.70 27.22
CA LEU B 90 3.43 -29.48 25.75
C LEU B 90 4.80 -29.04 25.19
N THR B 91 5.74 -28.75 26.11
CA THR B 91 7.11 -28.29 25.79
C THR B 91 7.74 -29.26 24.79
N ASN B 92 8.08 -28.76 23.60
CA ASN B 92 8.85 -29.52 22.58
C ASN B 92 10.17 -29.96 23.23
N GLY B 93 10.66 -31.15 22.89
CA GLY B 93 11.88 -31.72 23.48
C GLY B 93 12.19 -33.10 22.92
N THR B 94 13.14 -33.81 23.52
CA THR B 94 13.59 -35.15 23.08
C THR B 94 12.68 -36.18 23.74
N PRO B 95 12.55 -37.40 23.16
CA PRO B 95 11.88 -38.51 23.83
C PRO B 95 12.48 -38.79 25.21
N ASP B 96 13.81 -38.73 25.32
CA ASP B 96 14.59 -39.08 26.54
C ASP B 96 14.39 -38.02 27.62
N GLN B 97 14.40 -36.73 27.25
CA GLN B 97 14.04 -35.64 28.20
C GLN B 97 12.69 -36.01 28.82
N ALA B 98 11.71 -36.36 27.97
CA ALA B 98 10.29 -36.60 28.33
C ALA B 98 10.16 -37.79 29.28
N ARG B 99 10.94 -38.86 29.04
CA ARG B 99 10.94 -40.09 29.87
C ARG B 99 11.60 -39.80 31.23
N LYS B 100 12.69 -39.02 31.24
CA LYS B 100 13.42 -38.64 32.47
C LYS B 100 12.48 -37.81 33.36
N LEU B 101 11.72 -36.89 32.77
CA LEU B 101 10.72 -36.02 33.45
C LEU B 101 9.56 -36.86 33.97
N SER B 102 9.05 -37.79 33.16
CA SER B 102 7.87 -38.64 33.47
C SER B 102 8.16 -39.51 34.71
N ASP B 103 9.38 -40.06 34.79
CA ASP B 103 9.85 -40.90 35.92
C ASP B 103 10.10 -40.02 37.15
N ARG B 104 10.69 -38.83 36.94
CA ARG B 104 11.04 -37.87 38.02
C ARG B 104 9.74 -37.41 38.72
N PHE B 105 8.69 -37.11 37.95
CA PHE B 105 7.42 -36.49 38.42
C PHE B 105 6.47 -37.57 38.97
N VAL B 106 6.47 -38.78 38.39
CA VAL B 106 5.66 -39.93 38.89
C VAL B 106 6.23 -40.41 40.24
N SER B 107 7.52 -40.16 40.49
CA SER B 107 8.21 -40.48 41.77
C SER B 107 7.69 -39.57 42.88
N HIS B 108 7.09 -38.42 42.52
CA HIS B 108 6.58 -37.41 43.48
C HIS B 108 5.06 -37.36 43.48
N GLY B 109 4.38 -38.40 42.98
CA GLY B 109 2.91 -38.52 43.01
C GLY B 109 2.20 -37.92 41.79
N VAL B 113 2.69 -36.73 31.30
CA VAL B 113 2.37 -37.11 29.89
C VAL B 113 3.26 -36.27 28.95
N HIS B 114 2.93 -36.24 27.66
CA HIS B 114 3.56 -35.30 26.72
C HIS B 114 2.66 -35.05 25.52
N GLY B 115 2.68 -33.82 24.99
CA GLY B 115 2.02 -33.47 23.73
C GLY B 115 2.90 -32.60 22.84
N GLY B 116 3.05 -33.02 21.58
CA GLY B 116 3.62 -32.18 20.52
C GLY B 116 2.49 -31.40 19.86
N ILE B 117 2.42 -30.09 20.10
CA ILE B 117 1.42 -29.19 19.48
C ILE B 117 1.81 -29.03 18.03
N MET B 118 1.23 -29.82 17.13
CA MET B 118 1.40 -29.64 15.67
C MET B 118 0.44 -28.53 15.22
N ALA B 119 0.74 -27.30 15.64
CA ALA B 119 -0.05 -26.07 15.37
C ALA B 119 0.73 -24.83 15.79
N THR B 120 0.77 -23.81 14.92
CA THR B 120 1.19 -22.42 15.28
C THR B 120 0.13 -21.83 16.22
N PRO B 121 0.41 -20.72 16.92
CA PRO B 121 -0.55 -20.19 17.90
C PRO B 121 -1.91 -19.83 17.28
N SER B 122 -1.91 -19.14 16.14
CA SER B 122 -3.15 -18.65 15.47
C SER B 122 -4.07 -19.82 15.10
N MET B 123 -3.49 -21.00 14.81
CA MET B 123 -4.23 -22.25 14.45
C MET B 123 -4.83 -22.89 15.69
N ILE B 124 -4.39 -22.58 16.90
CA ILE B 124 -4.99 -23.22 18.10
C ILE B 124 -6.49 -22.89 18.04
N GLY B 125 -7.35 -23.83 18.46
CA GLY B 125 -8.81 -23.71 18.35
C GLY B 125 -9.35 -23.91 16.93
N SER B 126 -8.50 -23.86 15.89
CA SER B 126 -8.92 -24.00 14.48
C SER B 126 -9.14 -25.48 14.16
N PRO B 127 -9.76 -25.81 13.00
CA PRO B 127 -9.93 -27.20 12.55
C PRO B 127 -8.60 -27.96 12.33
N TYR B 128 -7.61 -27.30 11.73
CA TYR B 128 -6.32 -27.89 11.28
C TYR B 128 -5.31 -27.99 12.44
N ALA B 129 -5.63 -27.44 13.61
CA ALA B 129 -4.84 -27.67 14.85
C ALA B 129 -4.83 -29.17 15.12
N LEU B 130 -3.69 -29.68 15.58
CA LEU B 130 -3.44 -31.12 15.90
C LEU B 130 -2.40 -31.19 17.04
N VAL B 131 -2.59 -32.13 17.97
CA VAL B 131 -1.65 -32.35 19.11
C VAL B 131 -1.51 -33.86 19.33
N LEU B 132 -0.28 -34.38 19.22
CA LEU B 132 0.07 -35.79 19.50
C LEU B 132 0.27 -35.94 21.01
N SER B 134 1.30 -38.80 24.26
CA SER B 134 1.77 -40.09 24.81
C SER B 134 1.98 -39.92 26.32
N GLY B 135 2.04 -41.02 27.07
CA GLY B 135 2.18 -40.99 28.55
C GLY B 135 1.06 -41.75 29.19
N SER B 136 0.97 -41.69 30.53
CA SER B 136 -0.04 -42.38 31.37
C SER B 136 -1.43 -42.23 30.76
N PRO B 137 -2.01 -43.30 30.17
CA PRO B 137 -3.28 -43.21 29.46
C PRO B 137 -4.49 -43.04 30.40
N ASP B 138 -4.33 -43.39 31.68
CA ASP B 138 -5.34 -43.13 32.75
C ASP B 138 -5.59 -41.63 32.84
N ALA B 139 -4.52 -40.84 33.02
CA ALA B 139 -4.51 -39.36 33.10
C ALA B 139 -5.05 -38.75 31.81
N PHE B 140 -4.59 -39.23 30.65
CA PHE B 140 -4.97 -38.68 29.32
C PHE B 140 -6.47 -38.83 29.09
N LYS B 141 -7.06 -39.95 29.51
CA LYS B 141 -8.47 -40.31 29.21
C LYS B 141 -9.41 -39.31 29.90
N LEU B 147 -8.69 -31.26 26.69
CA LEU B 147 -7.69 -30.80 25.69
C LEU B 147 -8.37 -30.48 24.35
N SER B 148 -9.44 -31.20 24.02
CA SER B 148 -10.06 -31.28 22.68
C SER B 148 -10.47 -29.90 22.14
N VAL B 149 -10.69 -28.92 23.03
CA VAL B 149 -11.06 -27.52 22.65
C VAL B 149 -9.93 -26.92 21.78
N LEU B 150 -8.69 -27.28 22.07
CA LEU B 150 -7.46 -26.64 21.52
C LEU B 150 -7.21 -27.13 20.09
N ALA B 151 -7.31 -28.44 19.85
CA ALA B 151 -6.98 -29.08 18.55
C ALA B 151 -7.50 -30.52 18.52
N LYS B 152 -7.30 -31.19 17.39
CA LYS B 152 -7.67 -32.62 17.17
C LYS B 152 -6.68 -33.50 17.93
N CYS B 153 -7.07 -34.04 19.10
CA CYS B 153 -6.26 -35.00 19.89
C CYS B 153 -5.89 -36.22 19.03
N VAL B 154 -4.74 -36.86 19.32
CA VAL B 154 -4.24 -38.08 18.60
C VAL B 154 -3.29 -38.83 19.55
N PHE B 155 -3.81 -39.64 20.47
CA PHE B 155 -3.02 -40.46 21.43
C PHE B 155 -2.25 -41.53 20.66
N LEU B 156 -1.06 -41.94 21.15
CA LEU B 156 -0.26 -43.02 20.50
C LEU B 156 0.81 -43.58 21.43
N GLY B 157 0.41 -44.07 22.61
CA GLY B 157 1.21 -45.02 23.43
C GLY B 157 1.34 -44.59 24.88
N GLU B 158 1.73 -45.54 25.74
CA GLU B 158 2.04 -45.34 27.19
C GLU B 158 3.50 -44.91 27.34
N ASP B 159 4.21 -44.76 26.23
CA ASP B 159 5.65 -44.38 26.15
C ASP B 159 5.75 -42.85 26.23
N ALA B 160 6.15 -42.32 27.38
CA ALA B 160 6.10 -40.87 27.75
C ALA B 160 6.75 -39.96 26.70
N GLY B 161 7.55 -40.49 25.77
CA GLY B 161 8.36 -39.70 24.82
C GLY B 161 8.06 -40.00 23.36
N THR B 162 6.92 -40.65 23.06
CA THR B 162 6.53 -41.04 21.67
C THR B 162 6.01 -39.81 20.91
N ALA B 163 5.23 -38.95 21.59
CA ALA B 163 4.68 -37.68 21.04
C ALA B 163 5.82 -36.77 20.60
N SER B 164 6.88 -36.69 21.41
CA SER B 164 8.11 -35.88 21.19
C SER B 164 8.87 -36.38 19.95
N LEU B 165 9.00 -37.70 19.79
CA LEU B 165 9.67 -38.31 18.61
C LEU B 165 8.89 -37.90 17.36
N HIS B 166 7.57 -37.98 17.40
CA HIS B 166 6.67 -37.66 16.26
C HIS B 166 6.68 -36.13 16.02
N ASP B 167 6.71 -35.35 17.11
CA ASP B 167 6.84 -33.87 17.01
C ASP B 167 8.08 -33.57 16.14
N LEU B 168 9.25 -34.00 16.62
CA LEU B 168 10.57 -33.64 16.04
C LEU B 168 10.66 -34.16 14.60
N ALA B 169 10.20 -35.38 14.34
CA ALA B 169 10.11 -35.94 12.97
C ALA B 169 9.35 -34.97 12.07
N LEU B 170 8.12 -34.59 12.45
CA LEU B 170 7.25 -33.74 11.58
C LEU B 170 7.96 -32.40 11.32
N LEU B 171 8.45 -31.76 12.39
CA LEU B 171 9.31 -30.54 12.37
C LEU B 171 10.52 -30.72 11.43
N SER B 172 11.20 -31.86 11.47
CA SER B 172 12.33 -32.20 10.55
C SER B 172 11.90 -32.01 9.08
N GLY B 173 10.65 -32.39 8.73
CA GLY B 173 10.09 -32.28 7.36
C GLY B 173 9.65 -30.84 7.04
N MET B 174 9.08 -30.18 8.05
CA MET B 174 8.83 -28.72 7.98
C MET B 174 10.13 -28.01 7.60
N TYR B 175 11.15 -28.19 8.41
CA TYR B 175 12.46 -27.47 8.31
C TYR B 175 13.14 -27.79 6.97
N GLY B 176 12.95 -29.01 6.45
CA GLY B 176 13.31 -29.32 5.05
C GLY B 176 12.64 -28.34 4.10
N LEU B 177 11.33 -28.13 4.28
CA LEU B 177 10.46 -27.37 3.37
C LEU B 177 10.90 -25.88 3.39
N PHE B 178 11.06 -25.31 4.58
CA PHE B 178 11.50 -23.90 4.77
C PHE B 178 12.90 -23.69 4.18
N SER B 179 13.79 -24.68 4.35
CA SER B 179 15.16 -24.66 3.79
C SER B 179 15.09 -24.58 2.27
N GLY B 180 14.12 -25.24 1.67
CA GLY B 180 13.92 -25.20 0.21
C GLY B 180 13.33 -23.86 -0.23
N PHE B 181 12.29 -23.41 0.48
CA PHE B 181 11.59 -22.12 0.27
C PHE B 181 12.62 -20.97 0.27
N LEU B 182 13.32 -20.79 1.39
CA LEU B 182 14.41 -19.80 1.59
C LEU B 182 15.44 -19.88 0.47
N HIS B 183 15.99 -21.06 0.18
CA HIS B 183 16.97 -21.23 -0.92
C HIS B 183 16.34 -20.79 -2.25
N ALA B 184 15.14 -21.31 -2.55
CA ALA B 184 14.39 -21.08 -3.81
C ALA B 184 14.08 -19.58 -3.97
N THR B 185 13.50 -18.94 -2.94
CA THR B 185 13.21 -17.48 -2.94
C THR B 185 14.52 -16.70 -3.19
N ALA B 186 15.44 -16.76 -2.23
CA ALA B 186 16.83 -16.23 -2.33
C ALA B 186 17.34 -16.31 -3.78
N LEU B 187 17.29 -17.49 -4.40
CA LEU B 187 17.96 -17.75 -5.70
C LEU B 187 17.31 -16.90 -6.80
N VAL B 188 16.06 -16.48 -6.59
CA VAL B 188 15.22 -15.84 -7.64
C VAL B 188 15.00 -14.34 -7.33
N ARG B 189 15.16 -13.92 -6.07
CA ARG B 189 15.02 -12.50 -5.61
C ARG B 189 15.44 -11.52 -6.71
N SER B 190 16.64 -11.67 -7.27
CA SER B 190 17.23 -10.71 -8.25
C SER B 190 16.24 -10.48 -9.41
N SER B 191 15.59 -11.54 -9.87
CA SER B 191 14.85 -11.58 -11.17
C SER B 191 13.35 -11.31 -10.96
N THR B 192 12.81 -11.65 -9.78
CA THR B 192 11.36 -11.53 -9.48
C THR B 192 11.14 -11.49 -7.96
N PRO B 193 9.99 -10.88 -7.52
CA PRO B 193 9.61 -10.89 -6.11
C PRO B 193 9.04 -12.23 -5.64
N ALA B 194 9.11 -12.49 -4.34
CA ALA B 194 8.82 -13.79 -3.70
C ALA B 194 7.36 -14.17 -3.92
N VAL B 195 6.42 -13.23 -3.74
CA VAL B 195 4.95 -13.49 -3.84
C VAL B 195 4.62 -13.95 -5.28
N LYS B 196 4.91 -13.14 -6.30
CA LYS B 196 4.71 -13.52 -7.74
C LYS B 196 5.36 -14.88 -8.04
N PHE B 197 6.37 -15.28 -7.27
CA PHE B 197 7.13 -16.56 -7.44
C PHE B 197 6.35 -17.73 -6.78
N MET B 198 5.58 -17.47 -5.72
CA MET B 198 4.69 -18.48 -5.06
C MET B 198 3.67 -19.02 -6.08
N ASP B 199 3.40 -18.26 -7.16
CA ASP B 199 2.54 -18.70 -8.29
C ASP B 199 3.12 -19.96 -8.94
N LEU B 200 4.45 -20.13 -8.86
CA LEU B 200 5.20 -21.30 -9.41
C LEU B 200 5.61 -22.25 -8.29
N LEU B 201 6.11 -21.75 -7.16
CA LEU B 201 6.54 -22.63 -6.03
C LEU B 201 5.34 -23.46 -5.54
N VAL B 202 4.28 -22.81 -5.05
CA VAL B 202 3.18 -23.46 -4.26
C VAL B 202 2.58 -24.66 -5.01
N PRO B 203 2.23 -24.54 -6.32
CA PRO B 203 1.80 -25.71 -7.08
C PRO B 203 2.90 -26.78 -7.08
N TRP B 204 4.09 -26.41 -7.55
CA TRP B 204 5.28 -27.30 -7.71
C TRP B 204 5.55 -28.06 -6.42
N LEU B 205 5.54 -27.40 -5.26
CA LEU B 205 5.73 -28.08 -3.95
C LEU B 205 4.59 -29.09 -3.74
N GLY B 206 3.36 -28.71 -4.09
CA GLY B 206 2.18 -29.60 -4.14
C GLY B 206 2.47 -30.87 -4.91
N ALA B 207 2.89 -30.76 -6.19
CA ALA B 207 3.34 -31.90 -7.02
C ALA B 207 4.31 -32.73 -6.20
N MET B 208 5.46 -32.14 -5.86
CA MET B 208 6.62 -32.80 -5.19
C MET B 208 6.22 -33.39 -3.84
N THR B 209 5.25 -32.79 -3.12
CA THR B 209 4.70 -33.38 -1.87
C THR B 209 3.93 -34.67 -2.20
N GLU B 210 3.31 -34.77 -3.37
CA GLU B 210 2.60 -36.00 -3.82
C GLU B 210 3.64 -37.10 -4.03
N TYR B 211 4.70 -36.79 -4.79
CA TYR B 211 5.83 -37.68 -5.18
C TYR B 211 6.46 -38.30 -3.92
N THR B 212 6.39 -37.66 -2.76
CA THR B 212 6.93 -38.20 -1.48
C THR B 212 6.02 -39.29 -0.91
N LYS B 213 4.74 -39.32 -1.30
CA LYS B 213 3.76 -40.39 -0.94
C LYS B 213 4.17 -41.68 -1.63
N GLY B 214 4.44 -41.58 -2.93
CA GLY B 214 4.92 -42.67 -3.79
C GLY B 214 6.38 -42.96 -3.59
N MET B 215 6.96 -42.48 -2.48
CA MET B 215 8.38 -42.68 -2.11
C MET B 215 8.42 -43.40 -0.74
N ALA B 216 7.56 -42.98 0.20
CA ALA B 216 7.34 -43.68 1.49
C ALA B 216 6.96 -45.14 1.23
N LYS B 217 6.20 -45.41 0.16
CA LYS B 217 5.80 -46.77 -0.29
C LYS B 217 7.08 -47.57 -0.60
N GLN B 218 7.88 -47.07 -1.54
CA GLN B 218 9.23 -47.62 -1.88
C GLN B 218 9.98 -47.90 -0.57
N ILE B 219 10.20 -46.87 0.25
CA ILE B 219 10.96 -46.92 1.54
C ILE B 219 10.40 -48.04 2.43
N ASP B 220 9.09 -48.28 2.38
CA ASP B 220 8.39 -49.26 3.27
C ASP B 220 8.60 -50.69 2.76
N GLU B 221 8.64 -50.89 1.44
CA GLU B 221 8.82 -52.23 0.79
C GLU B 221 10.32 -52.46 0.54
N GLY B 222 10.92 -51.73 -0.41
CA GLY B 222 12.37 -51.74 -0.70
C GLY B 222 12.67 -51.73 -2.20
N LYS B 223 11.84 -51.03 -2.99
CA LYS B 223 11.94 -50.95 -4.48
C LYS B 223 13.18 -50.15 -4.87
N TYR B 224 13.09 -48.81 -4.88
CA TYR B 224 14.17 -47.85 -5.28
C TYR B 224 14.40 -47.94 -6.80
N THR B 225 13.38 -48.32 -7.57
CA THR B 225 13.48 -48.59 -9.03
C THR B 225 13.17 -47.30 -9.81
N SER B 226 14.03 -46.93 -10.76
CA SER B 226 13.85 -45.76 -11.65
C SER B 226 12.58 -45.95 -12.49
N SER B 229 15.02 -40.02 -14.39
CA SER B 229 14.97 -39.28 -13.10
C SER B 229 15.93 -39.96 -12.11
N ASN B 230 17.18 -40.14 -12.53
CA ASN B 230 18.21 -41.02 -11.93
C ASN B 230 19.26 -40.21 -11.13
N LEU B 231 19.72 -40.74 -9.99
CA LEU B 231 20.71 -40.14 -9.04
C LEU B 231 21.96 -39.60 -9.75
N ALA B 232 22.40 -40.16 -10.87
CA ALA B 232 23.59 -39.67 -11.61
C ALA B 232 23.29 -38.28 -12.19
N MET B 233 22.12 -38.10 -12.81
CA MET B 233 21.72 -36.85 -13.50
C MET B 233 21.34 -35.80 -12.46
N GLN B 234 20.64 -36.21 -11.38
CA GLN B 234 20.24 -35.27 -10.28
C GLN B 234 21.53 -34.66 -9.73
N LEU B 235 22.55 -35.47 -9.45
CA LEU B 235 23.89 -35.02 -8.99
C LEU B 235 24.44 -33.88 -9.85
N VAL B 236 24.38 -33.99 -11.18
CA VAL B 236 24.97 -32.94 -12.08
C VAL B 236 23.99 -31.77 -12.07
N GLY B 237 22.70 -32.05 -11.78
CA GLY B 237 21.67 -31.02 -11.56
C GLY B 237 21.97 -30.21 -10.33
N ILE B 238 22.04 -30.86 -9.15
CA ILE B 238 22.35 -30.22 -7.84
C ILE B 238 23.64 -29.39 -7.97
N GLN B 239 24.61 -29.83 -8.75
CA GLN B 239 25.86 -29.05 -9.01
C GLN B 239 25.53 -27.77 -9.81
N ASN B 240 24.55 -27.80 -10.70
CA ASN B 240 24.10 -26.58 -11.45
C ASN B 240 23.42 -25.57 -10.50
N ILE B 241 22.74 -26.03 -9.45
CA ILE B 241 22.09 -25.13 -8.43
C ILE B 241 23.21 -24.44 -7.61
N ILE B 242 24.20 -25.20 -7.14
CA ILE B 242 25.37 -24.69 -6.37
C ILE B 242 26.15 -23.62 -7.18
N ASP B 243 26.50 -23.93 -8.43
CA ASP B 243 27.16 -23.00 -9.38
C ASP B 243 26.28 -21.76 -9.57
N ALA B 244 24.96 -21.92 -9.72
CA ALA B 244 23.98 -20.83 -9.98
C ALA B 244 23.79 -19.94 -8.73
N SER B 245 23.75 -20.55 -7.55
CA SER B 245 23.66 -19.89 -6.23
C SER B 245 24.86 -18.97 -5.99
N GLU B 246 26.09 -19.46 -6.22
CA GLU B 246 27.34 -18.66 -6.07
CA GLU B 246 27.34 -18.66 -6.07
C GLU B 246 27.26 -17.44 -7.01
N ALA B 247 26.80 -17.65 -8.25
CA ALA B 247 26.71 -16.60 -9.30
C ALA B 247 25.68 -15.54 -8.90
N GLN B 248 24.63 -15.91 -8.16
CA GLN B 248 23.59 -14.96 -7.65
C GLN B 248 23.96 -14.48 -6.25
N GLN B 249 25.17 -14.73 -5.78
CA GLN B 249 25.64 -14.32 -4.42
C GLN B 249 24.75 -14.94 -3.33
N VAL B 250 24.16 -16.13 -3.58
CA VAL B 250 23.35 -16.91 -2.59
C VAL B 250 24.17 -18.11 -2.09
N SER B 251 24.05 -18.46 -0.82
CA SER B 251 24.57 -19.71 -0.20
C SER B 251 23.79 -20.94 -0.64
N ALA B 252 24.48 -21.96 -1.16
CA ALA B 252 23.94 -23.30 -1.50
C ALA B 252 24.13 -24.27 -0.35
N GLU B 253 24.25 -23.81 0.90
CA GLU B 253 24.56 -24.69 2.05
C GLU B 253 23.34 -25.51 2.43
N PHE B 254 22.14 -25.14 1.95
CA PHE B 254 20.87 -25.87 2.23
C PHE B 254 20.88 -27.22 1.50
N ILE B 255 21.50 -27.25 0.31
CA ILE B 255 21.50 -28.41 -0.63
C ILE B 255 22.71 -29.34 -0.41
N ARG B 256 23.77 -28.91 0.28
CA ARG B 256 25.02 -29.70 0.39
C ARG B 256 24.72 -31.09 0.97
N PRO B 257 23.98 -31.25 2.09
CA PRO B 257 23.76 -32.57 2.64
C PRO B 257 23.07 -33.46 1.60
N MET B 258 22.09 -32.92 0.86
CA MET B 258 21.46 -33.71 -0.22
C MET B 258 22.56 -34.26 -1.13
N LYS B 259 23.46 -33.38 -1.59
CA LYS B 259 24.59 -33.74 -2.51
C LYS B 259 25.46 -34.83 -1.85
N GLU B 260 25.89 -34.61 -0.62
CA GLU B 260 26.74 -35.57 0.13
C GLU B 260 26.04 -36.94 0.11
N PHE B 261 24.74 -36.97 0.33
CA PHE B 261 23.94 -38.24 0.40
C PHE B 261 23.81 -38.90 -0.97
N MET B 262 23.52 -38.15 -2.05
CA MET B 262 23.46 -38.70 -3.42
C MET B 262 24.82 -39.26 -3.84
N GLN B 263 25.93 -38.60 -3.43
CA GLN B 263 27.31 -39.05 -3.71
C GLN B 263 27.58 -40.38 -3.01
N LYS B 264 27.18 -40.53 -1.75
CA LYS B 264 27.26 -41.84 -1.02
C LYS B 264 26.52 -42.90 -1.83
N ALA B 265 25.41 -42.53 -2.49
CA ALA B 265 24.47 -43.44 -3.16
C ALA B 265 25.04 -43.92 -4.50
N VAL B 266 25.47 -43.02 -5.38
CA VAL B 266 25.94 -43.44 -6.75
C VAL B 266 27.23 -44.27 -6.56
N ALA B 267 28.11 -43.83 -5.66
CA ALA B 267 29.37 -44.51 -5.25
C ALA B 267 29.08 -45.93 -4.76
N ALA B 268 27.99 -46.10 -3.98
CA ALA B 268 27.53 -47.38 -3.40
C ALA B 268 26.63 -48.12 -4.39
N GLY B 269 26.56 -47.65 -5.64
CA GLY B 269 26.00 -48.40 -6.78
C GLY B 269 24.63 -47.92 -7.25
N HIS B 270 24.02 -46.91 -6.63
CA HIS B 270 22.61 -46.51 -6.92
C HIS B 270 22.53 -45.47 -8.04
N GLY B 271 23.51 -45.45 -8.95
CA GLY B 271 23.63 -44.46 -10.04
C GLY B 271 22.33 -44.29 -10.81
N GLY B 272 21.64 -45.40 -11.07
CA GLY B 272 20.40 -45.44 -11.88
C GLY B 272 19.15 -45.62 -11.04
N ASP B 273 19.23 -45.51 -9.71
CA ASP B 273 18.09 -45.72 -8.80
C ASP B 273 17.43 -44.36 -8.50
N ASP B 274 16.26 -44.40 -7.85
CA ASP B 274 15.41 -43.23 -7.51
C ASP B 274 15.95 -42.58 -6.23
N ILE B 275 15.54 -41.34 -5.99
CA ILE B 275 15.97 -40.54 -4.79
C ILE B 275 15.50 -41.22 -3.49
N SER B 276 14.60 -42.21 -3.59
CA SER B 276 14.14 -43.04 -2.43
C SER B 276 15.32 -43.79 -1.82
N SER B 277 16.22 -44.27 -2.69
CA SER B 277 17.38 -45.13 -2.38
C SER B 277 18.23 -44.54 -1.25
N LEU B 278 18.23 -43.20 -1.11
CA LEU B 278 19.11 -42.48 -0.14
C LEU B 278 18.71 -42.86 1.30
N ILE B 279 17.50 -43.41 1.50
CA ILE B 279 16.92 -43.66 2.84
C ILE B 279 17.94 -44.42 3.68
N ASP B 280 18.63 -45.41 3.08
CA ASP B 280 19.54 -46.33 3.82
C ASP B 280 20.90 -45.66 4.10
N PHE B 281 21.15 -44.46 3.54
CA PHE B 281 22.44 -43.74 3.67
C PHE B 281 22.29 -42.53 4.58
N VAL B 282 21.19 -42.42 5.34
CA VAL B 282 20.93 -41.29 6.27
C VAL B 282 21.11 -41.76 7.71
N LYS B 283 21.47 -43.03 7.92
CA LYS B 283 21.97 -43.59 9.20
C LYS B 283 23.50 -43.44 9.29
N MET C 1 14.02 16.58 -37.84
CA MET C 1 14.22 16.01 -39.21
C MET C 1 12.91 16.05 -40.01
N SER C 2 11.78 15.74 -39.38
CA SER C 2 10.44 15.57 -40.02
C SER C 2 9.40 16.44 -39.30
N SER C 3 8.57 17.15 -40.09
CA SER C 3 7.40 17.95 -39.64
C SER C 3 6.11 17.16 -39.86
N VAL C 4 5.22 17.15 -38.87
CA VAL C 4 3.84 16.58 -38.93
C VAL C 4 2.88 17.63 -38.39
N SER C 5 1.59 17.56 -38.77
CA SER C 5 0.51 18.44 -38.25
C SER C 5 -0.72 17.59 -37.92
N ILE C 6 -1.05 17.52 -36.62
CA ILE C 6 -2.16 16.65 -36.11
C ILE C 6 -3.44 17.48 -36.03
N PHE C 7 -4.58 16.81 -36.18
CA PHE C 7 -5.96 17.31 -35.93
C PHE C 7 -6.66 16.36 -34.96
N GLY C 8 -7.23 16.91 -33.88
CA GLY C 8 -7.98 16.13 -32.86
C GLY C 8 -7.10 15.74 -31.69
N LEU C 9 -7.39 16.26 -30.50
CA LEU C 9 -6.52 16.10 -29.31
C LEU C 9 -7.32 15.41 -28.20
N GLY C 10 -8.01 14.33 -28.54
CA GLY C 10 -8.64 13.44 -27.55
C GLY C 10 -7.60 12.55 -26.88
N ALA C 11 -8.04 11.46 -26.26
CA ALA C 11 -7.16 10.48 -25.59
C ALA C 11 -6.15 9.91 -26.58
N MET C 12 -6.51 9.77 -27.87
CA MET C 12 -5.68 9.06 -28.87
C MET C 12 -4.79 10.05 -29.64
N GLY C 13 -5.33 11.20 -30.05
CA GLY C 13 -4.60 12.22 -30.83
C GLY C 13 -3.50 12.90 -30.02
N THR C 14 -3.58 12.83 -28.69
CA THR C 14 -2.61 13.40 -27.72
C THR C 14 -1.47 12.39 -27.55
N ALA C 15 -1.81 11.15 -27.18
CA ALA C 15 -0.90 9.99 -27.15
C ALA C 15 -0.04 10.00 -28.43
N LEU C 16 -0.67 10.09 -29.59
CA LEU C 16 0.03 10.21 -30.90
C LEU C 16 0.94 11.44 -30.87
N ALA C 17 0.39 12.62 -30.55
CA ALA C 17 1.12 13.91 -30.60
C ALA C 17 2.33 13.85 -29.65
N SER C 18 2.09 13.42 -28.39
CA SER C 18 3.15 13.18 -27.37
C SER C 18 4.30 12.31 -27.94
N ARG C 19 3.97 11.24 -28.67
CA ARG C 19 4.97 10.27 -29.17
C ARG C 19 5.83 10.94 -30.24
N PHE C 20 5.22 11.66 -31.19
CA PHE C 20 5.95 12.41 -32.25
C PHE C 20 6.98 13.35 -31.62
N LEU C 21 6.73 13.83 -30.40
CA LEU C 21 7.67 14.71 -29.64
C LEU C 21 8.85 13.86 -29.14
N GLU C 22 8.57 12.68 -28.57
CA GLU C 22 9.58 11.74 -28.00
C GLU C 22 10.55 11.25 -29.09
N GLU C 23 10.17 11.30 -30.37
CA GLU C 23 11.05 11.02 -31.54
C GLU C 23 11.47 12.36 -32.18
N LYS C 24 11.45 13.45 -31.41
CA LYS C 24 11.99 14.77 -31.81
C LYS C 24 11.52 15.13 -33.23
N TYR C 25 10.22 15.37 -33.41
CA TYR C 25 9.59 15.88 -34.66
C TYR C 25 9.23 17.36 -34.50
N LYS C 26 8.95 18.04 -35.61
CA LYS C 26 8.29 19.37 -35.63
C LYS C 26 6.77 19.17 -35.65
N VAL C 27 6.18 18.84 -34.48
CA VAL C 27 4.74 18.49 -34.33
C VAL C 27 3.88 19.76 -34.30
N ALA C 28 3.01 19.97 -35.31
CA ALA C 28 1.94 21.01 -35.27
C ALA C 28 0.66 20.35 -34.77
N VAL C 29 -0.17 21.05 -33.99
CA VAL C 29 -1.42 20.45 -33.41
C VAL C 29 -2.59 21.42 -33.47
N TRP C 30 -3.80 20.87 -33.51
CA TRP C 30 -5.10 21.57 -33.68
C TRP C 30 -6.17 20.83 -32.89
N ASN C 31 -7.23 21.55 -32.47
CA ASN C 31 -8.43 20.94 -31.84
C ASN C 31 -9.61 21.92 -32.03
N ARG C 32 -10.83 21.45 -31.82
CA ARG C 32 -12.02 22.34 -31.71
C ARG C 32 -11.75 23.26 -30.51
N SER C 33 -11.47 22.64 -29.36
CA SER C 33 -11.24 23.28 -28.04
C SER C 33 -9.79 23.09 -27.61
N PRO C 34 -8.88 24.08 -27.79
CA PRO C 34 -7.46 23.87 -27.53
C PRO C 34 -7.11 23.96 -26.03
N SER C 39 -3.16 21.51 -24.77
CA SER C 39 -2.52 21.85 -26.06
C SER C 39 -1.00 22.04 -25.84
N LEU C 40 -0.34 20.98 -25.37
CA LEU C 40 1.03 20.99 -24.80
C LEU C 40 2.03 21.52 -25.84
N LEU C 41 2.03 22.84 -26.06
CA LEU C 41 3.21 23.58 -26.58
C LEU C 41 4.37 23.43 -25.57
N GLY C 42 4.05 22.99 -24.35
CA GLY C 42 5.02 22.73 -23.27
C GLY C 42 6.10 21.74 -23.70
N LYS C 43 5.72 20.70 -24.43
CA LYS C 43 6.61 19.63 -24.93
C LYS C 43 7.22 20.06 -26.28
N GLY C 44 6.80 21.22 -26.82
CA GLY C 44 7.39 21.83 -28.02
C GLY C 44 6.44 21.92 -29.21
N ALA C 45 5.22 21.40 -29.09
CA ALA C 45 4.18 21.42 -30.14
C ALA C 45 3.85 22.86 -30.56
N THR C 46 3.46 23.04 -31.81
CA THR C 46 3.02 24.34 -32.40
C THR C 46 1.49 24.29 -32.55
N LEU C 47 0.77 25.25 -31.96
CA LEU C 47 -0.73 25.31 -31.99
C LEU C 47 -1.20 25.97 -33.28
N SER C 48 -1.92 25.23 -34.13
CA SER C 48 -2.60 25.74 -35.35
C SER C 48 -3.88 26.48 -34.91
N HIS C 49 -3.93 27.80 -35.14
CA HIS C 49 -5.04 28.68 -34.68
C HIS C 49 -6.34 28.25 -35.37
N THR C 50 -6.24 27.94 -36.67
CA THR C 50 -7.35 27.46 -37.52
C THR C 50 -6.94 26.13 -38.17
N ALA C 51 -7.87 25.47 -38.87
CA ALA C 51 -7.61 24.26 -39.65
C ALA C 51 -6.68 24.59 -40.84
N VAL C 52 -6.79 25.79 -41.40
CA VAL C 52 -5.95 26.26 -42.56
C VAL C 52 -4.48 26.34 -42.11
N ASP C 53 -4.23 26.95 -40.95
CA ASP C 53 -2.87 27.16 -40.37
C ASP C 53 -2.25 25.82 -40.01
N GLY C 54 -3.09 24.82 -39.66
CA GLY C 54 -2.65 23.45 -39.36
C GLY C 54 -2.46 22.61 -40.62
N ILE C 55 -3.19 22.95 -41.69
CA ILE C 55 -3.04 22.29 -43.02
C ILE C 55 -1.72 22.73 -43.64
N ASN C 56 -1.36 24.02 -43.49
CA ASN C 56 -0.15 24.65 -44.09
C ASN C 56 1.08 24.43 -43.18
N ALA C 57 0.87 23.90 -41.98
CA ALA C 57 1.92 23.61 -40.99
C ALA C 57 2.88 22.54 -41.53
N SER C 58 2.37 21.57 -42.30
CA SER C 58 3.10 20.35 -42.71
C SER C 58 2.46 19.73 -43.95
N ASP C 59 3.17 18.79 -44.59
CA ASP C 59 2.73 18.02 -45.77
C ASP C 59 2.38 16.58 -45.36
N LEU C 60 2.71 16.17 -44.12
CA LEU C 60 2.11 14.96 -43.50
C LEU C 60 1.04 15.47 -42.54
N ILE C 61 -0.19 14.97 -42.66
CA ILE C 61 -1.34 15.41 -41.82
C ILE C 61 -2.01 14.17 -41.23
N ILE C 62 -1.83 13.94 -39.92
CA ILE C 62 -2.44 12.79 -39.20
C ILE C 62 -3.71 13.29 -38.50
N ILE C 63 -4.88 13.08 -39.10
CA ILE C 63 -6.20 13.37 -38.45
C ILE C 63 -6.57 12.20 -37.52
N CYS C 64 -7.25 12.48 -36.41
CA CYS C 64 -7.74 11.46 -35.46
C CYS C 64 -8.83 12.04 -34.55
N LEU C 65 -10.11 11.84 -34.92
CA LEU C 65 -11.28 12.53 -34.32
C LEU C 65 -12.32 11.48 -33.86
N LEU C 66 -13.55 11.91 -33.54
CA LEU C 66 -14.65 11.02 -33.05
C LEU C 66 -15.22 10.20 -34.19
N ASP C 67 -15.59 10.86 -35.28
CA ASP C 67 -16.17 10.24 -36.50
C ASP C 67 -15.56 10.91 -37.72
N ASN C 68 -15.95 10.45 -38.91
CA ASN C 68 -15.57 11.03 -40.22
C ASN C 68 -16.39 12.31 -40.46
N ALA C 69 -17.59 12.42 -39.85
CA ALA C 69 -18.39 13.66 -39.96
C ALA C 69 -17.53 14.83 -39.50
N ALA C 70 -16.96 14.72 -38.29
CA ALA C 70 -15.99 15.67 -37.68
C ALA C 70 -14.80 15.92 -38.61
N VAL C 71 -14.34 14.90 -39.36
CA VAL C 71 -13.24 15.07 -40.35
C VAL C 71 -13.69 16.07 -41.41
N GLU C 72 -14.81 15.81 -42.10
CA GLU C 72 -15.40 16.70 -43.14
C GLU C 72 -15.69 18.07 -42.54
N ALA C 73 -16.35 18.11 -41.38
CA ALA C 73 -16.81 19.35 -40.70
C ALA C 73 -15.62 20.30 -40.48
N THR C 74 -14.56 19.77 -39.86
CA THR C 74 -13.34 20.49 -39.40
C THR C 74 -12.50 20.96 -40.59
N LEU C 75 -12.33 20.11 -41.60
CA LEU C 75 -11.48 20.40 -42.79
C LEU C 75 -12.25 21.20 -43.85
N ALA C 76 -13.55 21.45 -43.67
CA ALA C 76 -14.40 22.17 -44.63
C ALA C 76 -13.70 23.47 -45.06
N GLY C 77 -13.69 24.49 -44.20
CA GLY C 77 -13.06 25.80 -44.44
C GLY C 77 -11.75 25.71 -45.24
N ALA C 78 -10.97 24.64 -45.06
CA ALA C 78 -9.63 24.45 -45.62
C ALA C 78 -9.70 23.55 -46.86
N LEU C 79 -10.68 23.76 -47.74
CA LEU C 79 -10.85 22.97 -48.99
C LEU C 79 -9.64 23.21 -49.92
N ASP C 80 -9.30 24.47 -50.16
CA ASP C 80 -8.44 24.95 -51.28
C ASP C 80 -6.95 24.72 -50.95
N HIS C 81 -6.57 24.74 -49.68
CA HIS C 81 -5.16 24.64 -49.20
C HIS C 81 -4.74 23.17 -49.00
N LEU C 82 -5.45 22.22 -49.65
CA LEU C 82 -5.23 20.76 -49.46
C LEU C 82 -4.22 20.23 -50.49
N HIS C 83 -4.10 20.89 -51.66
CA HIS C 83 -3.20 20.50 -52.78
C HIS C 83 -1.78 20.26 -52.27
N GLY C 84 -1.31 19.00 -52.35
CA GLY C 84 0.09 18.61 -52.07
C GLY C 84 0.20 17.69 -50.86
N LYS C 85 -0.79 17.74 -49.96
CA LYS C 85 -0.72 17.11 -48.61
C LYS C 85 -0.92 15.58 -48.71
N ILE C 88 -3.45 11.19 -43.56
CA ILE C 88 -3.65 9.90 -42.83
C ILE C 88 -4.81 10.08 -41.85
N ASN C 89 -5.99 9.53 -42.15
CA ASN C 89 -7.16 9.62 -41.24
C ASN C 89 -7.17 8.35 -40.39
N LEU C 90 -6.95 8.47 -39.09
CA LEU C 90 -6.88 7.30 -38.17
C LEU C 90 -8.25 7.13 -37.52
N THR C 91 -9.16 8.08 -37.77
CA THR C 91 -10.57 8.07 -37.29
C THR C 91 -11.22 6.72 -37.60
N ASN C 92 -11.62 5.98 -36.58
CA ASN C 92 -12.43 4.73 -36.73
C ASN C 92 -13.71 5.11 -37.49
N GLY C 93 -14.19 4.21 -38.36
CA GLY C 93 -15.38 4.46 -39.19
C GLY C 93 -15.74 3.27 -40.06
N THR C 94 -16.66 3.47 -41.00
CA THR C 94 -17.12 2.43 -41.95
C THR C 94 -16.19 2.45 -43.15
N PRO C 95 -16.08 1.34 -43.91
CA PRO C 95 -15.37 1.32 -45.18
C PRO C 95 -15.90 2.38 -46.14
N ASP C 96 -17.22 2.57 -46.18
CA ASP C 96 -17.91 3.48 -47.15
C ASP C 96 -17.67 4.95 -46.74
N GLN C 97 -17.72 5.27 -45.45
CA GLN C 97 -17.30 6.62 -44.98
C GLN C 97 -15.92 6.92 -45.57
N ALA C 98 -14.98 5.97 -45.41
CA ALA C 98 -13.55 6.09 -45.76
C ALA C 98 -13.37 6.30 -47.27
N ARG C 99 -14.16 5.59 -48.09
CA ARG C 99 -14.11 5.68 -49.57
C ARG C 99 -14.68 7.03 -50.03
N LYS C 100 -15.77 7.48 -49.39
CA LYS C 100 -16.42 8.78 -49.71
C LYS C 100 -15.43 9.91 -49.42
N LEU C 101 -14.71 9.83 -48.29
CA LEU C 101 -13.68 10.81 -47.85
C LEU C 101 -12.49 10.77 -48.82
N SER C 102 -12.02 9.58 -49.20
CA SER C 102 -10.82 9.37 -50.06
C SER C 102 -11.03 10.01 -51.43
N ASP C 103 -12.24 9.87 -51.99
CA ASP C 103 -12.63 10.43 -53.31
C ASP C 103 -12.83 11.95 -53.16
N ARG C 104 -13.43 12.39 -52.06
CA ARG C 104 -13.70 13.83 -51.78
C ARG C 104 -12.38 14.60 -51.68
N PHE C 105 -11.38 14.05 -50.99
CA PHE C 105 -10.08 14.68 -50.66
C PHE C 105 -9.10 14.57 -51.84
N VAL C 106 -9.12 13.47 -52.59
CA VAL C 106 -8.28 13.28 -53.81
C VAL C 106 -8.76 14.24 -54.91
N SER C 107 -10.03 14.65 -54.87
CA SER C 107 -10.63 15.64 -55.81
C SER C 107 -10.04 17.03 -55.55
N HIS C 108 -9.48 17.25 -54.36
CA HIS C 108 -8.91 18.55 -53.92
C HIS C 108 -7.37 18.47 -53.82
N GLY C 109 -6.74 17.51 -54.50
CA GLY C 109 -5.30 17.55 -54.82
C GLY C 109 -4.46 16.73 -53.85
N ALA C 110 -5.04 16.34 -52.71
CA ALA C 110 -4.38 15.52 -51.66
C ALA C 110 -4.19 14.10 -52.17
N ARG C 111 -3.79 13.19 -51.27
CA ARG C 111 -3.52 11.75 -51.56
C ARG C 111 -3.79 10.98 -50.26
N TYR C 112 -4.90 10.26 -50.20
CA TYR C 112 -5.57 9.83 -48.94
C TYR C 112 -5.13 8.40 -48.59
N VAL C 113 -4.94 8.14 -47.30
CA VAL C 113 -4.77 6.77 -46.73
C VAL C 113 -5.44 6.74 -45.35
N HIS C 114 -5.91 5.58 -44.93
CA HIS C 114 -6.80 5.39 -43.76
C HIS C 114 -6.22 4.31 -42.86
N GLY C 115 -6.44 4.42 -41.55
CA GLY C 115 -5.78 3.54 -40.59
C GLY C 115 -6.65 3.24 -39.40
N GLY C 116 -6.81 1.96 -39.09
CA GLY C 116 -7.41 1.50 -37.82
C GLY C 116 -6.32 1.33 -36.80
N ILE C 117 -6.27 2.20 -35.80
CA ILE C 117 -5.28 2.12 -34.68
C ILE C 117 -5.71 0.95 -33.79
N MET C 118 -5.14 -0.24 -34.01
CA MET C 118 -5.34 -1.40 -33.11
C MET C 118 -4.41 -1.23 -31.92
N ALA C 119 -4.69 -0.23 -31.08
CA ALA C 119 -3.88 0.14 -29.88
C ALA C 119 -4.66 1.15 -29.03
N THR C 120 -4.72 0.92 -27.71
CA THR C 120 -5.15 1.93 -26.71
C THR C 120 -4.07 3.00 -26.65
N PRO C 121 -4.34 4.18 -26.04
CA PRO C 121 -3.37 5.28 -26.05
C PRO C 121 -2.02 4.89 -25.42
N SER C 122 -2.04 4.25 -24.25
CA SER C 122 -0.84 3.91 -23.45
C SER C 122 0.07 2.98 -24.25
N MET C 123 -0.48 2.14 -25.13
CA MET C 123 0.25 1.18 -26.01
C MET C 123 0.93 1.92 -27.17
N ILE C 124 0.51 3.14 -27.52
CA ILE C 124 1.16 3.84 -28.66
C ILE C 124 2.66 3.88 -28.33
N GLY C 125 3.51 3.76 -29.35
CA GLY C 125 4.97 3.70 -29.21
C GLY C 125 5.46 2.34 -28.72
N SER C 126 4.59 1.49 -28.14
CA SER C 126 5.00 0.18 -27.57
C SER C 126 5.21 -0.84 -28.67
N PRO C 127 5.81 -2.02 -28.39
CA PRO C 127 5.95 -3.10 -29.38
C PRO C 127 4.62 -3.66 -29.90
N TYR C 128 3.63 -3.82 -29.00
CA TYR C 128 2.30 -4.45 -29.29
C TYR C 128 1.33 -3.47 -29.97
N ALA C 129 1.68 -2.19 -30.08
CA ALA C 129 0.91 -1.21 -30.87
C ALA C 129 0.89 -1.71 -32.31
N LEU C 130 -0.26 -1.55 -33.00
CA LEU C 130 -0.49 -2.00 -34.39
C LEU C 130 -1.50 -1.03 -35.05
N VAL C 131 -1.28 -0.71 -36.33
CA VAL C 131 -2.19 0.16 -37.12
C VAL C 131 -2.30 -0.42 -38.54
N LEU C 132 -3.52 -0.77 -38.97
CA LEU C 132 -3.84 -1.27 -40.33
C LEU C 132 -4.01 -0.06 -41.22
N TYR C 133 -3.38 -0.04 -42.40
CA TYR C 133 -3.50 1.08 -43.38
C TYR C 133 -3.90 0.55 -44.75
N SER C 134 -4.84 1.27 -45.38
CA SER C 134 -5.28 1.07 -46.78
C SER C 134 -5.42 2.45 -47.42
N GLY C 135 -5.44 2.53 -48.76
CA GLY C 135 -5.50 3.81 -49.49
C GLY C 135 -4.31 3.94 -50.43
N SER C 136 -4.13 5.11 -51.04
CA SER C 136 -3.04 5.41 -52.01
C SER C 136 -1.70 4.88 -51.49
N PRO C 137 -1.14 3.80 -52.08
CA PRO C 137 0.09 3.20 -51.57
C PRO C 137 1.33 4.03 -51.88
N ASP C 138 1.24 4.95 -52.86
CA ASP C 138 2.27 5.97 -53.18
C ASP C 138 2.53 6.83 -51.95
N ALA C 139 1.47 7.42 -51.40
CA ALA C 139 1.46 8.28 -50.19
C ALA C 139 1.94 7.49 -48.96
N PHE C 140 1.44 6.26 -48.78
CA PHE C 140 1.76 5.41 -47.61
C PHE C 140 3.25 5.08 -47.59
N LYS C 141 3.86 4.82 -48.74
CA LYS C 141 5.27 4.35 -48.85
C LYS C 141 6.21 5.47 -48.37
N ALA C 142 5.97 6.71 -48.82
CA ALA C 142 6.75 7.92 -48.46
C ALA C 142 6.73 8.15 -46.94
N ALA C 143 5.54 8.05 -46.33
CA ALA C 143 5.26 8.34 -44.91
C ALA C 143 5.27 7.03 -44.10
N GLY C 145 7.91 5.43 -43.11
CA GLY C 145 9.01 5.79 -42.20
C GLY C 145 8.50 6.48 -40.94
N ASP C 146 7.90 7.67 -41.10
CA ASP C 146 7.39 8.52 -40.01
C ASP C 146 6.41 7.75 -39.13
N LEU C 147 5.31 7.26 -39.72
CA LEU C 147 4.18 6.60 -39.01
C LEU C 147 4.69 5.47 -38.09
N SER C 148 5.78 4.80 -38.50
CA SER C 148 6.37 3.61 -37.83
C SER C 148 6.71 3.90 -36.37
N VAL C 149 6.92 5.18 -36.00
CA VAL C 149 7.21 5.61 -34.60
C VAL C 149 6.05 5.18 -33.67
N LEU C 150 4.81 5.22 -34.17
CA LEU C 150 3.58 5.06 -33.36
C LEU C 150 3.34 3.58 -33.04
N ALA C 151 3.46 2.70 -34.03
CA ALA C 151 3.11 1.27 -33.93
C ALA C 151 3.66 0.51 -35.14
N LYS C 152 3.42 -0.81 -35.15
CA LYS C 152 3.81 -1.72 -36.27
C LYS C 152 2.83 -1.49 -37.43
N CYS C 153 3.25 -0.77 -38.47
CA CYS C 153 2.48 -0.58 -39.73
C CYS C 153 2.11 -1.94 -40.33
N VAL C 154 0.97 -2.03 -41.05
CA VAL C 154 0.47 -3.26 -41.73
C VAL C 154 -0.43 -2.83 -42.89
N PHE C 155 0.14 -2.48 -44.04
CA PHE C 155 -0.61 -2.08 -45.26
C PHE C 155 -1.40 -3.28 -45.78
N LEU C 156 -2.56 -3.06 -46.41
CA LEU C 156 -3.36 -4.16 -47.01
C LEU C 156 -4.41 -3.66 -48.01
N GLY C 157 -3.97 -2.92 -49.04
CA GLY C 157 -4.72 -2.68 -50.29
C GLY C 157 -4.80 -1.21 -50.67
N GLU C 158 -5.13 -0.95 -51.95
CA GLU C 158 -5.37 0.39 -52.54
C GLU C 158 -6.84 0.80 -52.28
N ASP C 159 -7.60 -0.07 -51.61
CA ASP C 159 -9.04 0.08 -51.28
C ASP C 159 -9.15 0.93 -50.01
N ALA C 160 -9.53 2.20 -50.16
CA ALA C 160 -9.46 3.27 -49.12
C ALA C 160 -10.15 2.87 -47.81
N GLY C 161 -10.99 1.81 -47.80
CA GLY C 161 -11.82 1.44 -46.64
C GLY C 161 -11.59 0.02 -46.14
N THR C 162 -10.47 -0.60 -46.52
CA THR C 162 -10.11 -2.00 -46.12
C THR C 162 -9.64 -2.03 -44.67
N ALA C 163 -8.83 -1.03 -44.25
CA ALA C 163 -8.32 -0.87 -42.86
C ALA C 163 -9.49 -0.75 -41.88
N SER C 164 -10.53 0.00 -42.25
CA SER C 164 -11.76 0.27 -41.46
C SER C 164 -12.55 -1.03 -41.29
N LEU C 165 -12.69 -1.84 -42.35
CA LEU C 165 -13.39 -3.15 -42.27
C LEU C 165 -12.65 -4.05 -41.27
N HIS C 166 -11.32 -4.08 -41.33
CA HIS C 166 -10.46 -4.91 -40.45
C HIS C 166 -10.48 -4.32 -39.02
N ASP C 167 -10.49 -2.99 -38.89
CA ASP C 167 -10.65 -2.32 -37.58
C ASP C 167 -11.91 -2.89 -36.90
N LEU C 168 -13.07 -2.69 -37.54
CA LEU C 168 -14.41 -2.98 -36.96
C LEU C 168 -14.50 -4.50 -36.65
N ALA C 169 -14.04 -5.35 -37.58
CA ALA C 169 -13.95 -6.81 -37.37
C ALA C 169 -13.19 -7.11 -36.07
N LEU C 170 -11.97 -6.60 -35.91
CA LEU C 170 -11.11 -6.91 -34.74
C LEU C 170 -11.83 -6.45 -33.45
N LEU C 171 -12.31 -5.20 -33.44
CA LEU C 171 -13.19 -4.62 -32.40
C LEU C 171 -14.38 -5.53 -32.07
N SER C 172 -15.07 -6.06 -33.10
CA SER C 172 -16.19 -7.04 -32.92
C SER C 172 -15.76 -8.22 -32.05
N GLY C 173 -14.52 -8.71 -32.19
CA GLY C 173 -13.96 -9.84 -31.42
C GLY C 173 -13.51 -9.42 -30.03
N MET C 174 -12.93 -8.22 -29.93
CA MET C 174 -12.69 -7.56 -28.62
C MET C 174 -13.98 -7.58 -27.82
N TYR C 175 -15.03 -6.95 -28.38
CA TYR C 175 -16.32 -6.71 -27.70
C TYR C 175 -16.98 -8.03 -27.33
N GLY C 176 -16.80 -9.08 -28.14
CA GLY C 176 -17.14 -10.46 -27.76
C GLY C 176 -16.46 -10.83 -26.45
N LEU C 177 -15.16 -10.56 -26.35
CA LEU C 177 -14.27 -10.98 -25.23
C LEU C 177 -14.72 -10.25 -23.95
N PHE C 178 -14.90 -8.94 -24.01
CA PHE C 178 -15.35 -8.10 -22.86
C PHE C 178 -16.73 -8.54 -22.41
N SER C 179 -17.62 -8.87 -23.35
CA SER C 179 -18.99 -9.34 -23.08
C SER C 179 -18.94 -10.65 -22.28
N GLY C 180 -17.96 -11.50 -22.57
CA GLY C 180 -17.77 -12.75 -21.83
C GLY C 180 -17.17 -12.50 -20.46
N PHE C 181 -16.14 -11.66 -20.40
CA PHE C 181 -15.44 -11.23 -19.16
C PHE C 181 -16.47 -10.69 -18.15
N LEU C 182 -17.16 -9.60 -18.53
CA LEU C 182 -18.26 -8.95 -17.74
C LEU C 182 -19.27 -9.99 -17.26
N HIS C 183 -19.83 -10.79 -18.15
CA HIS C 183 -20.81 -11.83 -17.80
C HIS C 183 -20.18 -12.79 -16.80
N ALA C 184 -18.99 -13.32 -17.11
CA ALA C 184 -18.25 -14.31 -16.31
C ALA C 184 -17.92 -13.77 -14.92
N THR C 185 -17.33 -12.57 -14.85
CA THR C 185 -17.01 -11.88 -13.55
C THR C 185 -18.31 -11.72 -12.75
N ALA C 186 -19.23 -10.87 -13.24
CA ALA C 186 -20.60 -10.72 -12.71
C ALA C 186 -21.10 -12.03 -12.10
N LEU C 187 -21.07 -13.13 -12.85
CA LEU C 187 -21.77 -14.40 -12.47
C LEU C 187 -21.12 -14.98 -11.21
N VAL C 188 -19.86 -14.60 -10.95
CA VAL C 188 -19.02 -15.27 -9.91
C VAL C 188 -18.78 -14.31 -8.72
N ARG C 189 -18.91 -12.99 -8.91
CA ARG C 189 -18.76 -11.95 -7.86
C ARG C 189 -19.23 -12.49 -6.50
N SER C 190 -20.44 -13.02 -6.39
CA SER C 190 -21.06 -13.45 -5.10
C SER C 190 -20.13 -14.41 -4.36
N SER C 191 -19.48 -15.31 -5.09
CA SER C 191 -18.78 -16.50 -4.53
C SER C 191 -17.28 -16.24 -4.35
N THR C 192 -16.69 -15.37 -5.18
CA THR C 192 -15.22 -15.09 -5.21
C THR C 192 -14.93 -13.75 -5.88
N PRO C 193 -13.77 -13.13 -5.57
CA PRO C 193 -13.36 -11.87 -6.19
C PRO C 193 -12.82 -12.05 -7.61
N ALA C 194 -12.91 -10.99 -8.42
CA ALA C 194 -12.67 -11.04 -9.89
C ALA C 194 -11.21 -11.42 -10.16
N VAL C 195 -10.26 -10.84 -9.42
CA VAL C 195 -8.79 -11.05 -9.60
C VAL C 195 -8.47 -12.54 -9.39
N LYS C 196 -8.75 -13.09 -8.20
CA LYS C 196 -8.55 -14.54 -7.90
C LYS C 196 -9.22 -15.42 -8.97
N PHE C 197 -10.23 -14.91 -9.68
CA PHE C 197 -11.00 -15.62 -10.74
C PHE C 197 -10.24 -15.57 -12.08
N MET C 198 -9.47 -14.49 -12.34
CA MET C 198 -8.60 -14.38 -13.55
C MET C 198 -7.56 -15.52 -13.57
N ASP C 199 -7.27 -16.10 -12.40
CA ASP C 199 -6.36 -17.27 -12.25
C ASP C 199 -6.94 -18.48 -13.02
N LEU C 200 -8.27 -18.52 -13.19
CA LEU C 200 -9.01 -19.58 -13.95
C LEU C 200 -9.43 -19.04 -15.33
N LEU C 201 -9.95 -17.82 -15.44
CA LEU C 201 -10.39 -17.26 -16.74
C LEU C 201 -9.20 -17.22 -17.71
N VAL C 202 -8.16 -16.46 -17.40
CA VAL C 202 -7.08 -16.04 -18.36
C VAL C 202 -6.44 -17.28 -19.04
N PRO C 203 -6.06 -18.34 -18.30
CA PRO C 203 -5.62 -19.57 -18.96
C PRO C 203 -6.71 -20.12 -19.88
N TRP C 204 -7.89 -20.39 -19.31
CA TRP C 204 -9.06 -20.99 -20.01
C TRP C 204 -9.37 -20.25 -21.31
N LEU C 205 -9.39 -18.92 -21.29
CA LEU C 205 -9.59 -18.09 -22.52
C LEU C 205 -8.46 -18.39 -23.51
N GLY C 206 -7.22 -18.49 -23.01
CA GLY C 206 -6.04 -18.94 -23.77
C GLY C 206 -6.30 -20.25 -24.50
N ALA C 207 -6.70 -21.30 -23.78
CA ALA C 207 -7.11 -22.60 -24.37
C ALA C 207 -8.08 -22.32 -25.51
N MET C 208 -9.24 -21.76 -25.16
CA MET C 208 -10.40 -21.52 -26.06
C MET C 208 -10.02 -20.62 -27.24
N THR C 209 -9.09 -19.68 -27.05
CA THR C 209 -8.55 -18.83 -28.16
C THR C 209 -7.74 -19.72 -29.12
N TYR C 211 -8.39 -23.01 -29.79
CA TYR C 211 -9.51 -23.79 -30.39
C TYR C 211 -10.19 -23.00 -31.52
N THR C 212 -10.13 -21.68 -31.51
CA THR C 212 -10.66 -20.81 -32.60
C THR C 212 -9.74 -20.84 -33.82
N LYS C 213 -8.46 -21.19 -33.64
CA LYS C 213 -7.46 -21.40 -34.73
C LYS C 213 -7.88 -22.63 -35.53
N GLY C 214 -8.16 -23.73 -34.83
CA GLY C 214 -8.60 -25.02 -35.39
C GLY C 214 -10.08 -24.98 -35.74
N MET C 215 -10.66 -23.78 -35.85
CA MET C 215 -12.08 -23.54 -36.21
C MET C 215 -12.13 -22.68 -37.47
N ALA C 216 -11.26 -21.67 -37.58
CA ALA C 216 -11.02 -20.90 -38.83
C ALA C 216 -10.65 -21.86 -39.97
N LYS C 217 -9.89 -22.91 -39.67
CA LYS C 217 -9.50 -24.00 -40.61
C LYS C 217 -10.79 -24.65 -41.15
N GLN C 218 -11.60 -25.21 -40.26
CA GLN C 218 -12.96 -25.76 -40.57
C GLN C 218 -13.69 -24.76 -41.46
N ILE C 219 -13.90 -23.54 -40.97
CA ILE C 219 -14.64 -22.43 -41.66
C ILE C 219 -14.08 -22.22 -43.07
N ASP C 220 -12.78 -22.41 -43.27
CA ASP C 220 -12.07 -22.13 -44.55
C ASP C 220 -12.28 -23.30 -45.54
N GLU C 221 -12.35 -24.53 -45.04
CA GLU C 221 -12.53 -25.76 -45.87
C GLU C 221 -14.04 -26.08 -45.96
N GLY C 222 -14.64 -26.53 -44.85
CA GLY C 222 -16.10 -26.74 -44.72
C GLY C 222 -16.44 -28.02 -43.96
N LYS C 223 -15.63 -28.40 -42.97
CA LYS C 223 -15.77 -29.65 -42.17
C LYS C 223 -17.00 -29.55 -41.28
N TYR C 224 -16.88 -28.90 -40.11
CA TYR C 224 -17.95 -28.76 -39.07
C TYR C 224 -18.20 -30.13 -38.40
N THR C 225 -17.19 -30.99 -38.35
CA THR C 225 -17.28 -32.38 -37.80
C THR C 225 -16.99 -32.38 -36.29
N SER C 226 -17.84 -33.03 -35.50
CA SER C 226 -17.69 -33.20 -34.02
C SER C 226 -16.35 -33.86 -33.68
N SER C 229 -18.57 -32.61 -28.19
CA SER C 229 -18.53 -31.12 -28.19
C SER C 229 -19.62 -30.59 -29.11
N ASN C 230 -20.86 -31.09 -28.95
CA ASN C 230 -21.94 -31.04 -29.97
C ASN C 230 -23.00 -29.97 -29.62
N LEU C 231 -23.48 -29.25 -30.64
CA LEU C 231 -24.47 -28.13 -30.56
C LEU C 231 -25.71 -28.49 -29.73
N ALA C 232 -26.12 -29.76 -29.67
CA ALA C 232 -27.28 -30.17 -28.86
C ALA C 232 -26.96 -30.00 -27.37
N MET C 233 -25.78 -30.44 -26.92
CA MET C 233 -25.37 -30.42 -25.49
C MET C 233 -25.00 -28.98 -25.10
N GLN C 234 -24.33 -28.23 -25.98
CA GLN C 234 -23.95 -26.83 -25.69
C GLN C 234 -25.23 -26.05 -25.43
N LEU C 235 -26.25 -26.21 -26.28
CA LEU C 235 -27.60 -25.60 -26.10
C LEU C 235 -28.14 -25.81 -24.67
N VAL C 236 -28.07 -27.03 -24.13
CA VAL C 236 -28.63 -27.30 -22.77
C VAL C 236 -27.64 -26.72 -21.76
N GLY C 237 -26.38 -26.57 -22.15
CA GLY C 237 -25.34 -25.85 -21.38
C GLY C 237 -25.67 -24.38 -21.27
N ILE C 238 -25.77 -23.69 -22.40
CA ILE C 238 -26.10 -22.23 -22.47
C ILE C 238 -27.39 -21.96 -21.66
N GLN C 239 -28.36 -22.89 -21.66
CA GLN C 239 -29.59 -22.77 -20.84
C GLN C 239 -29.25 -22.83 -19.34
N ASN C 240 -28.24 -23.60 -18.95
CA ASN C 240 -27.79 -23.66 -17.54
C ASN C 240 -27.13 -22.34 -17.12
N ILE C 241 -26.45 -21.63 -18.05
CA ILE C 241 -25.84 -20.29 -17.75
C ILE C 241 -26.95 -19.26 -17.52
N ILE C 242 -27.95 -19.23 -18.40
CA ILE C 242 -29.14 -18.31 -18.31
C ILE C 242 -29.88 -18.52 -16.98
N ASP C 243 -30.22 -19.76 -16.65
CA ASP C 243 -30.89 -20.14 -15.38
C ASP C 243 -30.01 -19.71 -14.19
N ALA C 244 -28.68 -19.92 -14.27
CA ALA C 244 -27.71 -19.61 -13.19
C ALA C 244 -27.57 -18.09 -13.00
N SER C 245 -27.52 -17.36 -14.11
CA SER C 245 -27.44 -15.88 -14.18
C SER C 245 -28.64 -15.23 -13.47
N GLU C 246 -29.86 -15.65 -13.80
CA GLU C 246 -31.11 -15.14 -13.19
C GLU C 246 -31.02 -15.36 -11.66
N ALA C 247 -30.59 -16.53 -11.24
CA ALA C 247 -30.52 -16.93 -9.80
C ALA C 247 -29.47 -16.07 -9.06
N GLN C 248 -28.42 -15.62 -9.75
CA GLN C 248 -27.37 -14.75 -9.15
C GLN C 248 -27.72 -13.27 -9.44
N GLN C 249 -28.93 -12.97 -9.89
CA GLN C 249 -29.38 -11.58 -10.19
C GLN C 249 -28.49 -10.95 -11.26
N VAL C 250 -27.90 -11.76 -12.18
CA VAL C 250 -27.08 -11.28 -13.34
C VAL C 250 -27.89 -11.41 -14.63
N SER C 251 -27.76 -10.45 -15.55
CA SER C 251 -28.35 -10.48 -16.92
C SER C 251 -27.60 -11.45 -17.81
N ALA C 252 -28.31 -12.38 -18.46
CA ALA C 252 -27.77 -13.33 -19.46
C ALA C 252 -28.00 -12.81 -20.88
N GLU C 253 -28.13 -11.50 -21.06
CA GLU C 253 -28.39 -10.88 -22.38
C GLU C 253 -27.15 -10.97 -23.28
N PHE C 254 -25.97 -11.21 -22.72
CA PHE C 254 -24.70 -11.30 -23.46
C PHE C 254 -24.68 -12.58 -24.31
N ILE C 255 -25.31 -13.65 -23.79
CA ILE C 255 -25.27 -15.03 -24.36
C ILE C 255 -26.46 -15.27 -25.31
N ARG C 256 -27.53 -14.47 -25.27
CA ARG C 256 -28.77 -14.76 -26.07
C ARG C 256 -28.47 -14.92 -27.54
N PRO C 257 -27.70 -14.03 -28.20
CA PRO C 257 -27.43 -14.18 -29.63
C PRO C 257 -26.77 -15.55 -29.89
N MET C 258 -25.81 -15.95 -29.04
CA MET C 258 -25.16 -17.27 -29.22
C MET C 258 -26.29 -18.32 -29.25
N LYS C 259 -27.20 -18.29 -28.27
CA LYS C 259 -28.34 -19.26 -28.15
C LYS C 259 -29.18 -19.23 -29.43
N GLU C 260 -29.62 -18.05 -29.84
CA GLU C 260 -30.44 -17.87 -31.05
C GLU C 260 -29.73 -18.56 -32.22
N PHE C 261 -28.41 -18.39 -32.34
CA PHE C 261 -27.60 -18.93 -33.47
C PHE C 261 -27.47 -20.46 -33.39
N MET C 262 -27.20 -21.03 -32.21
CA MET C 262 -27.14 -22.52 -32.03
C MET C 262 -28.53 -23.13 -32.34
N GLN C 263 -29.62 -22.46 -31.97
CA GLN C 263 -31.01 -22.91 -32.25
C GLN C 263 -31.26 -22.94 -33.77
N LYS C 264 -30.84 -21.90 -34.51
CA LYS C 264 -30.90 -21.89 -35.99
C LYS C 264 -30.17 -23.12 -36.53
N ALA C 265 -29.07 -23.53 -35.87
CA ALA C 265 -28.15 -24.59 -36.32
C ALA C 265 -28.74 -25.98 -36.09
N VAL C 266 -29.19 -26.31 -34.88
CA VAL C 266 -29.70 -27.69 -34.58
C VAL C 266 -30.99 -27.90 -35.40
N ALA C 267 -31.85 -26.88 -35.46
CA ALA C 267 -33.11 -26.84 -36.26
C ALA C 267 -32.82 -27.10 -37.73
N ALA C 268 -31.72 -26.54 -38.26
CA ALA C 268 -31.27 -26.67 -39.66
C ALA C 268 -30.38 -27.91 -39.82
N GLY C 269 -30.30 -28.76 -38.80
CA GLY C 269 -29.76 -30.13 -38.89
C GLY C 269 -28.43 -30.34 -38.20
N HIS C 270 -27.80 -29.31 -37.63
CA HIS C 270 -26.39 -29.39 -37.14
C HIS C 270 -26.30 -29.86 -35.67
N GLY C 271 -27.28 -30.64 -35.21
CA GLY C 271 -27.39 -31.09 -33.81
C GLY C 271 -26.10 -31.71 -33.30
N GLY C 272 -25.41 -32.48 -34.14
CA GLY C 272 -24.19 -33.22 -33.79
C GLY C 272 -22.91 -32.56 -34.31
N ASP C 273 -23.00 -31.37 -34.89
CA ASP C 273 -21.86 -30.66 -35.51
C ASP C 273 -21.21 -29.72 -34.49
N ASP C 274 -20.05 -29.17 -34.84
CA ASP C 274 -19.20 -28.32 -33.95
C ASP C 274 -19.72 -26.88 -34.01
N ILE C 275 -19.32 -26.05 -33.04
CA ILE C 275 -19.72 -24.62 -32.94
C ILE C 275 -19.23 -23.84 -34.18
N SER C 276 -18.35 -24.43 -34.99
CA SER C 276 -17.87 -23.85 -36.28
C SER C 276 -19.05 -23.66 -37.24
N SER C 277 -19.95 -24.65 -37.24
CA SER C 277 -21.12 -24.78 -38.14
C SER C 277 -21.95 -23.49 -38.16
N LEU C 278 -21.96 -22.74 -37.06
CA LEU C 278 -22.83 -21.53 -36.89
C LEU C 278 -22.42 -20.46 -37.89
N ILE C 279 -21.20 -20.54 -38.44
CA ILE C 279 -20.61 -19.44 -39.26
C ILE C 279 -21.62 -19.07 -40.36
N ASP C 280 -22.27 -20.08 -40.97
CA ASP C 280 -23.18 -19.88 -42.15
C ASP C 280 -24.54 -19.31 -41.71
N PHE C 281 -24.82 -19.24 -40.40
CA PHE C 281 -26.13 -18.79 -39.86
C PHE C 281 -26.00 -17.40 -39.22
N VAL C 282 -24.89 -16.69 -39.44
CA VAL C 282 -24.72 -15.29 -38.97
C VAL C 282 -24.89 -14.33 -40.15
N LYS C 283 -24.94 -14.86 -41.38
CA LYS C 283 -25.20 -14.09 -42.63
C LYS C 283 -26.70 -14.11 -42.93
N MET D 1 5.76 6.80 -14.95
CA MET D 1 5.28 8.20 -15.27
C MET D 1 6.32 9.24 -14.83
N SER D 2 6.91 9.06 -13.63
CA SER D 2 8.01 9.89 -13.07
C SER D 2 9.21 9.01 -12.67
N SER D 3 10.42 9.42 -13.08
CA SER D 3 11.70 8.71 -12.89
C SER D 3 12.49 9.33 -11.74
N VAL D 4 13.08 8.51 -10.88
CA VAL D 4 14.02 8.91 -9.78
C VAL D 4 15.25 8.02 -9.87
N SER D 5 16.40 8.47 -9.34
CA SER D 5 17.65 7.68 -9.25
C SER D 5 18.26 7.84 -7.86
N ILE D 6 18.28 6.75 -7.08
CA ILE D 6 18.76 6.77 -5.67
C ILE D 6 20.25 6.39 -5.65
N PHE D 7 20.97 6.91 -4.64
CA PHE D 7 22.34 6.51 -4.24
C PHE D 7 22.33 6.14 -2.76
N GLY D 8 22.87 4.95 -2.42
CA GLY D 8 22.99 4.46 -1.02
C GLY D 8 21.84 3.56 -0.64
N LEU D 9 22.11 2.27 -0.41
CA LEU D 9 21.05 1.24 -0.20
C LEU D 9 21.24 0.62 1.19
N GLY D 10 21.40 1.46 2.21
CA GLY D 10 21.33 1.01 3.61
C GLY D 10 19.90 0.81 4.03
N ALA D 11 19.64 0.80 5.34
CA ALA D 11 18.28 0.64 5.94
C ALA D 11 17.36 1.74 5.43
N MET D 12 17.86 2.96 5.17
CA MET D 12 17.00 4.14 4.88
C MET D 12 16.84 4.30 3.38
N GLY D 13 17.91 4.14 2.60
CA GLY D 13 17.90 4.32 1.13
C GLY D 13 17.10 3.23 0.42
N THR D 14 16.89 2.09 1.11
CA THR D 14 16.13 0.91 0.60
C THR D 14 14.63 1.18 0.87
N ALA D 15 14.28 1.46 2.12
CA ALA D 15 12.96 1.94 2.56
C ALA D 15 12.47 3.00 1.57
N LEU D 16 13.28 4.04 1.31
CA LEU D 16 12.96 5.09 0.32
C LEU D 16 12.76 4.44 -1.06
N ALA D 17 13.72 3.65 -1.53
CA ALA D 17 13.70 3.04 -2.88
C ALA D 17 12.47 2.16 -3.03
N SER D 18 12.23 1.27 -2.06
CA SER D 18 11.01 0.40 -1.97
C SER D 18 9.73 1.23 -2.12
N ARG D 19 9.65 2.39 -1.48
CA ARG D 19 8.41 3.22 -1.47
C ARG D 19 8.16 3.78 -2.87
N PHE D 20 9.19 4.33 -3.50
CA PHE D 20 9.09 4.88 -4.87
C PHE D 20 8.54 3.81 -5.83
N LEU D 21 8.82 2.53 -5.55
CA LEU D 21 8.34 1.38 -6.37
C LEU D 21 6.85 1.18 -6.12
N GLU D 22 6.42 1.21 -4.85
CA GLU D 22 5.02 0.99 -4.41
C GLU D 22 4.10 2.08 -4.98
N GLU D 23 4.63 3.24 -5.36
CA GLU D 23 3.89 4.32 -6.09
C GLU D 23 4.26 4.28 -7.58
N LYS D 24 4.71 3.12 -8.06
CA LYS D 24 4.93 2.84 -9.50
C LYS D 24 5.69 4.02 -10.14
N TYR D 25 6.97 4.21 -9.75
CA TYR D 25 7.92 5.17 -10.36
C TYR D 25 8.94 4.39 -11.17
N LYS D 26 9.71 5.07 -12.02
CA LYS D 26 10.88 4.50 -12.74
C LYS D 26 12.13 4.65 -11.84
N VAL D 27 12.27 3.83 -10.79
CA VAL D 27 13.32 3.94 -9.74
C VAL D 27 14.65 3.36 -10.25
N ALA D 28 15.69 4.19 -10.41
CA ALA D 28 17.09 3.74 -10.63
C ALA D 28 17.78 3.68 -9.26
N VAL D 29 18.66 2.70 -9.03
CA VAL D 29 19.35 2.54 -7.72
C VAL D 29 20.83 2.18 -7.91
N TRP D 30 21.63 2.54 -6.90
CA TRP D 30 23.13 2.47 -6.89
C TRP D 30 23.58 2.18 -5.46
N ASN D 31 24.74 1.56 -5.29
CA ASN D 31 25.39 1.35 -3.98
C ASN D 31 26.89 1.14 -4.23
N ARG D 32 27.70 1.23 -3.18
CA ARG D 32 29.11 0.78 -3.23
C ARG D 32 29.09 -0.71 -3.54
N SER D 33 28.34 -1.46 -2.74
CA SER D 33 28.19 -2.94 -2.79
C SER D 33 26.76 -3.32 -3.17
N PRO D 34 26.46 -3.67 -4.44
CA PRO D 34 25.09 -4.03 -4.82
C PRO D 34 24.74 -5.49 -4.43
N GLU D 35 25.61 -6.42 -4.80
CA GLU D 35 25.53 -7.85 -4.39
C GLU D 35 25.68 -7.91 -2.87
N ALA D 37 24.30 -4.94 0.04
CA ALA D 37 23.02 -4.19 0.11
C ALA D 37 22.22 -4.46 -1.17
N SER D 38 21.04 -5.07 -1.03
CA SER D 38 20.20 -5.56 -2.15
C SER D 38 20.03 -4.45 -3.19
N SER D 39 20.16 -4.82 -4.47
CA SER D 39 19.74 -4.05 -5.66
C SER D 39 18.37 -4.54 -6.13
N LEU D 40 17.28 -3.93 -5.64
CA LEU D 40 15.89 -4.40 -5.79
C LEU D 40 15.46 -4.52 -7.25
N LEU D 41 16.16 -5.18 -8.18
CA LEU D 41 15.67 -5.26 -9.58
C LEU D 41 14.45 -6.20 -9.62
N GLY D 42 14.34 -7.04 -8.60
CA GLY D 42 13.22 -8.01 -8.47
C GLY D 42 11.88 -7.31 -8.43
N LYS D 43 11.81 -6.19 -7.72
CA LYS D 43 10.61 -5.34 -7.51
C LYS D 43 10.52 -4.32 -8.66
N GLY D 44 11.46 -4.32 -9.59
CA GLY D 44 11.41 -3.54 -10.84
C GLY D 44 12.50 -2.47 -10.97
N ALA D 45 13.29 -2.22 -9.93
CA ALA D 45 14.33 -1.15 -9.89
C ALA D 45 15.38 -1.42 -10.97
N THR D 46 16.02 -0.36 -11.47
CA THR D 46 17.14 -0.41 -12.45
C THR D 46 18.45 -0.16 -11.70
N LEU D 47 19.42 -1.08 -11.83
CA LEU D 47 20.75 -1.02 -11.15
C LEU D 47 21.69 -0.13 -11.98
N SER D 48 22.12 1.01 -11.41
CA SER D 48 23.18 1.88 -11.98
C SER D 48 24.54 1.23 -11.72
N HIS D 49 25.25 0.83 -12.77
CA HIS D 49 26.53 0.06 -12.65
C HIS D 49 27.58 0.96 -12.00
N THR D 50 27.60 2.22 -12.42
CA THR D 50 28.50 3.28 -11.89
C THR D 50 27.63 4.45 -11.39
N ALA D 51 28.26 5.44 -10.73
CA ALA D 51 27.61 6.68 -10.28
C ALA D 51 27.19 7.51 -11.51
N VAL D 52 27.94 7.44 -12.62
CA VAL D 52 27.63 8.19 -13.88
C VAL D 52 26.30 7.68 -14.46
N ASP D 53 26.16 6.34 -14.53
CA ASP D 53 24.97 5.64 -15.10
C ASP D 53 23.74 5.91 -14.22
N GLY D 54 23.96 6.14 -12.91
CA GLY D 54 22.90 6.49 -11.95
C GLY D 54 22.58 7.98 -11.96
N ILE D 55 23.55 8.80 -12.34
CA ILE D 55 23.35 10.28 -12.50
C ILE D 55 22.51 10.52 -13.76
N ASN D 56 22.76 9.76 -14.83
CA ASN D 56 22.09 9.90 -16.15
C ASN D 56 20.75 9.15 -16.17
N ALA D 57 20.48 8.35 -15.13
CA ALA D 57 19.26 7.56 -14.99
C ALA D 57 18.03 8.48 -14.86
N SER D 58 18.20 9.66 -14.25
CA SER D 58 17.07 10.56 -13.87
C SER D 58 17.58 12.00 -13.64
N ASP D 59 16.67 12.95 -13.54
CA ASP D 59 16.91 14.40 -13.25
C ASP D 59 16.48 14.70 -11.81
N LEU D 60 15.78 13.80 -11.13
CA LEU D 60 15.59 13.83 -9.65
C LEU D 60 16.55 12.82 -9.09
N ILE D 61 17.41 13.21 -8.16
CA ILE D 61 18.48 12.34 -7.60
C ILE D 61 18.41 12.42 -6.08
N ILE D 62 17.92 11.37 -5.41
CA ILE D 62 17.77 11.30 -3.94
C ILE D 62 18.97 10.53 -3.39
N ILE D 63 20.02 11.22 -2.93
CA ILE D 63 21.19 10.60 -2.25
C ILE D 63 20.82 10.35 -0.78
N CYS D 64 21.34 9.27 -0.18
CA CYS D 64 21.08 8.93 1.24
C CYS D 64 22.11 7.93 1.76
N LEU D 65 23.19 8.43 2.39
CA LEU D 65 24.43 7.65 2.66
C LEU D 65 24.79 7.78 4.16
N LEU D 66 25.99 7.30 4.55
CA LEU D 66 26.51 7.37 5.95
C LEU D 66 26.88 8.81 6.33
N ASP D 67 27.69 9.47 5.50
CA ASP D 67 28.14 10.87 5.74
C ASP D 67 28.11 11.62 4.42
N ASN D 68 28.45 12.91 4.47
CA ASN D 68 28.61 13.79 3.29
C ASN D 68 29.96 13.48 2.61
N ALA D 69 30.94 12.94 3.34
CA ALA D 69 32.22 12.52 2.73
C ALA D 69 31.89 11.55 1.59
N ALA D 70 31.13 10.49 1.91
CA ALA D 70 30.61 9.48 0.96
C ALA D 70 29.85 10.14 -0.21
N VAL D 71 29.11 11.23 0.07
CA VAL D 71 28.39 12.00 -1.00
C VAL D 71 29.44 12.52 -2.01
N GLU D 72 30.40 13.32 -1.55
CA GLU D 72 31.51 13.88 -2.38
C GLU D 72 32.29 12.75 -3.04
N ALA D 73 32.67 11.71 -2.28
CA ALA D 73 33.53 10.60 -2.74
C ALA D 73 32.88 9.92 -3.95
N THR D 74 31.60 9.54 -3.80
CA THR D 74 30.81 8.75 -4.78
C THR D 74 30.49 9.58 -6.04
N LEU D 75 30.12 10.85 -5.87
CA LEU D 75 29.73 11.75 -6.99
C LEU D 75 30.95 12.39 -7.65
N ALA D 76 32.17 12.18 -7.13
CA ALA D 76 33.42 12.73 -7.69
C ALA D 76 33.46 12.43 -9.20
N GLY D 77 33.75 11.19 -9.56
CA GLY D 77 33.84 10.69 -10.95
C GLY D 77 32.79 11.32 -11.87
N ALA D 78 31.60 11.64 -11.35
CA ALA D 78 30.43 12.12 -12.13
C ALA D 78 30.33 13.64 -12.02
N LEU D 79 31.45 14.35 -12.13
CA LEU D 79 31.49 15.84 -12.05
C LEU D 79 30.70 16.44 -13.22
N ASP D 80 31.02 16.01 -14.44
CA ASP D 80 30.67 16.70 -15.72
C ASP D 80 29.21 16.40 -16.12
N HIS D 81 28.68 15.23 -15.72
CA HIS D 81 27.33 14.74 -16.09
C HIS D 81 26.26 15.26 -15.10
N LEU D 82 26.56 16.31 -14.33
CA LEU D 82 25.69 16.82 -13.24
C LEU D 82 24.77 17.93 -13.76
N HIS D 83 25.17 18.63 -14.82
CA HIS D 83 24.42 19.74 -15.47
C HIS D 83 22.95 19.38 -15.68
N GLY D 84 22.04 20.07 -14.97
CA GLY D 84 20.58 20.02 -15.17
C GLY D 84 19.86 19.40 -13.99
N LYS D 85 20.55 18.57 -13.20
CA LYS D 85 19.92 17.61 -12.23
C LYS D 85 19.46 18.35 -10.97
N THR D 86 18.56 17.73 -10.17
CA THR D 86 18.10 18.26 -8.86
C THR D 86 18.50 17.31 -7.73
N ILE D 87 19.63 17.58 -7.06
CA ILE D 87 20.24 16.68 -6.04
C ILE D 87 19.52 16.93 -4.72
N ILE D 88 18.83 15.91 -4.17
CA ILE D 88 18.24 15.93 -2.79
C ILE D 88 19.12 15.05 -1.91
N ASN D 89 19.95 15.64 -1.05
CA ASN D 89 20.85 14.86 -0.16
C ASN D 89 20.13 14.73 1.17
N LEU D 90 19.76 13.50 1.56
CA LEU D 90 18.99 13.27 2.80
C LEU D 90 19.98 12.85 3.90
N THR D 91 21.25 12.70 3.52
CA THR D 91 22.39 12.33 4.42
C THR D 91 22.39 13.28 5.61
N ASN D 92 22.21 12.74 6.82
CA ASN D 92 22.36 13.51 8.09
C ASN D 92 23.77 14.06 8.11
N GLY D 93 23.94 15.27 8.64
CA GLY D 93 25.24 15.98 8.66
C GLY D 93 25.16 17.33 9.34
N THR D 94 26.22 18.11 9.24
CA THR D 94 26.33 19.48 9.82
C THR D 94 25.75 20.46 8.81
N PRO D 95 25.30 21.65 9.26
CA PRO D 95 24.92 22.74 8.36
C PRO D 95 26.05 23.08 7.38
N ASP D 96 27.31 23.09 7.88
CA ASP D 96 28.49 23.53 7.09
C ASP D 96 28.87 22.47 6.07
N GLN D 97 28.81 21.17 6.41
CA GLN D 97 28.97 20.09 5.41
C GLN D 97 28.01 20.39 4.25
N ALA D 98 26.75 20.66 4.57
CA ALA D 98 25.62 20.83 3.61
C ALA D 98 25.86 22.05 2.71
N ARG D 99 26.38 23.14 3.26
CA ARG D 99 26.67 24.40 2.53
C ARG D 99 27.88 24.18 1.61
N LYS D 100 28.90 23.45 2.07
CA LYS D 100 30.12 23.14 1.28
C LYS D 100 29.73 22.30 0.07
N LEU D 101 28.83 21.33 0.27
CA LEU D 101 28.29 20.42 -0.80
C LEU D 101 27.43 21.24 -1.77
N SER D 102 26.55 22.12 -1.25
CA SER D 102 25.59 22.92 -2.04
C SER D 102 26.33 23.85 -3.02
N ASP D 103 27.43 24.45 -2.56
CA ASP D 103 28.29 25.36 -3.36
C ASP D 103 29.11 24.54 -4.36
N ARG D 104 29.62 23.37 -3.93
CA ARG D 104 30.44 22.47 -4.78
C ARG D 104 29.60 21.99 -5.98
N PHE D 105 28.34 21.60 -5.74
CA PHE D 105 27.44 20.94 -6.73
C PHE D 105 26.75 21.99 -7.60
N VAL D 106 26.42 23.16 -7.07
CA VAL D 106 25.81 24.29 -7.85
C VAL D 106 26.87 24.85 -8.82
N SER D 107 28.17 24.69 -8.50
CA SER D 107 29.30 25.09 -9.36
C SER D 107 29.35 24.21 -10.61
N HIS D 108 28.73 23.02 -10.54
CA HIS D 108 28.73 22.02 -11.64
C HIS D 108 27.32 21.88 -12.26
N GLY D 109 26.47 22.90 -12.12
CA GLY D 109 25.28 23.08 -12.97
C GLY D 109 24.00 22.60 -12.32
N ALA D 110 24.12 21.78 -11.27
CA ALA D 110 22.99 21.19 -10.52
C ALA D 110 22.28 22.29 -9.73
N ARG D 111 21.35 21.89 -8.85
CA ARG D 111 20.51 22.79 -8.05
C ARG D 111 20.13 22.03 -6.78
N TYR D 112 20.80 22.36 -5.67
CA TYR D 112 20.98 21.47 -4.49
C TYR D 112 19.91 21.79 -3.45
N VAL D 113 19.39 20.78 -2.78
CA VAL D 113 18.50 20.91 -1.60
C VAL D 113 18.82 19.74 -0.66
N HIS D 114 18.61 19.95 0.63
CA HIS D 114 19.09 19.06 1.72
C HIS D 114 17.92 18.75 2.64
N GLY D 115 17.93 17.57 3.24
CA GLY D 115 16.77 17.11 4.03
C GLY D 115 17.20 16.27 5.21
N GLY D 116 16.66 16.61 6.37
CA GLY D 116 16.69 15.74 7.55
C GLY D 116 15.47 14.85 7.56
N ILE D 117 15.64 13.56 7.32
CA ILE D 117 14.56 12.54 7.40
C ILE D 117 14.24 12.34 8.87
N MET D 118 13.25 13.06 9.39
CA MET D 118 12.72 12.82 10.76
C MET D 118 11.77 11.62 10.70
N ALA D 119 12.32 10.43 10.45
CA ALA D 119 11.61 9.16 10.30
C ALA D 119 12.59 7.99 10.31
N THR D 120 12.29 6.93 11.09
CA THR D 120 12.93 5.60 10.96
C THR D 120 12.46 5.00 9.63
N PRO D 121 13.13 3.93 9.13
CA PRO D 121 12.78 3.36 7.83
C PRO D 121 11.31 2.90 7.74
N SER D 122 10.83 2.17 8.75
CA SER D 122 9.47 1.55 8.75
C SER D 122 8.39 2.64 8.67
N MET D 123 8.67 3.85 9.20
CA MET D 123 7.76 5.02 9.19
C MET D 123 7.73 5.66 7.81
N ILE D 124 8.70 5.41 6.93
CA ILE D 124 8.66 6.05 5.59
C ILE D 124 7.32 5.65 4.96
N GLY D 125 6.71 6.55 4.20
CA GLY D 125 5.35 6.40 3.65
C GLY D 125 4.22 6.53 4.66
N SER D 126 4.50 6.45 5.97
CA SER D 126 3.47 6.50 7.04
C SER D 126 3.03 7.95 7.26
N PRO D 127 1.93 8.18 8.05
CA PRO D 127 1.49 9.54 8.38
C PRO D 127 2.52 10.37 9.17
N TYR D 128 3.19 9.74 10.14
CA TYR D 128 4.11 10.41 11.11
C TYR D 128 5.51 10.61 10.51
N ALA D 129 5.78 10.08 9.32
CA ALA D 129 7.01 10.38 8.56
C ALA D 129 7.04 11.88 8.31
N LEU D 130 8.23 12.49 8.42
CA LEU D 130 8.47 13.95 8.28
C LEU D 130 9.90 14.15 7.77
N VAL D 131 10.11 15.09 6.84
CA VAL D 131 11.43 15.44 6.28
C VAL D 131 11.52 16.96 6.15
N LEU D 132 12.51 17.57 6.82
CA LEU D 132 12.81 19.02 6.78
C LEU D 132 13.68 19.25 5.55
N TYR D 133 13.36 20.24 4.72
CA TYR D 133 14.17 20.56 3.51
C TYR D 133 14.54 22.05 3.50
N SER D 134 15.80 22.32 3.15
CA SER D 134 16.36 23.67 2.89
C SER D 134 17.24 23.59 1.65
N GLY D 135 17.55 24.71 1.01
CA GLY D 135 18.31 24.76 -0.26
C GLY D 135 17.49 25.44 -1.35
N SER D 136 17.97 25.39 -2.59
CA SER D 136 17.33 26.03 -3.78
C SER D 136 15.82 25.76 -3.78
N PRO D 137 14.96 26.77 -3.49
CA PRO D 137 13.52 26.55 -3.40
C PRO D 137 12.86 26.36 -4.77
N ASP D 138 13.53 26.79 -5.86
CA ASP D 138 13.13 26.55 -7.26
C ASP D 138 13.05 25.03 -7.49
N ALA D 139 14.16 24.34 -7.20
CA ALA D 139 14.31 22.86 -7.33
C ALA D 139 13.32 22.13 -6.42
N PHE D 140 13.18 22.57 -5.16
CA PHE D 140 12.31 21.91 -4.15
C PHE D 140 10.86 21.96 -4.60
N LYS D 141 10.42 23.08 -5.21
CA LYS D 141 8.98 23.30 -5.56
C LYS D 141 8.57 22.29 -6.64
N ALA D 142 9.41 22.12 -7.68
CA ALA D 142 9.20 21.19 -8.81
C ALA D 142 9.08 19.74 -8.31
N ALA D 143 9.98 19.33 -7.41
CA ALA D 143 10.13 17.95 -6.89
C ALA D 143 9.41 17.78 -5.54
N GLU D 144 8.66 18.77 -5.07
CA GLU D 144 7.80 18.63 -3.84
C GLU D 144 6.74 17.54 -4.09
N GLY D 145 6.20 17.48 -5.30
CA GLY D 145 5.23 16.44 -5.71
C GLY D 145 5.75 15.04 -5.41
N ASP D 146 6.82 14.64 -6.07
CA ASP D 146 7.43 13.29 -6.00
C ASP D 146 7.79 12.97 -4.53
N LEU D 147 8.64 13.79 -3.90
CA LEU D 147 9.19 13.56 -2.54
C LEU D 147 8.08 13.31 -1.53
N SER D 148 6.92 13.95 -1.72
CA SER D 148 5.74 13.91 -0.82
C SER D 148 5.27 12.48 -0.54
N VAL D 149 5.58 11.53 -1.43
CA VAL D 149 5.23 10.08 -1.28
C VAL D 149 5.86 9.54 0.02
N LEU D 150 7.06 10.02 0.36
CA LEU D 150 7.91 9.45 1.43
C LEU D 150 7.41 9.89 2.81
N ALA D 151 7.09 11.18 2.97
CA ALA D 151 6.73 11.77 4.28
C ALA D 151 6.11 13.17 4.08
N LYS D 152 5.73 13.81 5.19
CA LYS D 152 5.21 15.21 5.22
C LYS D 152 6.37 16.18 4.99
N CYS D 153 6.53 16.72 3.77
CA CYS D 153 7.51 17.79 3.45
C CYS D 153 7.33 18.99 4.39
N VAL D 154 8.41 19.73 4.68
CA VAL D 154 8.43 20.94 5.57
C VAL D 154 9.62 21.81 5.16
N PHE D 155 9.50 22.64 4.12
CA PHE D 155 10.56 23.56 3.65
C PHE D 155 10.81 24.63 4.72
N LEU D 156 12.03 25.15 4.84
CA LEU D 156 12.34 26.25 5.81
C LEU D 156 13.67 26.95 5.50
N GLY D 157 13.84 27.48 4.27
CA GLY D 157 14.85 28.50 3.93
C GLY D 157 15.67 28.14 2.70
N GLU D 158 16.30 29.13 2.07
CA GLU D 158 17.24 28.99 0.93
C GLU D 158 18.66 28.72 1.45
N ASP D 159 18.80 28.61 2.77
CA ASP D 159 20.05 28.32 3.52
C ASP D 159 20.28 26.79 3.49
N ALA D 160 21.23 26.35 2.65
CA ALA D 160 21.46 24.93 2.26
C ALA D 160 21.61 24.00 3.48
N GLY D 161 21.84 24.53 4.70
CA GLY D 161 22.15 23.73 5.89
C GLY D 161 21.22 23.96 7.06
N THR D 162 20.03 24.53 6.82
CA THR D 162 19.01 24.84 7.86
C THR D 162 18.30 23.55 8.29
N ALA D 163 17.99 22.67 7.33
CA ALA D 163 17.36 21.34 7.56
C ALA D 163 18.22 20.49 8.47
N SER D 164 19.55 20.52 8.25
CA SER D 164 20.60 19.77 9.00
C SER D 164 20.66 20.29 10.44
N LEU D 165 20.60 21.61 10.64
CA LEU D 165 20.60 22.22 12.00
C LEU D 165 19.36 21.72 12.76
N HIS D 166 18.20 21.72 12.10
CA HIS D 166 16.90 21.28 12.69
C HIS D 166 16.90 19.76 12.88
N ASP D 167 17.52 19.01 11.96
CA ASP D 167 17.70 17.55 12.10
C ASP D 167 18.39 17.30 13.44
N LEU D 168 19.61 17.83 13.59
CA LEU D 168 20.52 17.53 14.73
C LEU D 168 19.85 18.01 16.04
N ALA D 169 19.24 19.19 16.03
CA ALA D 169 18.47 19.72 17.18
C ALA D 169 17.42 18.66 17.62
N LEU D 170 16.56 18.22 16.70
CA LEU D 170 15.45 17.30 17.05
C LEU D 170 16.04 16.00 17.64
N LEU D 171 17.03 15.42 16.94
CA LEU D 171 17.85 14.26 17.38
C LEU D 171 18.44 14.49 18.79
N SER D 172 18.99 15.68 19.06
CA SER D 172 19.51 16.06 20.41
C SER D 172 18.44 15.83 21.50
N GLY D 173 17.17 16.12 21.21
CA GLY D 173 16.03 15.99 22.13
C GLY D 173 15.54 14.55 22.23
N MET D 174 15.54 13.85 21.09
CA MET D 174 15.35 12.38 21.05
C MET D 174 16.34 11.76 22.05
N TYR D 175 17.64 11.99 21.81
CA TYR D 175 18.74 11.31 22.53
C TYR D 175 18.68 11.67 24.02
N GLY D 176 18.23 12.87 24.37
CA GLY D 176 17.88 13.21 25.75
C GLY D 176 16.88 12.22 26.30
N LEU D 177 15.81 11.96 25.53
CA LEU D 177 14.64 11.15 25.95
C LEU D 177 15.10 9.69 26.19
N PHE D 178 15.82 9.11 25.22
CA PHE D 178 16.33 7.72 25.32
C PHE D 178 17.30 7.58 26.50
N SER D 179 18.11 8.61 26.75
CA SER D 179 19.07 8.66 27.89
C SER D 179 18.31 8.60 29.20
N GLY D 180 17.15 9.24 29.26
CA GLY D 180 16.31 9.22 30.47
C GLY D 180 15.59 7.89 30.62
N PHE D 181 15.03 7.37 29.52
CA PHE D 181 14.36 6.05 29.42
C PHE D 181 15.29 4.97 29.98
N LEU D 182 16.46 4.79 29.32
CA LEU D 182 17.50 3.80 29.69
C LEU D 182 17.87 3.96 31.16
N HIS D 183 18.21 5.16 31.63
CA HIS D 183 18.55 5.42 33.04
C HIS D 183 17.38 4.98 33.94
N ALA D 184 16.17 5.47 33.63
CA ALA D 184 14.92 5.24 34.40
C ALA D 184 14.61 3.73 34.45
N THR D 185 14.58 3.06 33.30
CA THR D 185 14.35 1.59 33.19
C THR D 185 15.41 0.86 34.06
N ALA D 186 16.67 0.92 33.65
CA ALA D 186 17.85 0.44 34.39
C ALA D 186 17.61 0.54 35.90
N LEU D 187 17.26 1.73 36.40
CA LEU D 187 17.25 2.02 37.86
C LEU D 187 16.16 1.18 38.53
N VAL D 188 15.16 0.74 37.77
CA VAL D 188 13.93 0.10 38.31
C VAL D 188 13.89 -1.41 37.96
N ARG D 189 14.62 -1.86 36.93
CA ARG D 189 14.68 -3.26 36.46
C ARG D 189 14.57 -4.24 37.64
N SER D 190 15.39 -4.08 38.68
CA SER D 190 15.47 -5.03 39.82
C SER D 190 14.08 -5.27 40.42
N SER D 191 13.26 -4.21 40.52
CA SER D 191 12.02 -4.20 41.33
C SER D 191 10.79 -4.51 40.47
N THR D 192 10.82 -4.14 39.18
CA THR D 192 9.67 -4.26 38.24
C THR D 192 10.14 -4.26 36.79
N PRO D 193 9.37 -4.88 35.87
CA PRO D 193 9.75 -4.95 34.45
C PRO D 193 9.47 -3.65 33.69
N ALA D 194 10.18 -3.42 32.59
CA ALA D 194 10.22 -2.13 31.87
C ALA D 194 8.83 -1.77 31.32
N VAL D 195 8.11 -2.75 30.74
CA VAL D 195 6.79 -2.52 30.09
C VAL D 195 5.79 -2.05 31.17
N LYS D 196 5.55 -2.84 32.22
CA LYS D 196 4.68 -2.46 33.37
C LYS D 196 5.06 -1.07 33.92
N PHE D 197 6.31 -0.64 33.73
CA PHE D 197 6.86 0.66 34.22
C PHE D 197 6.50 1.80 33.24
N MET D 198 6.36 1.51 31.94
CA MET D 198 5.87 2.50 30.91
C MET D 198 4.48 2.99 31.29
N ASP D 199 3.73 2.22 32.08
CA ASP D 199 2.39 2.61 32.61
C ASP D 199 2.52 3.86 33.48
N LEU D 200 3.70 4.09 34.08
CA LEU D 200 4.03 5.29 34.91
C LEU D 200 4.88 6.28 34.11
N LEU D 201 5.91 5.82 33.38
CA LEU D 201 6.77 6.74 32.61
C LEU D 201 5.94 7.51 31.58
N VAL D 202 5.31 6.81 30.63
CA VAL D 202 4.72 7.41 29.39
C VAL D 202 3.74 8.55 29.72
N PRO D 203 2.80 8.39 30.67
CA PRO D 203 1.99 9.54 31.09
C PRO D 203 2.88 10.67 31.62
N TRP D 204 3.70 10.37 32.64
CA TRP D 204 4.61 11.33 33.33
C TRP D 204 5.41 12.13 32.32
N LEU D 205 6.01 11.47 31.33
CA LEU D 205 6.79 12.17 30.25
C LEU D 205 5.84 13.11 29.50
N GLY D 206 4.61 12.66 29.20
CA GLY D 206 3.51 13.48 28.65
C GLY D 206 3.31 14.77 29.45
N ALA D 207 3.06 14.67 30.76
CA ALA D 207 2.99 15.84 31.67
C ALA D 207 4.18 16.75 31.39
N MET D 208 5.38 16.22 31.67
CA MET D 208 6.68 16.96 31.65
C MET D 208 6.94 17.52 30.23
N THR D 209 6.50 16.84 29.17
CA THR D 209 6.59 17.36 27.78
C THR D 209 5.71 18.61 27.63
N GLU D 210 4.58 18.70 28.36
CA GLU D 210 3.70 19.89 28.35
C GLU D 210 4.47 21.07 28.96
N TYR D 211 5.03 20.85 30.15
CA TYR D 211 5.83 21.82 30.95
C TYR D 211 6.96 22.44 30.11
N THR D 212 7.47 21.75 29.08
CA THR D 212 8.55 22.26 28.20
C THR D 212 8.00 23.29 27.19
N LYS D 213 6.68 23.27 26.93
CA LYS D 213 5.98 24.27 26.09
C LYS D 213 5.99 25.61 26.84
N GLY D 214 5.61 25.58 28.12
CA GLY D 214 5.59 26.74 29.01
C GLY D 214 6.98 27.06 29.56
N MET D 215 8.01 26.55 28.89
CA MET D 215 9.44 26.77 29.24
C MET D 215 10.12 27.43 28.05
N ALA D 216 9.82 27.00 26.82
CA ALA D 216 10.24 27.70 25.58
C ALA D 216 9.75 29.16 25.61
N LYS D 217 8.54 29.38 26.13
CA LYS D 217 7.93 30.72 26.35
C LYS D 217 8.85 31.54 27.25
N GLN D 218 9.11 31.06 28.48
CA GLN D 218 10.09 31.65 29.43
C GLN D 218 11.38 31.98 28.66
N ILE D 219 12.02 30.97 28.06
CA ILE D 219 13.31 31.08 27.32
C ILE D 219 13.22 32.19 26.27
N ASP D 220 12.05 32.40 25.66
CA ASP D 220 11.85 33.38 24.56
C ASP D 220 11.73 34.80 25.13
N GLU D 221 11.09 34.96 26.29
CA GLU D 221 10.81 36.28 26.93
C GLU D 221 11.96 36.57 27.92
N GLY D 222 12.04 35.85 29.04
CA GLY D 222 13.21 35.89 29.96
C GLY D 222 12.81 35.84 31.42
N LYS D 223 11.81 35.02 31.76
CA LYS D 223 11.28 34.92 33.16
C LYS D 223 12.31 34.21 34.05
N TYR D 224 12.31 32.87 34.05
CA TYR D 224 13.13 31.98 34.90
C TYR D 224 12.70 32.11 36.38
N SER D 229 9.79 25.04 42.84
CA SER D 229 10.37 24.11 41.82
C SER D 229 11.80 24.57 41.53
N ASN D 230 12.63 24.65 42.57
CA ASN D 230 13.87 25.48 42.62
C ASN D 230 15.14 24.62 42.46
N LEU D 231 16.11 25.14 41.71
CA LEU D 231 17.43 24.52 41.38
C LEU D 231 18.16 23.99 42.62
N ALA D 232 17.97 24.58 43.80
CA ALA D 232 18.63 24.09 45.04
C ALA D 232 18.06 22.71 45.41
N MET D 233 16.73 22.53 45.36
CA MET D 233 16.03 21.27 45.78
C MET D 233 16.25 20.21 44.69
N GLN D 234 16.19 20.59 43.42
CA GLN D 234 16.41 19.65 42.30
C GLN D 234 17.81 19.05 42.46
N LEU D 235 18.83 19.88 42.71
CA LEU D 235 20.23 19.46 42.98
C LEU D 235 20.26 18.36 44.05
N VAL D 236 19.55 18.48 45.17
CA VAL D 236 19.60 17.45 46.25
C VAL D 236 18.79 16.25 45.76
N GLY D 237 17.84 16.48 44.85
CA GLY D 237 17.11 15.41 44.14
C GLY D 237 18.05 14.60 43.26
N ILE D 238 18.69 15.25 42.28
CA ILE D 238 19.67 14.64 41.34
C ILE D 238 20.73 13.86 42.14
N GLN D 239 21.14 14.36 43.30
CA GLN D 239 22.10 13.63 44.19
C GLN D 239 21.48 12.34 44.72
N ASN D 240 20.17 12.32 44.98
CA ASN D 240 19.45 11.09 45.43
C ASN D 240 19.41 10.06 44.30
N ILE D 241 19.33 10.48 43.03
CA ILE D 241 19.32 9.56 41.86
C ILE D 241 20.71 8.91 41.72
N ILE D 242 21.78 9.71 41.80
CA ILE D 242 23.20 9.23 41.72
C ILE D 242 23.49 8.23 42.84
N ASP D 243 23.17 8.57 44.08
CA ASP D 243 23.33 7.66 45.26
C ASP D 243 22.52 6.38 45.03
N ALA D 244 21.28 6.49 44.52
CA ALA D 244 20.35 5.35 44.30
C ALA D 244 20.85 4.44 43.17
N SER D 245 21.37 5.04 42.09
CA SER D 245 21.95 4.36 40.91
C SER D 245 23.14 3.48 41.33
N GLU D 246 24.09 4.03 42.09
CA GLU D 246 25.27 3.30 42.60
C GLU D 246 24.79 2.08 43.41
N ALA D 247 23.79 2.28 44.29
CA ALA D 247 23.26 1.24 45.19
C ALA D 247 22.57 0.13 44.38
N GLN D 248 21.99 0.44 43.22
CA GLN D 248 21.34 -0.55 42.31
C GLN D 248 22.36 -1.03 41.26
N GLN D 249 23.64 -0.73 41.43
CA GLN D 249 24.71 -1.14 40.48
C GLN D 249 24.44 -0.57 39.07
N VAL D 250 23.76 0.58 38.97
CA VAL D 250 23.46 1.31 37.69
C VAL D 250 24.37 2.54 37.59
N SER D 251 24.83 2.86 36.37
CA SER D 251 25.61 4.08 36.02
C SER D 251 24.72 5.32 36.04
N ALA D 252 25.13 6.37 36.75
CA ALA D 252 24.44 7.67 36.77
C ALA D 252 25.10 8.65 35.78
N GLU D 253 25.75 8.15 34.73
CA GLU D 253 26.52 9.00 33.79
C GLU D 253 25.58 9.78 32.88
N PHE D 254 24.31 9.40 32.79
CA PHE D 254 23.31 10.08 31.92
C PHE D 254 22.93 11.43 32.55
N ILE D 255 22.95 11.49 33.89
CA ILE D 255 22.48 12.66 34.70
C ILE D 255 23.64 13.62 35.02
N ARG D 256 24.90 13.21 34.92
CA ARG D 256 26.06 14.03 35.40
C ARG D 256 26.04 15.40 34.73
N PRO D 257 25.92 15.53 33.39
CA PRO D 257 25.95 16.84 32.76
C PRO D 257 24.84 17.72 33.37
N MET D 258 23.64 17.17 33.56
CA MET D 258 22.55 17.96 34.19
C MET D 258 23.08 18.52 35.50
N LYS D 259 23.67 17.67 36.36
CA LYS D 259 24.21 18.06 37.70
C LYS D 259 25.26 19.16 37.51
N GLU D 260 26.24 18.95 36.65
CA GLU D 260 27.32 19.94 36.39
C GLU D 260 26.65 21.29 36.05
N PHE D 261 25.61 21.29 35.20
CA PHE D 261 24.92 22.52 34.74
C PHE D 261 24.13 23.18 35.88
N MET D 262 23.38 22.44 36.69
CA MET D 262 22.65 23.01 37.86
C MET D 262 23.64 23.59 38.87
N GLN D 263 24.80 22.96 39.07
CA GLN D 263 25.88 23.44 39.98
C GLN D 263 26.43 24.78 39.46
N LYS D 264 26.69 24.91 38.15
CA LYS D 264 27.10 26.20 37.52
C LYS D 264 26.03 27.26 37.85
N ALA D 265 24.76 26.85 37.90
CA ALA D 265 23.58 27.75 38.01
C ALA D 265 23.44 28.26 39.45
N VAL D 266 23.41 27.38 40.46
CA VAL D 266 23.18 27.83 41.87
C VAL D 266 24.38 28.68 42.30
N ALA D 267 25.59 28.25 41.94
CA ALA D 267 26.88 28.96 42.18
C ALA D 267 26.83 30.36 41.58
N ALA D 268 26.25 30.50 40.38
CA ALA D 268 26.11 31.77 39.63
C ALA D 268 24.83 32.51 40.05
N GLY D 269 24.15 32.04 41.10
CA GLY D 269 23.11 32.77 41.83
C GLY D 269 21.69 32.27 41.60
N HIS D 270 21.48 31.24 40.76
CA HIS D 270 20.12 30.81 40.34
C HIS D 270 19.51 29.77 41.29
N GLY D 271 19.95 29.76 42.56
CA GLY D 271 19.52 28.81 43.59
C GLY D 271 18.01 28.68 43.66
N GLY D 272 17.30 29.81 43.52
CA GLY D 272 15.83 29.87 43.65
C GLY D 272 15.11 29.97 42.32
N ASP D 273 15.81 29.85 41.20
CA ASP D 273 15.24 30.03 39.83
C ASP D 273 14.81 28.66 39.28
N ASP D 274 14.07 28.67 38.18
CA ASP D 274 13.45 27.49 37.52
C ASP D 274 14.50 26.83 36.62
N ILE D 275 14.28 25.58 36.24
CA ILE D 275 15.22 24.79 35.37
C ILE D 275 15.34 25.45 33.98
N SER D 276 14.48 26.42 33.66
CA SER D 276 14.56 27.24 32.42
C SER D 276 15.86 28.05 32.41
N SER D 277 16.25 28.54 33.58
CA SER D 277 17.44 29.41 33.81
C SER D 277 18.71 28.78 33.22
N LEU D 278 18.78 27.46 33.12
CA LEU D 278 19.99 26.72 32.66
C LEU D 278 20.27 27.04 31.19
N ILE D 279 19.30 27.57 30.46
CA ILE D 279 19.42 27.79 28.99
C ILE D 279 20.71 28.59 28.74
N ASP D 280 21.01 29.58 29.58
CA ASP D 280 22.15 30.52 29.43
C ASP D 280 23.48 29.85 29.87
N PHE D 281 23.43 28.67 30.48
CA PHE D 281 24.64 27.95 30.96
C PHE D 281 24.99 26.75 30.07
N VAL D 282 24.34 26.59 28.92
CA VAL D 282 24.69 25.54 27.92
C VAL D 282 25.39 26.23 26.74
N LYS D 283 25.30 27.59 26.69
CA LYS D 283 25.80 28.39 25.53
C LYS D 283 27.22 28.88 25.85
N SER E 3 -8.68 15.58 60.51
CA SER E 3 -7.56 16.45 60.94
C SER E 3 -6.22 15.90 60.39
N VAL E 4 -5.38 16.78 59.85
CA VAL E 4 -3.98 16.46 59.41
C VAL E 4 -3.03 17.52 59.99
N SER E 5 -1.75 17.18 60.16
CA SER E 5 -0.69 18.10 60.62
C SER E 5 0.55 18.02 59.71
N ILE E 6 0.85 19.09 58.99
CA ILE E 6 1.95 19.14 57.99
C ILE E 6 3.23 19.68 58.66
N PHE E 7 4.38 19.24 58.16
CA PHE E 7 5.74 19.76 58.47
C PHE E 7 6.43 20.12 57.15
N GLY E 8 6.94 21.36 57.06
CA GLY E 8 7.65 21.86 55.86
C GLY E 8 6.73 22.63 54.94
N LEU E 9 6.94 23.94 54.80
CA LEU E 9 6.04 24.84 54.05
C LEU E 9 6.84 25.50 52.91
N GLY E 10 7.55 24.68 52.15
CA GLY E 10 8.19 25.11 50.89
C GLY E 10 7.16 25.21 49.79
N ALA E 11 7.60 25.19 48.53
CA ALA E 11 6.73 25.26 47.34
C ALA E 11 5.75 24.09 47.33
N MET E 12 6.14 22.93 47.86
CA MET E 12 5.36 21.67 47.75
C MET E 12 4.48 21.49 48.99
N GLY E 13 5.01 21.73 50.19
CA GLY E 13 4.30 21.54 51.47
C GLY E 13 3.16 22.53 51.67
N THR E 14 3.20 23.66 50.95
CA THR E 14 2.18 24.74 50.96
C THR E 14 1.05 24.34 50.00
N ALA E 15 1.41 24.06 48.74
CA ALA E 15 0.52 23.47 47.72
C ALA E 15 -0.31 22.34 48.35
N LEU E 16 0.36 21.39 49.02
CA LEU E 16 -0.31 20.29 49.77
C LEU E 16 -1.22 20.89 50.82
N ALA E 17 -0.71 21.77 51.70
CA ALA E 17 -1.45 22.35 52.84
C ALA E 17 -2.68 23.10 52.32
N SER E 18 -2.49 23.98 51.32
CA SER E 18 -3.56 24.73 50.62
C SER E 18 -4.67 23.77 50.14
N ARG E 19 -4.32 22.61 49.57
CA ARG E 19 -5.30 21.67 48.97
C ARG E 19 -6.15 21.06 50.10
N PHE E 20 -5.52 20.61 51.18
CA PHE E 20 -6.23 20.02 52.34
C PHE E 20 -7.28 21.01 52.87
N LEU E 21 -7.03 22.32 52.70
CA LEU E 21 -7.96 23.40 53.13
C LEU E 21 -9.16 23.45 52.16
N GLU E 22 -8.89 23.38 50.85
CA GLU E 22 -9.91 23.45 49.77
C GLU E 22 -10.89 22.26 49.86
N GLU E 23 -10.49 21.16 50.51
CA GLU E 23 -11.38 20.00 50.84
C GLU E 23 -11.79 20.07 52.32
N LYS E 24 -11.76 21.27 52.91
CA LYS E 24 -12.29 21.54 54.27
C LYS E 24 -11.82 20.45 55.24
N TYR E 25 -10.50 20.42 55.53
CA TYR E 25 -9.87 19.58 56.58
C TYR E 25 -9.47 20.48 57.75
N LYS E 26 -9.15 19.87 58.90
CA LYS E 26 -8.56 20.57 60.08
C LYS E 26 -7.03 20.53 59.94
N VAL E 27 -6.46 21.38 59.06
CA VAL E 27 -5.01 21.36 58.68
C VAL E 27 -4.18 22.06 59.75
N ALA E 28 -3.30 21.35 60.46
CA ALA E 28 -2.24 21.93 61.31
C ALA E 28 -0.96 22.07 60.47
N VAL E 29 -0.17 23.13 60.67
CA VAL E 29 1.07 23.36 59.85
C VAL E 29 2.23 23.85 60.73
N TRP E 30 3.45 23.58 60.26
CA TRP E 30 4.75 23.83 60.95
C TRP E 30 5.79 24.19 59.90
N ASN E 31 6.81 24.97 60.29
CA ASN E 31 7.99 25.27 59.45
C ASN E 31 9.14 25.69 60.39
N ARG E 32 10.37 25.73 59.89
CA ARG E 32 11.49 26.40 60.61
C ARG E 32 11.09 27.87 60.76
N SER E 33 10.76 28.51 59.63
CA SER E 33 10.38 29.94 59.52
C SER E 33 8.92 30.07 59.07
N PRO E 34 7.95 30.31 59.98
CA PRO E 34 6.54 30.31 59.62
C PRO E 34 6.08 31.60 58.92
N SER E 39 2.29 32.16 55.98
CA SER E 39 1.50 31.23 56.83
C SER E 39 0.03 31.61 56.76
N LEU E 40 -0.54 31.57 55.56
CA LEU E 40 -1.98 31.84 55.25
C LEU E 40 -2.88 30.94 56.12
N LEU E 41 -3.02 31.32 57.39
CA LEU E 41 -4.16 30.86 58.23
C LEU E 41 -5.46 31.44 57.66
N GLY E 42 -5.38 32.27 56.62
CA GLY E 42 -6.52 32.73 55.79
C GLY E 42 -7.38 31.58 55.30
N LYS E 43 -6.77 30.47 54.91
CA LYS E 43 -7.47 29.25 54.41
C LYS E 43 -7.87 28.35 55.60
N GLY E 44 -7.49 28.72 56.82
CA GLY E 44 -8.00 28.13 58.08
C GLY E 44 -6.93 27.42 58.91
N ALA E 45 -5.69 27.33 58.43
CA ALA E 45 -4.63 26.47 59.00
C ALA E 45 -4.29 26.88 60.43
N THR E 46 -3.87 25.92 61.24
CA THR E 46 -3.44 26.10 62.66
C THR E 46 -1.91 25.97 62.70
N LEU E 47 -1.21 26.97 63.24
CA LEU E 47 0.27 27.02 63.34
C LEU E 47 0.74 26.23 64.57
N SER E 48 1.51 25.16 64.35
CA SER E 48 2.26 24.40 65.40
C SER E 48 3.49 25.20 65.81
N HIS E 49 3.54 25.67 67.07
CA HIS E 49 4.61 26.55 67.59
C HIS E 49 5.95 25.80 67.55
N THR E 50 5.91 24.53 67.93
CA THR E 50 7.06 23.59 67.95
C THR E 50 6.69 22.34 67.13
N ALA E 51 7.66 21.45 66.89
CA ALA E 51 7.45 20.14 66.24
C ALA E 51 6.56 19.25 67.13
N VAL E 52 6.68 19.36 68.46
CA VAL E 52 5.89 18.56 69.44
C VAL E 52 4.40 18.93 69.32
N ASP E 53 4.11 20.23 69.27
CA ASP E 53 2.72 20.80 69.19
C ASP E 53 2.11 20.43 67.83
N GLY E 54 2.93 20.25 66.80
CA GLY E 54 2.49 19.81 65.46
C GLY E 54 2.35 18.30 65.37
N ILE E 55 3.10 17.56 66.19
CA ILE E 55 3.00 16.07 66.28
C ILE E 55 1.68 15.73 67.00
N ASN E 56 1.32 16.50 68.04
CA ASN E 56 0.12 16.27 68.90
C ASN E 56 -1.12 16.91 68.26
N ALA E 57 -0.95 17.68 67.19
CA ALA E 57 -2.03 18.37 66.46
C ALA E 57 -2.98 17.35 65.82
N SER E 58 -2.45 16.20 65.39
CA SER E 58 -3.16 15.20 64.55
C SER E 58 -2.48 13.83 64.63
N ILE E 61 0.33 12.60 60.02
CA ILE E 61 1.44 13.59 59.92
C ILE E 61 2.08 13.47 58.53
N ILE E 62 1.84 14.45 57.66
CA ILE E 62 2.41 14.51 56.29
C ILE E 62 3.64 15.42 56.33
N ILE E 63 4.84 14.83 56.44
CA ILE E 63 6.13 15.57 56.34
C ILE E 63 6.47 15.80 54.86
N CYS E 64 7.11 16.93 54.54
CA CYS E 64 7.53 17.27 53.15
C CYS E 64 8.58 18.38 53.14
N LEU E 65 9.87 18.00 53.13
CA LEU E 65 11.02 18.89 53.44
C LEU E 65 12.06 18.80 52.31
N LEU E 66 13.27 19.35 52.52
CA LEU E 66 14.38 19.41 51.52
C LEU E 66 15.01 18.03 51.35
N ASP E 67 15.40 17.41 52.46
CA ASP E 67 16.03 16.07 52.51
C ASP E 67 15.44 15.30 53.71
N ASN E 68 15.89 14.07 53.90
CA ASN E 68 15.53 13.22 55.07
C ASN E 68 16.36 13.69 56.29
N ALA E 69 17.52 14.30 56.07
CA ALA E 69 18.34 14.87 57.16
C ALA E 69 17.44 15.85 57.93
N ALA E 70 16.84 16.81 57.21
CA ALA E 70 15.85 17.80 57.71
C ALA E 70 14.68 17.09 58.43
N VAL E 71 14.26 15.91 57.96
CA VAL E 71 13.20 15.11 58.64
C VAL E 71 13.68 14.76 60.05
N GLU E 72 14.82 14.06 60.16
CA GLU E 72 15.45 13.68 61.46
C GLU E 72 15.72 14.93 62.31
N ALA E 73 16.33 15.96 61.71
CA ALA E 73 16.77 17.19 62.40
C ALA E 73 15.57 17.86 63.10
N THR E 74 14.48 18.06 62.36
CA THR E 74 13.25 18.79 62.77
C THR E 74 12.46 18.00 63.82
N LEU E 75 12.33 16.69 63.64
CA LEU E 75 11.54 15.81 64.54
C LEU E 75 12.38 15.35 65.76
N ALA E 76 13.67 15.69 65.81
CA ALA E 76 14.59 15.28 66.90
C ALA E 76 13.92 15.52 68.26
N GLY E 77 13.87 16.78 68.72
CA GLY E 77 13.27 17.20 69.99
C GLY E 77 12.04 16.38 70.38
N ALA E 78 11.23 15.96 69.40
CA ALA E 78 9.93 15.28 69.60
C ALA E 78 10.09 13.77 69.44
N LEU E 79 11.14 13.18 70.01
CA LEU E 79 11.43 11.72 69.88
C LEU E 79 10.33 10.91 70.57
N ASP E 80 10.02 11.26 71.83
CA ASP E 80 9.30 10.41 72.82
C ASP E 80 7.78 10.42 72.55
N HIS E 81 7.26 11.51 71.97
CA HIS E 81 5.81 11.75 71.73
C HIS E 81 5.36 11.13 70.39
N LEU E 82 6.10 10.16 69.85
CA LEU E 82 5.91 9.64 68.46
C LEU E 82 4.96 8.43 68.47
N HIS E 83 4.92 7.67 69.59
CA HIS E 83 4.11 6.42 69.66
C HIS E 83 2.63 6.73 69.37
N GLY E 84 2.10 6.13 68.29
CA GLY E 84 0.67 6.15 67.92
C GLY E 84 0.42 6.89 66.63
N LYS E 85 1.35 7.77 66.22
CA LYS E 85 1.26 8.59 64.97
C LYS E 85 1.52 7.72 63.73
N ILE E 87 3.16 8.49 60.18
CA ILE E 87 4.13 9.39 59.48
C ILE E 87 4.09 9.06 57.98
N ILE E 88 3.62 10.01 57.14
CA ILE E 88 3.76 9.98 55.65
C ILE E 88 4.88 10.96 55.25
N ASN E 89 6.06 10.46 54.91
CA ASN E 89 7.20 11.32 54.49
C ASN E 89 7.17 11.40 52.97
N LEU E 90 6.90 12.58 52.42
CA LEU E 90 6.80 12.79 50.96
C LEU E 90 8.14 13.30 50.46
N THR E 91 9.06 13.59 51.38
CA THR E 91 10.44 14.05 51.10
C THR E 91 11.09 13.12 50.09
N ASN E 92 11.45 13.64 48.92
CA ASN E 92 12.25 12.91 47.90
C ASN E 92 13.56 12.49 48.56
N GLY E 93 14.07 11.31 48.22
CA GLY E 93 15.28 10.71 48.82
C GLY E 93 15.63 9.40 48.16
N THR E 94 16.61 8.70 48.74
CA THR E 94 17.08 7.36 48.30
C THR E 94 16.18 6.30 48.93
N PRO E 95 16.08 5.10 48.33
CA PRO E 95 15.41 3.97 48.97
C PRO E 95 16.00 3.68 50.36
N ASP E 96 17.32 3.76 50.49
CA ASP E 96 18.07 3.40 51.73
C ASP E 96 17.84 4.47 52.81
N GLN E 97 17.84 5.75 52.45
CA GLN E 97 17.44 6.84 53.40
C GLN E 97 16.09 6.44 54.00
N ALA E 98 15.13 6.07 53.14
CA ALA E 98 13.71 5.80 53.47
C ALA E 98 13.59 4.59 54.39
N ARG E 99 14.40 3.55 54.15
CA ARG E 99 14.40 2.29 54.96
C ARG E 99 15.02 2.59 56.32
N LYS E 100 16.10 3.38 56.37
CA LYS E 100 16.81 3.75 57.62
C LYS E 100 15.85 4.56 58.51
N LEU E 101 15.08 5.47 57.91
CA LEU E 101 14.06 6.32 58.60
C LEU E 101 12.91 5.44 59.10
N SER E 102 12.41 4.52 58.26
CA SER E 102 11.24 3.65 58.55
C SER E 102 11.54 2.76 59.76
N ASP E 103 12.75 2.22 59.85
CA ASP E 103 13.23 1.34 60.96
C ASP E 103 13.46 2.21 62.21
N ARG E 104 14.05 3.40 62.04
CA ARG E 104 14.36 4.35 63.15
C ARG E 104 13.07 4.77 63.84
N PHE E 105 12.03 5.10 63.06
CA PHE E 105 10.75 5.70 63.55
C PHE E 105 9.79 4.60 64.04
N VAL E 106 9.80 3.42 63.41
CA VAL E 106 8.94 2.28 63.88
C VAL E 106 9.53 1.72 65.19
N SER E 107 10.81 1.94 65.45
CA SER E 107 11.49 1.57 66.73
C SER E 107 10.96 2.44 67.88
N HIS E 108 10.37 3.60 67.55
CA HIS E 108 9.86 4.60 68.54
C HIS E 108 8.32 4.66 68.47
N GLY E 109 7.68 3.59 68.00
CA GLY E 109 6.25 3.31 68.24
C GLY E 109 5.36 3.70 67.09
N ALA E 110 5.86 4.52 66.16
CA ALA E 110 5.10 5.07 65.01
C ALA E 110 4.83 3.95 63.99
N ARG E 111 4.35 4.31 62.80
CA ARG E 111 4.05 3.38 61.69
C ARG E 111 4.26 4.14 60.38
N TYR E 112 5.35 3.87 59.67
CA TYR E 112 5.95 4.75 58.63
C TYR E 112 5.47 4.33 57.24
N VAL E 113 5.22 5.29 56.37
CA VAL E 113 5.01 5.09 54.90
C VAL E 113 5.61 6.28 54.16
N HIS E 114 6.05 6.06 52.92
CA HIS E 114 6.90 7.01 52.14
C HIS E 114 6.26 7.22 50.77
N GLY E 115 6.44 8.40 50.19
CA GLY E 115 5.71 8.78 48.97
C GLY E 115 6.53 9.68 48.08
N GLY E 116 6.67 9.28 46.82
CA GLY E 116 7.21 10.15 45.76
C GLY E 116 6.09 10.91 45.10
N ILE E 117 6.05 12.22 45.35
CA ILE E 117 5.03 13.16 44.78
C ILE E 117 5.38 13.32 43.30
N MET E 118 4.79 12.53 42.41
CA MET E 118 4.95 12.71 40.94
C MET E 118 3.99 13.82 40.50
N ALA E 119 4.29 15.05 40.91
CA ALA E 119 3.49 16.27 40.64
C ALA E 119 4.28 17.52 41.04
N THR E 120 4.33 18.52 40.15
CA THR E 120 4.75 19.91 40.49
C THR E 120 3.70 20.51 41.41
N PRO E 121 3.99 21.64 42.09
CA PRO E 121 3.02 22.19 43.06
C PRO E 121 1.65 22.52 42.44
N SER E 122 1.65 23.20 41.28
CA SER E 122 0.42 23.68 40.59
C SER E 122 -0.50 22.50 40.25
N MET E 123 0.07 21.31 39.98
CA MET E 123 -0.67 20.06 39.65
C MET E 123 -1.28 19.44 40.90
N ILE E 124 -0.82 19.78 42.10
CA ILE E 124 -1.41 19.14 43.32
C ILE E 124 -2.91 19.45 43.27
N GLY E 125 -3.75 18.50 43.71
CA GLY E 125 -5.22 18.59 43.62
C GLY E 125 -5.76 18.36 42.21
N SER E 126 -4.92 18.40 41.17
CA SER E 126 -5.36 18.27 39.75
C SER E 126 -5.59 16.78 39.45
N PRO E 127 -6.23 16.44 38.29
CA PRO E 127 -6.39 15.05 37.88
C PRO E 127 -5.08 14.28 37.65
N TYR E 128 -4.08 14.93 37.03
CA TYR E 128 -2.79 14.35 36.59
C TYR E 128 -1.78 14.27 37.76
N ALA E 129 -2.10 14.84 38.91
CA ALA E 129 -1.29 14.64 40.14
C ALA E 129 -1.27 13.15 40.45
N LEU E 130 -0.12 12.64 40.90
CA LEU E 130 0.13 11.21 41.22
C LEU E 130 1.17 11.15 42.35
N VAL E 131 0.99 10.22 43.30
CA VAL E 131 1.95 9.99 44.41
C VAL E 131 2.08 8.47 44.62
N LEU E 132 3.31 7.95 44.49
CA LEU E 132 3.66 6.53 44.73
C LEU E 132 3.88 6.38 46.23
N TYR E 133 3.30 5.37 46.88
CA TYR E 133 3.48 5.11 48.33
C TYR E 133 3.90 3.66 48.56
N SER E 134 4.87 3.48 49.45
CA SER E 134 5.36 2.19 49.98
C SER E 134 5.56 2.34 51.48
N GLY E 135 5.62 1.25 52.23
CA GLY E 135 5.72 1.25 53.71
C GLY E 135 4.55 0.52 54.34
N SER E 136 4.42 0.58 55.67
CA SER E 136 3.42 -0.15 56.48
C SER E 136 2.03 -0.01 55.86
N PRO E 137 1.48 -1.07 55.23
CA PRO E 137 0.22 -0.97 54.49
C PRO E 137 -1.01 -0.83 55.41
N ASP E 138 -0.86 -1.22 56.69
CA ASP E 138 -1.89 -1.00 57.75
C ASP E 138 -2.16 0.50 57.89
N ALA E 139 -1.11 1.29 58.10
CA ALA E 139 -1.13 2.77 58.22
C ALA E 139 -1.65 3.41 56.93
N PHE E 140 -1.17 2.95 55.77
CA PHE E 140 -1.54 3.53 54.45
C PHE E 140 -3.03 3.36 54.18
N LYS E 141 -3.61 2.22 54.57
CA LYS E 141 -5.02 1.86 54.26
C LYS E 141 -5.95 2.85 54.99
N ALA E 142 -5.62 3.21 56.24
CA ALA E 142 -6.41 4.16 57.05
C ALA E 142 -6.30 5.56 56.42
N LEU E 147 -5.33 11.29 52.08
CA LEU E 147 -4.24 11.63 51.10
C LEU E 147 -4.82 11.86 49.71
N SER E 148 -5.89 11.14 49.36
CA SER E 148 -6.51 11.11 48.01
C SER E 148 -6.88 12.51 47.48
N VAL E 149 -7.09 13.48 48.38
CA VAL E 149 -7.41 14.90 48.04
C VAL E 149 -6.27 15.48 47.19
N LEU E 150 -5.02 15.09 47.46
CA LEU E 150 -3.79 15.71 46.89
C LEU E 150 -3.58 15.24 45.45
N ALA E 151 -3.68 13.93 45.21
CA ALA E 151 -3.37 13.29 43.92
C ALA E 151 -3.87 11.84 43.92
N LYS E 152 -3.70 11.16 42.78
CA LYS E 152 -4.09 9.73 42.59
C LYS E 152 -3.08 8.85 43.33
N CYS E 153 -3.45 8.32 44.51
CA CYS E 153 -2.65 7.33 45.27
C CYS E 153 -2.31 6.11 44.40
N VAL E 154 -1.16 5.46 44.65
CA VAL E 154 -0.68 4.25 43.92
C VAL E 154 0.29 3.47 44.84
N PHE E 155 -0.24 2.63 45.74
CA PHE E 155 0.57 1.81 46.68
C PHE E 155 1.35 0.77 45.89
N LEU E 156 2.54 0.35 46.37
CA LEU E 156 3.34 -0.71 45.69
C LEU E 156 4.43 -1.29 46.61
N GLY E 157 4.02 -1.81 47.78
CA GLY E 157 4.83 -2.75 48.59
C GLY E 157 4.97 -2.32 50.05
N GLU E 158 5.36 -3.26 50.92
CA GLU E 158 5.67 -3.05 52.36
C GLU E 158 7.14 -2.63 52.50
N ASP E 159 7.85 -2.49 51.37
CA ASP E 159 9.27 -2.08 51.28
C ASP E 159 9.36 -0.55 51.34
N ALA E 160 9.74 -0.01 52.50
CA ALA E 160 9.66 1.43 52.88
C ALA E 160 10.31 2.35 51.84
N GLY E 161 11.12 1.83 50.91
CA GLY E 161 11.92 2.64 49.96
C GLY E 161 11.63 2.36 48.50
N THR E 162 10.51 1.68 48.19
CA THR E 162 10.11 1.30 46.81
C THR E 162 9.59 2.54 46.05
N ALA E 163 8.78 3.38 46.73
CA ALA E 163 8.23 4.66 46.21
C ALA E 163 9.36 5.59 45.77
N SER E 164 10.42 5.66 46.59
CA SER E 164 11.63 6.50 46.38
C SER E 164 12.41 6.03 45.15
N LEU E 165 12.56 4.72 44.98
CA LEU E 165 13.23 4.12 43.79
C LEU E 165 12.46 4.54 42.53
N HIS E 166 11.12 4.45 42.57
CA HIS E 166 10.22 4.79 41.44
C HIS E 166 10.20 6.31 41.23
N ASP E 167 10.24 7.08 42.32
CA ASP E 167 10.38 8.55 42.25
C ASP E 167 11.59 8.88 41.38
N LEU E 168 12.77 8.45 41.84
CA LEU E 168 14.09 8.84 41.28
C LEU E 168 14.18 8.35 39.83
N ALA E 169 13.73 7.11 39.55
CA ALA E 169 13.64 6.56 38.19
C ALA E 169 12.86 7.54 37.28
N LEU E 170 11.64 7.90 37.68
CA LEU E 170 10.76 8.75 36.83
C LEU E 170 11.45 10.10 36.58
N LEU E 171 11.93 10.74 37.65
CA LEU E 171 12.79 11.96 37.63
C LEU E 171 13.99 11.80 36.68
N SER E 172 14.69 10.67 36.72
CA SER E 172 15.81 10.34 35.80
C SER E 172 15.37 10.53 34.33
N GLY E 173 14.14 10.13 33.98
CA GLY E 173 13.57 10.23 32.62
C GLY E 173 13.09 11.64 32.30
N MET E 174 12.52 12.31 33.30
CA MET E 174 12.24 13.76 33.23
C MET E 174 13.52 14.48 32.82
N TYR E 175 14.56 14.32 33.64
CA TYR E 175 15.84 15.07 33.52
C TYR E 175 16.52 14.75 32.17
N GLY E 176 16.35 13.52 31.67
CA GLY E 176 16.71 13.16 30.29
C GLY E 176 16.02 14.10 29.32
N LEU E 177 14.70 14.29 29.51
CA LEU E 177 13.80 15.01 28.56
C LEU E 177 14.22 16.49 28.54
N PHE E 178 14.38 17.11 29.72
CA PHE E 178 14.79 18.55 29.84
C PHE E 178 16.18 18.74 29.24
N SER E 179 17.08 17.78 29.44
CA SER E 179 18.47 17.80 28.90
C SER E 179 18.41 17.82 27.37
N GLY E 180 17.45 17.11 26.79
CA GLY E 180 17.26 17.10 25.33
C GLY E 180 16.65 18.40 24.83
N PHE E 181 15.61 18.86 25.52
CA PHE E 181 14.89 20.14 25.27
C PHE E 181 15.90 21.30 25.23
N LEU E 182 16.58 21.53 26.35
CA LEU E 182 17.66 22.55 26.53
C LEU E 182 18.68 22.45 25.40
N HIS E 183 19.26 21.27 25.18
CA HIS E 183 20.26 21.07 24.09
C HIS E 183 19.62 21.45 22.75
N ALA E 184 18.44 20.90 22.45
CA ALA E 184 17.70 21.08 21.18
C ALA E 184 17.35 22.55 20.96
N THR E 185 16.74 23.21 21.95
CA THR E 185 16.42 24.67 21.89
C THR E 185 17.71 25.46 21.62
N ALA E 186 18.64 25.47 22.60
CA ALA E 186 20.00 26.02 22.48
C ALA E 186 20.51 25.89 21.05
N LEU E 187 20.50 24.69 20.47
CA LEU E 187 21.21 24.39 19.20
C LEU E 187 20.57 25.18 18.07
N VAL E 188 19.30 25.57 18.24
CA VAL E 188 18.46 26.14 17.14
C VAL E 188 18.22 27.65 17.37
N ARG E 189 18.33 28.13 18.61
CA ARG E 189 18.13 29.56 19.00
C ARG E 189 18.55 30.51 17.88
N SER E 190 19.78 30.37 17.37
CA SER E 190 20.38 31.32 16.38
C SER E 190 19.45 31.46 15.17
N SER E 191 18.84 30.36 14.73
CA SER E 191 18.16 30.24 13.41
C SER E 191 16.65 30.48 13.54
N THR E 192 16.06 30.17 14.70
CA THR E 192 14.59 30.24 14.93
C THR E 192 14.28 30.29 16.43
N PRO E 193 13.10 30.86 16.81
CA PRO E 193 12.70 30.94 18.21
C PRO E 193 12.18 29.62 18.77
N ALA E 194 12.25 29.45 20.11
CA ALA E 194 12.01 28.17 20.79
C ALA E 194 10.56 27.71 20.59
N VAL E 195 9.60 28.64 20.70
CA VAL E 195 8.14 28.36 20.59
C VAL E 195 7.85 27.79 19.19
N LYS E 196 8.13 28.54 18.12
CA LYS E 196 7.95 28.07 16.70
C LYS E 196 8.64 26.72 16.50
N PHE E 197 9.65 26.38 17.31
CA PHE E 197 10.43 25.11 17.21
C PHE E 197 9.69 23.97 17.94
N MET E 198 8.90 24.27 18.98
CA MET E 198 8.03 23.27 19.69
C MET E 198 7.03 22.66 18.69
N ASP E 199 6.72 23.39 17.61
CA ASP E 199 5.84 22.91 16.51
C ASP E 199 6.45 21.66 15.86
N LEU E 200 7.78 21.51 15.93
CA LEU E 200 8.55 20.33 15.41
C LEU E 200 8.97 19.42 16.57
N LEU E 201 9.46 19.94 17.68
CA LEU E 201 9.89 19.11 18.84
C LEU E 201 8.71 18.27 19.34
N VAL E 202 7.64 18.91 19.82
CA VAL E 202 6.55 18.26 20.63
C VAL E 202 5.95 17.06 19.90
N PRO E 203 5.60 17.14 18.60
CA PRO E 203 5.20 15.95 17.86
C PRO E 203 6.32 14.89 17.88
N TRP E 204 7.51 15.26 17.39
CA TRP E 204 8.71 14.40 17.26
C TRP E 204 8.99 13.66 18.56
N LEU E 205 8.95 14.35 19.71
CA LEU E 205 9.16 13.72 21.03
C LEU E 205 8.05 12.69 21.27
N GLY E 206 6.81 13.03 20.90
CA GLY E 206 5.65 12.10 20.87
C GLY E 206 5.98 10.83 20.12
N ALA E 207 6.39 10.92 18.85
CA ALA E 207 6.87 9.78 18.04
C ALA E 207 7.85 8.96 18.88
N MET E 208 8.99 9.59 19.21
CA MET E 208 10.15 8.96 19.89
C MET E 208 9.74 8.37 21.25
N THR E 209 8.79 9.00 21.96
CA THR E 209 8.25 8.45 23.23
C THR E 209 7.49 7.14 22.95
N GLU E 210 6.85 7.00 21.78
CA GLU E 210 6.13 5.76 21.38
C GLU E 210 7.17 4.65 21.21
N TYR E 211 8.21 4.94 20.42
CA TYR E 211 9.34 4.03 20.07
C TYR E 211 9.99 3.45 21.33
N THR E 212 9.93 4.14 22.47
CA THR E 212 10.50 3.64 23.75
C THR E 212 9.61 2.56 24.38
N LYS E 213 8.32 2.52 24.01
CA LYS E 213 7.36 1.47 24.44
C LYS E 213 7.77 0.15 23.78
N GLY E 214 8.01 0.20 22.47
CA GLY E 214 8.46 -0.93 21.65
C GLY E 214 9.94 -1.20 21.82
N MET E 215 10.54 -0.67 22.88
CA MET E 215 11.98 -0.83 23.23
C MET E 215 12.08 -1.47 24.61
N ALA E 216 11.24 -1.05 25.57
CA ALA E 216 11.07 -1.73 26.88
C ALA E 216 10.71 -3.21 26.66
N LYS E 217 9.90 -3.51 25.63
CA LYS E 217 9.54 -4.89 25.20
C LYS E 217 10.83 -5.67 24.88
N GLN E 218 11.59 -5.17 23.89
CA GLN E 218 12.93 -5.69 23.51
C GLN E 218 13.74 -5.93 24.81
N ILE E 219 13.96 -4.87 25.60
CA ILE E 219 14.75 -4.89 26.87
C ILE E 219 14.26 -6.00 27.80
N ASP E 220 12.95 -6.28 27.79
CA ASP E 220 12.31 -7.25 28.72
C ASP E 220 12.53 -8.69 28.22
N GLU E 221 12.54 -8.91 26.90
CA GLU E 221 12.74 -10.25 26.28
C GLU E 221 14.24 -10.45 25.99
N GLY E 222 14.80 -9.72 25.01
CA GLY E 222 16.23 -9.71 24.70
C GLY E 222 16.50 -9.70 23.19
N LYS E 223 15.65 -9.04 22.40
CA LYS E 223 15.74 -8.99 20.91
C LYS E 223 16.95 -8.14 20.50
N TYR E 224 16.79 -6.81 20.48
CA TYR E 224 17.82 -5.81 20.08
C TYR E 224 18.09 -5.89 18.57
N THR E 225 17.09 -6.30 17.78
CA THR E 225 17.18 -6.52 16.31
C THR E 225 16.86 -5.22 15.56
N SER E 226 17.73 -4.84 14.61
CA SER E 226 17.68 -3.56 13.86
C SER E 226 16.34 -3.41 13.13
N SER E 229 18.36 1.90 11.38
CA SER E 229 18.34 2.65 12.67
C SER E 229 19.41 2.07 13.59
N ASN E 230 20.66 1.92 13.07
CA ASN E 230 21.73 1.07 13.65
C ASN E 230 22.80 1.90 14.41
N LEU E 231 23.29 1.38 15.54
CA LEU E 231 24.26 2.02 16.46
C LEU E 231 25.50 2.57 15.73
N ALA E 232 25.92 1.99 14.61
CA ALA E 232 27.08 2.51 13.83
C ALA E 232 26.75 3.88 13.23
N MET E 233 25.57 4.02 12.64
CA MET E 233 25.13 5.26 11.93
C MET E 233 24.76 6.31 12.98
N GLN E 234 24.10 5.92 14.08
CA GLN E 234 23.72 6.87 15.16
C GLN E 234 25.00 7.50 15.68
N LEU E 235 26.03 6.70 15.97
CA LEU E 235 27.38 7.18 16.39
C LEU E 235 27.88 8.31 15.49
N VAL E 236 27.82 8.16 14.16
CA VAL E 236 28.35 9.20 13.23
C VAL E 236 27.37 10.37 13.24
N GLY E 237 26.10 10.09 13.57
CA GLY E 237 25.07 11.11 13.80
C GLY E 237 25.41 11.95 15.01
N ILE E 238 25.51 11.32 16.20
CA ILE E 238 25.85 11.98 17.49
C ILE E 238 27.14 12.81 17.31
N GLN E 239 28.09 12.36 16.51
CA GLN E 239 29.33 13.13 16.21
C GLN E 239 28.99 14.41 15.42
N ASN E 240 27.99 14.36 14.55
CA ASN E 240 27.52 15.55 13.79
C ASN E 240 26.84 16.56 14.74
N ILE E 241 26.15 16.09 15.79
CA ILE E 241 25.51 16.99 16.81
C ILE E 241 26.59 17.71 17.61
N ILE E 242 27.61 16.99 18.08
CA ILE E 242 28.76 17.55 18.86
C ILE E 242 29.50 18.61 18.03
N ASP E 243 29.88 18.28 16.79
CA ASP E 243 30.53 19.21 15.84
C ASP E 243 29.62 20.43 15.61
N ALA E 244 28.31 20.24 15.44
CA ALA E 244 27.30 21.31 15.15
C ALA E 244 27.09 22.22 16.36
N SER E 245 27.06 21.63 17.55
CA SER E 245 26.94 22.32 18.88
C SER E 245 28.12 23.27 19.09
N GLU E 246 29.34 22.81 18.90
CA GLU E 246 30.58 23.63 19.05
C GLU E 246 30.48 24.83 18.09
N ALA E 247 30.06 24.60 16.85
CA ALA E 247 29.97 25.62 15.78
C ALA E 247 28.91 26.66 16.14
N GLN E 248 27.85 26.28 16.86
CA GLN E 248 26.78 27.21 17.34
C GLN E 248 27.09 27.71 18.74
N GLN E 249 28.31 27.51 19.23
CA GLN E 249 28.74 27.98 20.58
C GLN E 249 27.87 27.33 21.66
N VAL E 250 27.31 26.13 21.43
CA VAL E 250 26.49 25.35 22.42
C VAL E 250 27.31 24.18 22.96
N SER E 251 27.16 23.87 24.25
CA SER E 251 27.76 22.67 24.90
C SER E 251 27.03 21.39 24.49
N ALA E 252 27.74 20.38 24.01
CA ALA E 252 27.25 19.02 23.70
C ALA E 252 27.50 18.07 24.87
N GLU E 253 27.59 18.57 26.09
CA GLU E 253 27.86 17.76 27.29
C GLU E 253 26.65 16.92 27.67
N PHE E 254 25.47 17.26 27.15
CA PHE E 254 24.19 16.53 27.43
C PHE E 254 24.23 15.16 26.74
N ILE E 255 24.89 15.09 25.56
CA ILE E 255 24.92 13.92 24.65
C ILE E 255 26.13 13.01 24.94
N ARG E 256 27.17 13.46 25.64
CA ARG E 256 28.43 12.66 25.81
C ARG E 256 28.13 11.27 26.36
N PRO E 257 27.35 11.13 27.47
CA PRO E 257 27.13 9.80 28.04
C PRO E 257 26.47 8.91 26.97
N MET E 258 25.51 9.43 26.20
CA MET E 258 24.90 8.63 25.12
C MET E 258 26.02 8.08 24.24
N LYS E 259 26.93 8.95 23.79
CA LYS E 259 28.07 8.58 22.90
C LYS E 259 28.93 7.49 23.59
N GLU E 260 29.35 7.74 24.82
CA GLU E 260 30.17 6.77 25.58
C GLU E 260 29.47 5.41 25.59
N PHE E 261 28.16 5.38 25.78
CA PHE E 261 27.35 4.13 25.86
C PHE E 261 27.24 3.43 24.50
N MET E 262 26.98 4.17 23.41
CA MET E 262 26.95 3.57 22.04
C MET E 262 28.33 3.01 21.68
N GLN E 263 29.42 3.67 22.08
CA GLN E 263 30.82 3.23 21.86
C GLN E 263 31.07 1.92 22.60
N LYS E 264 30.64 1.79 23.86
CA LYS E 264 30.72 0.50 24.61
C LYS E 264 30.01 -0.58 23.80
N ALA E 265 28.91 -0.22 23.11
CA ALA E 265 28.00 -1.16 22.42
C ALA E 265 28.61 -1.64 21.11
N VAL E 266 29.05 -0.75 20.22
CA VAL E 266 29.56 -1.20 18.87
C VAL E 266 30.86 -2.00 19.11
N ALA E 267 31.71 -1.54 20.02
CA ALA E 267 32.97 -2.20 20.46
C ALA E 267 32.68 -3.62 20.96
N ALA E 268 31.57 -3.78 21.72
CA ALA E 268 31.12 -5.06 22.31
C ALA E 268 30.24 -5.83 21.31
N GLY E 269 30.17 -5.37 20.06
CA GLY E 269 29.67 -6.14 18.91
C GLY E 269 28.32 -5.67 18.38
N HIS E 270 27.68 -4.65 18.98
CA HIS E 270 26.27 -4.29 18.66
C HIS E 270 26.18 -3.25 17.52
N GLY E 271 27.17 -3.22 16.63
CA GLY E 271 27.28 -2.24 15.54
C GLY E 271 26.00 -2.12 14.74
N GLY E 272 25.33 -3.25 14.50
CA GLY E 272 24.12 -3.32 13.67
C GLY E 272 22.85 -3.52 14.48
N ASP E 273 22.91 -3.39 15.82
CA ASP E 273 21.76 -3.59 16.72
C ASP E 273 21.05 -2.24 16.98
N ASP E 274 19.89 -2.29 17.62
CA ASP E 274 19.02 -1.12 17.92
C ASP E 274 19.52 -0.45 19.21
N ILE E 275 19.11 0.80 19.45
CA ILE E 275 19.48 1.59 20.65
C ILE E 275 18.98 0.90 21.93
N SER E 276 18.11 -0.10 21.82
CA SER E 276 17.64 -0.94 22.96
C SER E 276 18.83 -1.67 23.60
N SER E 277 19.75 -2.13 22.74
CA SER E 277 20.93 -2.97 23.09
C SER E 277 21.75 -2.32 24.22
N LEU E 278 21.72 -0.98 24.35
CA LEU E 278 22.56 -0.22 25.31
C LEU E 278 22.15 -0.58 26.74
N ILE E 279 20.94 -1.13 26.93
CA ILE E 279 20.34 -1.32 28.28
C ILE E 279 21.35 -2.06 29.16
N ASP E 280 22.04 -3.07 28.60
CA ASP E 280 22.96 -3.96 29.37
C ASP E 280 24.30 -3.27 29.64
N PHE E 281 24.57 -2.11 29.04
CA PHE E 281 25.86 -1.38 29.19
C PHE E 281 25.69 -0.14 30.07
N VAL E 282 24.57 0.01 30.79
CA VAL E 282 24.36 1.12 31.75
C VAL E 282 24.52 0.62 33.19
N LYS E 283 24.64 -0.71 33.35
CA LYS E 283 24.91 -1.38 34.65
C LYS E 283 26.42 -1.55 34.83
N SER F 2 -3.33 -7.89 17.02
CA SER F 2 -4.44 -6.96 17.43
C SER F 2 -5.64 -7.13 16.49
N SER F 3 -6.83 -7.27 17.07
CA SER F 3 -8.13 -7.49 16.37
C SER F 3 -8.93 -6.18 16.29
N VAL F 4 -9.49 -5.90 15.12
CA VAL F 4 -10.45 -4.77 14.86
C VAL F 4 -11.66 -5.34 14.12
N SER F 5 -12.82 -4.67 14.21
CA SER F 5 -14.06 -5.05 13.47
C SER F 5 -14.69 -3.81 12.86
N ILE F 6 -14.69 -3.71 11.54
CA ILE F 6 -15.18 -2.53 10.78
C ILE F 6 -16.66 -2.74 10.42
N PHE F 7 -17.41 -1.64 10.29
CA PHE F 7 -18.78 -1.54 9.72
C PHE F 7 -18.77 -0.48 8.63
N GLY F 8 -19.27 -0.83 7.44
CA GLY F 8 -19.42 0.07 6.27
C GLY F 8 -18.23 -0.05 5.33
N LEU F 9 -18.45 -0.56 4.10
CA LEU F 9 -17.34 -0.89 3.16
C LEU F 9 -17.52 -0.07 1.87
N GLY F 10 -17.74 1.23 2.02
CA GLY F 10 -17.71 2.16 0.88
C GLY F 10 -16.27 2.49 0.54
N ALA F 11 -16.05 3.64 -0.12
CA ALA F 11 -14.72 4.12 -0.54
C ALA F 11 -13.79 4.27 0.66
N MET F 12 -14.32 4.63 1.84
CA MET F 12 -13.49 5.03 3.02
C MET F 12 -13.32 3.82 3.94
N GLY F 13 -14.38 3.05 4.19
CA GLY F 13 -14.33 1.90 5.11
C GLY F 13 -13.51 0.74 4.56
N THR F 14 -13.27 0.73 3.25
CA THR F 14 -12.45 -0.29 2.53
C THR F 14 -10.97 0.13 2.64
N ALA F 15 -10.66 1.36 2.22
CA ALA F 15 -9.35 2.03 2.43
C ALA F 15 -8.87 1.75 3.85
N LEU F 16 -9.71 2.03 4.85
CA LEU F 16 -9.40 1.74 6.28
C LEU F 16 -9.16 0.24 6.43
N ALA F 17 -10.10 -0.60 5.99
CA ALA F 17 -10.04 -2.08 6.19
C ALA F 17 -8.78 -2.63 5.52
N SER F 18 -8.54 -2.26 4.27
CA SER F 18 -7.32 -2.60 3.49
C SER F 18 -6.04 -2.29 4.29
N ARG F 19 -5.99 -1.12 4.95
CA ARG F 19 -4.77 -0.65 5.65
C ARG F 19 -4.52 -1.55 6.86
N PHE F 20 -5.55 -1.82 7.67
CA PHE F 20 -5.44 -2.69 8.86
C PHE F 20 -4.86 -4.06 8.45
N LEU F 21 -5.11 -4.49 7.22
CA LEU F 21 -4.61 -5.77 6.68
C LEU F 21 -3.11 -5.65 6.38
N GLU F 22 -2.71 -4.54 5.74
CA GLU F 22 -1.30 -4.27 5.33
C GLU F 22 -0.39 -4.16 6.57
N GLU F 23 -0.93 -3.89 7.75
CA GLU F 23 -0.21 -3.92 9.07
C GLU F 23 -0.58 -5.20 9.81
N LYS F 24 -1.00 -6.24 9.08
CA LYS F 24 -1.22 -7.61 9.62
C LYS F 24 -1.99 -7.54 10.95
N TYR F 25 -3.27 -7.13 10.88
CA TYR F 25 -4.25 -7.15 12.01
C TYR F 25 -5.24 -8.28 11.77
N LYS F 26 -6.01 -8.66 12.78
CA LYS F 26 -7.19 -9.58 12.66
C LYS F 26 -8.43 -8.72 12.34
N VAL F 27 -8.57 -8.31 11.08
CA VAL F 27 -9.63 -7.37 10.59
C VAL F 27 -10.94 -8.13 10.38
N ALA F 28 -11.99 -7.83 11.15
CA ALA F 28 -13.39 -8.27 10.87
C ALA F 28 -14.09 -7.17 10.09
N VAL F 29 -14.97 -7.51 9.14
CA VAL F 29 -15.66 -6.50 8.30
C VAL F 29 -17.15 -6.87 8.10
N TRP F 30 -17.98 -5.84 7.86
CA TRP F 30 -19.45 -5.91 7.76
C TRP F 30 -19.92 -4.89 6.73
N ASN F 31 -21.08 -5.11 6.10
CA ASN F 31 -21.72 -4.12 5.21
C ASN F 31 -23.22 -4.44 5.14
N ARG F 32 -24.02 -3.48 4.65
CA ARG F 32 -25.42 -3.71 4.27
C ARG F 32 -25.41 -4.80 3.21
N SER F 33 -24.65 -4.57 2.14
CA SER F 33 -24.54 -5.41 0.93
C SER F 33 -23.12 -6.00 0.83
N PRO F 34 -22.91 -7.29 1.19
CA PRO F 34 -21.60 -7.92 1.03
C PRO F 34 -21.31 -8.32 -0.43
N GLU F 35 -22.26 -9.06 -1.03
CA GLU F 35 -22.25 -9.47 -2.46
C GLU F 35 -22.16 -8.23 -3.36
N LYS F 36 -22.56 -7.04 -2.88
CA LYS F 36 -22.17 -5.72 -3.47
C LYS F 36 -20.76 -5.42 -2.97
N ALA F 37 -20.54 -4.32 -2.22
CA ALA F 37 -19.22 -3.99 -1.62
C ALA F 37 -18.49 -5.29 -1.25
N SER F 38 -17.40 -5.57 -1.96
CA SER F 38 -16.64 -6.84 -1.88
C SER F 38 -16.30 -7.14 -0.42
N SER F 39 -16.40 -8.42 -0.04
CA SER F 39 -15.82 -8.99 1.19
C SER F 39 -14.58 -9.84 0.82
N LEU F 40 -13.53 -9.17 0.36
CA LEU F 40 -12.16 -9.77 0.14
C LEU F 40 -11.66 -10.37 1.47
N LEU F 41 -12.20 -11.53 1.83
CA LEU F 41 -11.52 -12.50 2.75
C LEU F 41 -10.21 -12.94 2.08
N GLY F 42 -10.06 -12.68 0.78
CA GLY F 42 -8.83 -12.96 0.01
C GLY F 42 -7.59 -12.34 0.62
N LYS F 43 -7.69 -11.11 1.13
CA LYS F 43 -6.56 -10.37 1.75
C LYS F 43 -6.52 -10.70 3.25
N GLY F 44 -7.47 -11.50 3.75
CA GLY F 44 -7.45 -12.06 5.13
C GLY F 44 -8.61 -11.61 5.99
N ALA F 45 -9.46 -10.69 5.51
CA ALA F 45 -10.56 -10.11 6.35
C ALA F 45 -11.58 -11.22 6.68
N THR F 46 -12.26 -11.10 7.82
CA THR F 46 -13.36 -12.00 8.27
C THR F 46 -14.69 -11.26 8.06
N LEU F 47 -15.63 -11.84 7.31
CA LEU F 47 -16.96 -11.24 7.03
C LEU F 47 -17.93 -11.53 8.19
N SER F 48 -18.38 -10.48 8.88
CA SER F 48 -19.46 -10.53 9.91
C SER F 48 -20.81 -10.68 9.21
N HIS F 49 -21.50 -11.80 9.41
CA HIS F 49 -22.76 -12.14 8.69
C HIS F 49 -23.83 -11.14 9.11
N THR F 50 -23.86 -10.80 10.40
CA THR F 50 -24.78 -9.81 11.01
C THR F 50 -23.96 -8.75 11.74
N ALA F 51 -24.61 -7.68 12.20
CA ALA F 51 -24.00 -6.62 13.04
C ALA F 51 -23.57 -7.21 14.40
N VAL F 52 -24.31 -8.20 14.93
CA VAL F 52 -24.01 -8.86 16.23
C VAL F 52 -22.67 -9.60 16.12
N ASP F 53 -22.49 -10.37 15.05
CA ASP F 53 -21.29 -11.20 14.77
C ASP F 53 -20.07 -10.26 14.56
N GLY F 54 -20.30 -9.06 14.05
CA GLY F 54 -19.25 -8.05 13.84
C GLY F 54 -18.98 -7.24 15.11
N ILE F 55 -19.96 -7.14 16.01
CA ILE F 55 -19.81 -6.49 17.34
C ILE F 55 -18.97 -7.40 18.24
N ASN F 56 -19.19 -8.72 18.16
CA ASN F 56 -18.52 -9.75 19.00
C ASN F 56 -17.17 -10.15 18.38
N ALA F 57 -16.88 -9.69 17.17
CA ALA F 57 -15.62 -9.98 16.44
C ALA F 57 -14.44 -9.38 17.17
N SER F 58 -14.62 -8.21 17.82
CA SER F 58 -13.53 -7.39 18.40
C SER F 58 -14.07 -6.43 19.46
N ASP F 59 -13.18 -5.81 20.24
CA ASP F 59 -13.47 -4.79 21.29
C ASP F 59 -13.09 -3.40 20.79
N LEU F 60 -12.37 -3.29 19.67
CA LEU F 60 -12.18 -2.02 18.93
C LEU F 60 -13.11 -2.12 17.74
N ILE F 61 -13.98 -1.13 17.56
CA ILE F 61 -15.04 -1.17 16.49
C ILE F 61 -14.99 0.17 15.76
N ILE F 62 -14.47 0.17 14.53
CA ILE F 62 -14.37 1.39 13.68
C ILE F 62 -15.56 1.41 12.73
N ILE F 63 -16.63 2.15 13.06
CA ILE F 63 -17.80 2.37 12.16
C ILE F 63 -17.46 3.48 11.16
N CYS F 64 -17.99 3.41 9.94
CA CYS F 64 -17.74 4.43 8.89
C CYS F 64 -18.75 4.29 7.74
N LEU F 65 -19.87 5.05 7.81
CA LEU F 65 -21.09 4.82 6.99
C LEU F 65 -21.49 6.12 6.27
N LEU F 66 -22.72 6.20 5.73
CA LEU F 66 -23.22 7.38 4.96
C LEU F 66 -23.54 8.54 5.94
N ASP F 67 -24.34 8.23 6.97
CA ASP F 67 -24.81 9.18 7.98
C ASP F 67 -24.80 8.47 9.32
N ASN F 68 -25.19 9.18 10.38
CA ASN F 68 -25.35 8.62 11.75
C ASN F 68 -26.67 7.85 11.82
N ALA F 69 -27.65 8.16 10.95
CA ALA F 69 -28.92 7.39 10.91
C ALA F 69 -28.56 5.92 10.68
N ALA F 70 -27.77 5.65 9.63
CA ALA F 70 -27.20 4.32 9.29
C ALA F 70 -26.46 3.70 10.48
N VAL F 71 -25.76 4.51 11.29
CA VAL F 71 -25.06 4.02 12.51
C VAL F 71 -26.12 3.45 13.47
N GLU F 72 -27.11 4.24 13.87
CA GLU F 72 -28.24 3.82 14.77
C GLU F 72 -28.97 2.64 14.14
N ALA F 73 -29.33 2.72 12.85
CA ALA F 73 -30.15 1.73 12.13
C ALA F 73 -29.47 0.34 12.22
N THR F 74 -28.19 0.30 11.86
CA THR F 74 -27.35 -0.93 11.73
C THR F 74 -27.06 -1.55 13.09
N LEU F 75 -26.74 -0.72 14.10
CA LEU F 75 -26.36 -1.20 15.46
C LEU F 75 -27.60 -1.43 16.33
N ALA F 76 -28.81 -1.12 15.85
CA ALA F 76 -30.08 -1.30 16.59
C ALA F 76 -30.11 -2.74 17.16
N GLY F 77 -30.36 -3.73 16.28
CA GLY F 77 -30.03 -5.16 16.46
C GLY F 77 -30.10 -5.62 17.91
N ALA F 78 -31.10 -5.13 18.67
CA ALA F 78 -31.17 -5.19 20.17
C ALA F 78 -29.76 -5.33 20.76
N LEU F 79 -29.01 -4.22 20.77
CA LEU F 79 -27.51 -4.16 20.75
C LEU F 79 -26.89 -4.97 21.88
N ASP F 80 -27.35 -4.77 23.12
CA ASP F 80 -27.12 -5.58 24.36
C ASP F 80 -25.76 -6.30 24.39
N HIS F 81 -25.21 -6.64 23.23
CA HIS F 81 -23.84 -7.21 23.06
C HIS F 81 -22.77 -6.09 22.97
N LEU F 82 -23.09 -4.89 23.45
CA LEU F 82 -22.26 -3.67 23.32
C LEU F 82 -21.35 -3.52 24.54
N HIS F 83 -21.76 -4.05 25.70
CA HIS F 83 -21.03 -3.91 27.01
C HIS F 83 -19.55 -4.25 26.86
N GLY F 84 -18.66 -3.26 27.02
CA GLY F 84 -17.20 -3.42 27.10
C GLY F 84 -16.48 -2.82 25.89
N LYS F 85 -17.18 -2.63 24.77
CA LYS F 85 -16.57 -2.29 23.45
C LYS F 85 -16.16 -0.82 23.39
N THR F 86 -15.28 -0.46 22.46
CA THR F 86 -14.82 0.95 22.22
C THR F 86 -15.21 1.39 20.79
N ILE F 87 -16.34 2.07 20.66
CA ILE F 87 -16.94 2.44 19.35
C ILE F 87 -16.25 3.70 18.85
N ILE F 88 -15.54 3.64 17.72
CA ILE F 88 -14.97 4.82 17.00
C ILE F 88 -15.85 5.07 15.77
N ASN F 89 -16.69 6.10 15.79
CA ASN F 89 -17.57 6.42 14.63
C ASN F 89 -16.85 7.50 13.82
N LEU F 90 -16.45 7.16 12.60
CA LEU F 90 -15.70 8.11 11.73
C LEU F 90 -16.69 8.79 10.79
N THR F 91 -17.95 8.34 10.82
CA THR F 91 -19.08 8.90 10.04
C THR F 91 -19.13 10.41 10.23
N ASN F 92 -18.94 11.18 9.15
CA ASN F 92 -19.09 12.65 9.13
C ASN F 92 -20.52 12.93 9.57
N GLY F 93 -20.74 14.03 10.31
CA GLY F 93 -22.05 14.40 10.86
C GLY F 93 -22.04 15.69 11.63
N THR F 94 -23.13 16.00 12.33
CA THR F 94 -23.29 17.22 13.15
C THR F 94 -22.73 16.90 14.54
N PRO F 95 -22.32 17.93 15.32
CA PRO F 95 -21.96 17.73 16.72
C PRO F 95 -23.10 17.08 17.51
N ASP F 96 -24.35 17.48 17.23
CA ASP F 96 -25.53 17.01 18.00
C ASP F 96 -25.87 15.56 17.64
N GLN F 97 -25.77 15.18 16.37
CA GLN F 97 -25.89 13.75 15.98
C GLN F 97 -24.92 12.94 16.86
N ALA F 98 -23.66 13.40 16.95
CA ALA F 98 -22.53 12.72 17.61
C ALA F 98 -22.77 12.58 19.12
N ARG F 99 -23.35 13.62 19.74
CA ARG F 99 -23.66 13.64 21.20
C ARG F 99 -24.85 12.70 21.48
N LYS F 100 -25.85 12.68 20.59
CA LYS F 100 -27.05 11.81 20.73
C LYS F 100 -26.60 10.34 20.65
N LEU F 101 -25.68 10.01 19.74
CA LEU F 101 -25.07 8.66 19.55
C LEU F 101 -24.24 8.29 20.77
N SER F 102 -23.41 9.22 21.27
CA SER F 102 -22.47 9.00 22.40
C SER F 102 -23.24 8.64 23.67
N ASP F 103 -24.36 9.32 23.92
CA ASP F 103 -25.26 9.10 25.09
C ASP F 103 -26.04 7.79 24.88
N ARG F 104 -26.50 7.51 23.66
CA ARG F 104 -27.28 6.30 23.32
C ARG F 104 -26.43 5.04 23.57
N PHE F 105 -25.15 5.08 23.16
CA PHE F 105 -24.21 3.93 23.18
C PHE F 105 -23.58 3.75 24.57
N VAL F 106 -23.30 4.85 25.28
CA VAL F 106 -22.76 4.82 26.68
C VAL F 106 -23.84 4.28 27.63
N SER F 107 -25.12 4.42 27.26
CA SER F 107 -26.27 3.87 28.02
C SER F 107 -26.27 2.33 27.95
N HIS F 108 -25.59 1.77 26.95
CA HIS F 108 -25.52 0.30 26.70
C HIS F 108 -24.12 -0.24 27.00
N GLY F 109 -23.31 0.48 27.78
CA GLY F 109 -22.11 -0.07 28.45
C GLY F 109 -20.83 0.23 27.69
N ALA F 110 -20.94 0.62 26.42
CA ALA F 110 -19.80 0.95 25.54
C ALA F 110 -19.13 2.24 26.01
N ARG F 111 -18.18 2.77 25.23
CA ARG F 111 -17.38 3.97 25.54
C ARG F 111 -17.00 4.62 24.22
N TYR F 112 -17.64 5.74 23.89
CA TYR F 112 -17.79 6.28 22.52
C TYR F 112 -16.71 7.35 22.28
N VAL F 113 -16.18 7.36 21.06
CA VAL F 113 -15.31 8.47 20.56
C VAL F 113 -15.60 8.64 19.06
N HIS F 114 -15.39 9.85 18.55
CA HIS F 114 -15.88 10.30 17.23
C HIS F 114 -14.73 10.95 16.49
N GLY F 115 -14.71 10.83 15.15
CA GLY F 115 -13.54 11.25 14.38
C GLY F 115 -13.91 11.78 13.02
N GLY F 116 -13.43 12.97 12.70
CA GLY F 116 -13.49 13.54 11.36
C GLY F 116 -12.26 13.13 10.59
N ILE F 117 -12.41 12.23 9.60
CA ILE F 117 -11.27 11.78 8.76
C ILE F 117 -10.96 12.91 7.79
N MET F 118 -9.98 13.75 8.13
CA MET F 118 -9.48 14.80 7.20
C MET F 118 -8.48 14.10 6.24
N ALA F 119 -8.99 13.21 5.37
CA ALA F 119 -8.23 12.42 4.37
C ALA F 119 -9.19 11.77 3.37
N THR F 120 -8.89 11.90 2.06
CA THR F 120 -9.49 11.07 1.00
C THR F 120 -9.02 9.63 1.17
N PRO F 121 -9.67 8.63 0.53
CA PRO F 121 -9.31 7.23 0.74
C PRO F 121 -7.84 6.93 0.40
N SER F 122 -7.35 7.41 -0.75
CA SER F 122 -5.98 7.12 -1.26
C SER F 122 -4.91 7.64 -0.27
N MET F 123 -5.21 8.72 0.46
CA MET F 123 -4.34 9.34 1.49
C MET F 123 -4.34 8.52 2.78
N ILE F 124 -5.29 7.62 3.02
CA ILE F 124 -5.27 6.84 4.28
C ILE F 124 -3.93 6.12 4.30
N GLY F 125 -3.33 5.97 5.49
CA GLY F 125 -1.98 5.38 5.66
C GLY F 125 -0.86 6.34 5.26
N SER F 126 -1.13 7.40 4.50
CA SER F 126 -0.10 8.34 3.99
C SER F 126 0.33 9.29 5.10
N PRO F 127 1.43 10.06 4.91
CA PRO F 127 1.86 11.08 5.88
C PRO F 127 0.84 12.21 6.14
N TYR F 128 0.18 12.69 5.08
CA TYR F 128 -0.75 13.86 5.12
C TYR F 128 -2.16 13.47 5.61
N ALA F 129 -2.42 12.17 5.80
CA ALA F 129 -3.67 11.69 6.43
C ALA F 129 -3.72 12.29 7.84
N LEU F 130 -4.93 12.70 8.27
CA LEU F 130 -5.21 13.36 9.57
C LEU F 130 -6.65 13.01 9.98
N VAL F 131 -6.86 12.75 11.28
CA VAL F 131 -8.20 12.43 11.84
C VAL F 131 -8.33 13.14 13.20
N LEU F 132 -9.33 14.02 13.33
CA LEU F 132 -9.67 14.73 14.59
C LEU F 132 -10.53 13.79 15.43
N TYR F 133 -10.23 13.61 16.72
CA TYR F 133 -11.02 12.74 17.63
C TYR F 133 -11.43 13.52 18.87
N SER F 134 -12.69 13.35 19.28
CA SER F 134 -13.27 13.82 20.55
C SER F 134 -14.12 12.69 21.14
N GLY F 135 -14.44 12.74 22.43
CA GLY F 135 -15.20 11.68 23.12
C GLY F 135 -14.42 11.14 24.31
N SER F 136 -14.91 10.06 24.93
CA SER F 136 -14.28 9.41 26.12
C SER F 136 -12.76 9.28 25.92
N PRO F 137 -11.92 10.07 26.62
CA PRO F 137 -10.48 10.05 26.40
C PRO F 137 -9.81 8.79 26.98
N ASP F 138 -10.47 8.11 27.91
CA ASP F 138 -10.06 6.79 28.46
C ASP F 138 -9.97 5.79 27.30
N ALA F 139 -11.06 5.65 26.54
CA ALA F 139 -11.21 4.75 25.37
C ALA F 139 -10.20 5.15 24.28
N PHE F 140 -10.07 6.45 23.98
CA PHE F 140 -9.20 6.95 22.89
C PHE F 140 -7.75 6.61 23.19
N LYS F 141 -7.32 6.70 24.46
CA LYS F 141 -5.90 6.55 24.85
C LYS F 141 -5.46 5.10 24.57
N ALA F 142 -6.27 4.13 24.98
CA ALA F 142 -6.04 2.67 24.81
C ALA F 142 -5.87 2.32 23.31
N ALA F 143 -6.76 2.84 22.47
CA ALA F 143 -6.88 2.53 21.03
C ALA F 143 -6.16 3.58 20.17
N GLU F 144 -5.45 4.55 20.76
CA GLU F 144 -4.63 5.51 19.99
C GLU F 144 -3.52 4.77 19.22
N GLY F 145 -2.95 3.73 19.82
CA GLY F 145 -1.94 2.87 19.17
C GLY F 145 -2.42 2.37 17.82
N ASP F 146 -3.48 1.55 17.82
CA ASP F 146 -4.03 0.89 16.60
C ASP F 146 -4.40 1.95 15.56
N LEU F 147 -5.30 2.89 15.91
CA LEU F 147 -5.87 3.92 14.99
C LEU F 147 -4.75 4.68 14.24
N SER F 148 -3.60 4.88 14.91
CA SER F 148 -2.44 5.66 14.41
C SER F 148 -1.95 5.13 13.05
N VAL F 149 -2.23 3.87 12.70
CA VAL F 149 -1.84 3.25 11.40
C VAL F 149 -2.48 4.05 10.25
N LEU F 150 -3.70 4.56 10.47
CA LEU F 150 -4.57 5.16 9.41
C LEU F 150 -4.08 6.57 9.05
N ALA F 151 -3.79 7.40 10.07
CA ALA F 151 -3.43 8.82 9.89
C ALA F 151 -2.87 9.39 11.19
N LYS F 152 -2.47 10.67 11.16
CA LYS F 152 -1.94 11.42 12.34
C LYS F 152 -3.15 11.76 13.24
N CYS F 153 -3.33 11.02 14.35
CA CYS F 153 -4.33 11.33 15.41
C CYS F 153 -4.17 12.78 15.90
N VAL F 154 -5.26 13.40 16.36
CA VAL F 154 -5.31 14.78 16.94
C VAL F 154 -6.52 14.90 17.87
N PHE F 155 -6.41 14.44 19.11
CA PHE F 155 -7.49 14.51 20.14
C PHE F 155 -7.76 15.97 20.49
N LEU F 156 -9.01 16.33 20.85
CA LEU F 156 -9.35 17.72 21.26
C LEU F 156 -10.69 17.81 22.00
N GLY F 157 -10.83 17.06 23.11
CA GLY F 157 -11.86 17.27 24.13
C GLY F 157 -12.65 16.02 24.48
N GLU F 158 -13.31 16.04 25.64
CA GLU F 158 -14.23 14.97 26.14
C GLU F 158 -15.63 15.20 25.59
N ASP F 159 -15.80 16.24 24.76
CA ASP F 159 -17.07 16.66 24.12
C ASP F 159 -17.27 15.83 22.85
N ALA F 160 -18.16 14.84 22.90
CA ALA F 160 -18.38 13.80 21.88
C ALA F 160 -18.57 14.35 20.46
N GLY F 161 -18.83 15.65 20.28
CA GLY F 161 -19.19 16.25 18.97
C GLY F 161 -18.26 17.38 18.56
N THR F 162 -17.08 17.51 19.19
CA THR F 162 -16.09 18.58 18.91
C THR F 162 -15.35 18.27 17.59
N ALA F 163 -14.99 17.00 17.35
CA ALA F 163 -14.32 16.52 16.11
C ALA F 163 -15.20 16.83 14.89
N SER F 164 -16.52 16.62 15.02
CA SER F 164 -17.54 16.83 13.98
C SER F 164 -17.66 18.32 13.65
N LEU F 165 -17.64 19.19 14.66
CA LEU F 165 -17.66 20.66 14.46
C LEU F 165 -16.43 21.08 13.65
N HIS F 166 -15.26 20.55 14.01
CA HIS F 166 -13.97 20.85 13.34
C HIS F 166 -13.94 20.21 11.94
N ASP F 167 -14.50 19.01 11.79
CA ASP F 167 -14.67 18.36 10.47
C ASP F 167 -15.37 19.35 9.54
N LEU F 168 -16.60 19.72 9.91
CA LEU F 168 -17.53 20.49 9.04
C LEU F 168 -16.93 21.87 8.75
N ALA F 169 -16.35 22.52 9.77
CA ALA F 169 -15.62 23.80 9.61
C ALA F 169 -14.57 23.64 8.52
N LEU F 170 -13.67 22.66 8.64
CA LEU F 170 -12.53 22.51 7.69
C LEU F 170 -13.08 22.30 6.28
N LEU F 171 -14.02 21.36 6.13
CA LEU F 171 -14.80 21.09 4.89
C LEU F 171 -15.41 22.40 4.34
N SER F 172 -16.04 23.24 5.18
CA SER F 172 -16.59 24.55 4.77
C SER F 172 -15.55 25.41 4.05
N GLY F 173 -14.28 25.37 4.49
CA GLY F 173 -13.15 26.14 3.91
C GLY F 173 -12.61 25.48 2.66
N MET F 174 -12.56 24.15 2.67
CA MET F 174 -12.29 23.34 1.45
C MET F 174 -13.27 23.79 0.36
N TYR F 175 -14.57 23.66 0.65
CA TYR F 175 -15.67 23.88 -0.32
C TYR F 175 -15.65 25.32 -0.82
N GLY F 176 -15.27 26.27 0.03
CA GLY F 176 -14.97 27.64 -0.41
C GLY F 176 -13.92 27.62 -1.51
N LEU F 177 -12.83 26.87 -1.30
CA LEU F 177 -11.64 26.85 -2.18
C LEU F 177 -12.04 26.26 -3.53
N PHE F 178 -12.69 25.12 -3.55
CA PHE F 178 -13.15 24.43 -4.81
C PHE F 178 -14.12 25.32 -5.58
N SER F 179 -15.01 26.03 -4.84
CA SER F 179 -15.98 26.98 -5.42
C SER F 179 -15.27 28.11 -6.14
N GLY F 180 -14.13 28.54 -5.60
CA GLY F 180 -13.31 29.60 -6.22
C GLY F 180 -12.54 29.05 -7.41
N PHE F 181 -11.94 27.87 -7.26
CA PHE F 181 -11.21 27.13 -8.33
C PHE F 181 -12.11 27.00 -9.56
N LEU F 182 -13.26 26.30 -9.41
CA LEU F 182 -14.28 26.08 -10.45
C LEU F 182 -14.68 27.42 -11.11
N HIS F 183 -15.07 28.42 -10.31
CA HIS F 183 -15.43 29.76 -10.82
C HIS F 183 -14.26 30.35 -11.61
N ALA F 184 -13.07 30.36 -11.01
CA ALA F 184 -11.83 30.95 -11.56
C ALA F 184 -11.43 30.26 -12.86
N THR F 185 -11.38 28.92 -12.87
CA THR F 185 -11.09 28.10 -14.08
C THR F 185 -12.12 28.46 -15.17
N ALA F 186 -13.38 28.08 -14.95
CA ALA F 186 -14.54 28.46 -15.79
C ALA F 186 -14.32 29.83 -16.44
N LEU F 187 -14.02 30.86 -15.65
CA LEU F 187 -14.04 32.27 -16.13
C LEU F 187 -12.90 32.46 -17.16
N VAL F 188 -11.88 31.62 -17.12
CA VAL F 188 -10.57 31.88 -17.78
C VAL F 188 -10.28 30.70 -18.67
N ARG F 189 -10.91 30.65 -19.83
CA ARG F 189 -10.87 29.50 -20.79
C ARG F 189 -10.51 30.01 -22.19
N SER F 190 -11.22 31.02 -22.70
CA SER F 190 -11.02 31.61 -24.05
C SER F 190 -9.54 31.94 -24.26
N SER F 191 -8.87 32.49 -23.24
CA SER F 191 -7.53 33.14 -23.38
C SER F 191 -6.40 32.16 -23.04
N THR F 192 -6.63 31.20 -22.15
CA THR F 192 -5.61 30.25 -21.64
C THR F 192 -6.25 28.97 -21.08
N PRO F 193 -5.49 27.86 -21.09
CA PRO F 193 -5.92 26.61 -20.43
C PRO F 193 -5.81 26.65 -18.91
N ALA F 194 -6.53 25.77 -18.22
CA ALA F 194 -6.61 25.70 -16.74
C ALA F 194 -5.24 25.40 -16.13
N VAL F 195 -4.47 24.47 -16.71
CA VAL F 195 -3.12 24.04 -16.20
C VAL F 195 -2.18 25.26 -16.21
N LYS F 196 -1.93 25.86 -17.38
CA LYS F 196 -1.09 27.09 -17.53
C LYS F 196 -1.56 28.19 -16.55
N PHE F 197 -2.82 28.16 -16.12
CA PHE F 197 -3.45 29.15 -15.21
C PHE F 197 -3.12 28.81 -13.75
N MET F 198 -2.92 27.53 -13.40
CA MET F 198 -2.50 27.10 -12.03
C MET F 198 -1.13 27.74 -11.70
N ASP F 199 -0.34 28.09 -12.74
CA ASP F 199 0.96 28.78 -12.59
C ASP F 199 0.75 30.16 -11.94
N LEU F 200 -0.45 30.74 -12.07
CA LEU F 200 -0.85 32.04 -11.46
C LEU F 200 -1.75 31.80 -10.23
N LEU F 201 -2.73 30.90 -10.29
CA LEU F 201 -3.63 30.65 -9.15
C LEU F 201 -2.81 30.16 -7.94
N VAL F 202 -2.12 29.02 -8.06
CA VAL F 202 -1.55 28.26 -6.91
C VAL F 202 -0.64 29.15 -6.04
N PRO F 203 0.30 29.94 -6.62
CA PRO F 203 1.05 30.90 -5.82
C PRO F 203 0.10 31.89 -5.12
N TRP F 204 -0.71 32.60 -5.92
CA TRP F 204 -1.66 33.64 -5.47
C TRP F 204 -2.50 33.15 -4.30
N LEU F 205 -3.06 31.94 -4.39
CA LEU F 205 -3.85 31.34 -3.27
C LEU F 205 -2.94 31.19 -2.04
N GLY F 206 -1.69 30.75 -2.25
CA GLY F 206 -0.63 30.70 -1.23
C GLY F 206 -0.49 32.05 -0.50
N ALA F 207 -0.24 33.14 -1.24
CA ALA F 207 -0.21 34.51 -0.69
C ALA F 207 -1.44 34.71 0.19
N MET F 208 -2.62 34.64 -0.45
CA MET F 208 -3.94 34.95 0.16
C MET F 208 -4.23 34.03 1.36
N THR F 209 -3.75 32.77 1.33
CA THR F 209 -3.85 31.86 2.49
C THR F 209 -3.02 32.40 3.66
N GLU F 210 -1.90 33.09 3.39
CA GLU F 210 -1.06 33.70 4.46
C GLU F 210 -1.87 34.83 5.12
N TYR F 211 -2.42 35.71 4.28
CA TYR F 211 -3.22 36.91 4.67
C TYR F 211 -4.38 36.51 5.60
N THR F 212 -4.88 35.28 5.51
CA THR F 212 -5.98 34.78 6.38
C THR F 212 -5.47 34.46 7.79
N LYS F 213 -4.17 34.24 7.97
CA LYS F 213 -3.50 34.05 9.28
C LYS F 213 -3.57 35.37 10.05
N GLY F 214 -3.19 36.46 9.39
CA GLY F 214 -3.23 37.83 9.95
C GLY F 214 -4.62 38.42 9.91
N MET F 215 -5.63 37.57 9.76
CA MET F 215 -7.07 37.93 9.72
C MET F 215 -7.80 37.20 10.87
N ALA F 216 -7.46 35.93 11.11
CA ALA F 216 -7.89 35.16 12.30
C ALA F 216 -7.48 35.91 13.57
N LYS F 217 -6.30 36.55 13.57
CA LYS F 217 -5.79 37.41 14.67
C LYS F 217 -6.79 38.54 14.92
N GLN F 218 -7.04 39.36 13.90
CA GLN F 218 -8.09 40.43 13.92
C GLN F 218 -9.38 39.85 14.51
N ILE F 219 -9.93 38.80 13.89
CA ILE F 219 -11.20 38.14 14.29
C ILE F 219 -11.16 37.74 15.77
N ASP F 220 -9.99 37.37 16.29
CA ASP F 220 -9.82 36.85 17.68
C ASP F 220 -9.78 38.01 18.67
N GLU F 221 -9.21 39.17 18.29
CA GLU F 221 -9.13 40.37 19.16
C GLU F 221 -10.35 41.27 18.88
N GLY F 222 -10.41 41.91 17.71
CA GLY F 222 -11.55 42.73 17.27
C GLY F 222 -11.12 44.00 16.56
N LYS F 223 -10.04 43.96 15.77
CA LYS F 223 -9.47 45.14 15.06
C LYS F 223 -10.41 45.54 13.91
N TYR F 224 -10.28 44.88 12.76
CA TYR F 224 -11.02 45.15 11.49
C TYR F 224 -10.55 46.49 10.88
N THR F 225 -9.29 46.87 11.15
CA THR F 225 -8.70 48.16 10.70
C THR F 225 -8.01 47.96 9.35
N SER F 226 -8.30 48.83 8.37
CA SER F 226 -7.71 48.79 7.01
C SER F 226 -6.20 48.97 7.09
N SER F 229 -7.06 48.38 0.97
CA SER F 229 -7.59 47.00 0.79
C SER F 229 -8.99 46.90 1.40
N ASN F 230 -9.86 47.83 1.01
CA ASN F 230 -11.09 48.27 1.74
C ASN F 230 -12.35 47.72 1.06
N LEU F 231 -13.35 47.35 1.87
CA LEU F 231 -14.66 46.74 1.46
C LEU F 231 -15.36 47.55 0.35
N ALA F 232 -15.17 48.86 0.24
CA ALA F 232 -15.80 49.69 -0.82
C ALA F 232 -15.21 49.30 -2.18
N MET F 233 -13.88 49.16 -2.28
CA MET F 233 -13.16 48.86 -3.55
C MET F 233 -13.37 47.39 -3.92
N GLN F 234 -13.32 46.50 -2.93
CA GLN F 234 -13.53 45.04 -3.17
C GLN F 234 -14.92 44.86 -3.80
N LEU F 235 -15.95 45.51 -3.22
CA LEU F 235 -17.33 45.54 -3.75
C LEU F 235 -17.36 45.87 -5.23
N VAL F 236 -16.64 46.89 -5.70
CA VAL F 236 -16.68 47.29 -7.14
C VAL F 236 -15.88 46.25 -7.91
N GLY F 237 -14.92 45.60 -7.24
CA GLY F 237 -14.20 44.44 -7.78
C GLY F 237 -15.14 43.26 -8.03
N ILE F 238 -15.77 42.76 -6.96
CA ILE F 238 -16.73 41.62 -7.00
C ILE F 238 -17.81 41.88 -8.07
N GLN F 239 -18.24 43.14 -8.25
CA GLN F 239 -19.19 43.51 -9.32
C GLN F 239 -18.59 43.29 -10.71
N ASN F 240 -17.28 43.52 -10.87
CA ASN F 240 -16.57 43.29 -12.16
C ASN F 240 -16.51 41.79 -12.46
N ILE F 241 -16.40 40.91 -11.45
CA ILE F 241 -16.37 39.42 -11.66
C ILE F 241 -17.75 38.96 -12.15
N ILE F 242 -18.83 39.40 -11.49
CA ILE F 242 -20.24 39.06 -11.85
C ILE F 242 -20.55 39.51 -13.29
N ASP F 243 -20.25 40.77 -13.62
CA ASP F 243 -20.44 41.33 -14.98
C ASP F 243 -19.63 40.51 -15.98
N ALA F 244 -18.37 40.16 -15.65
CA ALA F 244 -17.42 39.43 -16.54
C ALA F 244 -17.86 37.98 -16.75
N SER F 245 -18.36 37.34 -15.69
CA SER F 245 -18.89 35.95 -15.70
C SER F 245 -20.09 35.83 -16.66
N GLU F 246 -21.06 36.74 -16.55
CA GLU F 246 -22.26 36.77 -17.43
C GLU F 246 -21.79 36.90 -18.90
N ALA F 247 -20.83 37.78 -19.16
CA ALA F 247 -20.31 38.07 -20.52
C ALA F 247 -19.59 36.84 -21.10
N GLN F 248 -18.97 36.01 -20.25
CA GLN F 248 -18.28 34.76 -20.68
C GLN F 248 -19.24 33.58 -20.57
N GLN F 249 -20.53 33.81 -20.38
CA GLN F 249 -21.57 32.75 -20.26
C GLN F 249 -21.24 31.82 -19.07
N VAL F 250 -20.56 32.32 -18.02
CA VAL F 250 -20.25 31.57 -16.77
C VAL F 250 -21.18 32.06 -15.66
N SER F 251 -21.62 31.15 -14.78
CA SER F 251 -22.44 31.45 -13.57
C SER F 251 -21.59 32.11 -12.49
N ALA F 252 -22.05 33.25 -11.96
CA ALA F 252 -21.40 33.95 -10.82
C ALA F 252 -22.09 33.57 -9.50
N GLU F 253 -22.74 32.42 -9.42
CA GLU F 253 -23.56 32.02 -8.24
C GLU F 253 -22.65 31.65 -7.06
N PHE F 254 -21.37 31.38 -7.30
CA PHE F 254 -20.38 31.00 -6.26
C PHE F 254 -20.07 32.23 -5.38
N ILE F 255 -20.07 33.41 -6.01
CA ILE F 255 -19.60 34.70 -5.41
C ILE F 255 -20.78 35.48 -4.81
N ARG F 256 -22.04 35.18 -5.16
CA ARG F 256 -23.20 36.01 -4.74
C ARG F 256 -23.25 36.17 -3.23
N PRO F 257 -23.13 35.10 -2.41
CA PRO F 257 -23.22 35.26 -0.97
C PRO F 257 -22.13 36.24 -0.49
N MET F 258 -20.90 36.12 -1.03
CA MET F 258 -19.82 37.04 -0.65
C MET F 258 -20.34 38.47 -0.87
N LYS F 259 -20.89 38.76 -2.07
CA LYS F 259 -21.39 40.10 -2.48
C LYS F 259 -22.46 40.54 -1.47
N GLU F 260 -23.47 39.70 -1.24
CA GLU F 260 -24.57 40.03 -0.31
C GLU F 260 -23.97 40.44 1.03
N PHE F 261 -22.96 39.72 1.51
CA PHE F 261 -22.33 39.95 2.84
C PHE F 261 -21.52 41.26 2.85
N MET F 262 -20.71 41.54 1.82
CA MET F 262 -19.95 42.84 1.74
C MET F 262 -20.94 44.02 1.67
N GLN F 263 -22.07 43.86 0.97
CA GLN F 263 -23.14 44.91 0.87
C GLN F 263 -23.75 45.16 2.25
N LYS F 264 -24.05 44.12 3.03
CA LYS F 264 -24.52 44.27 4.44
C LYS F 264 -23.49 45.10 5.22
N ALA F 265 -22.21 44.93 4.91
CA ALA F 265 -21.06 45.49 5.66
C ALA F 265 -20.89 46.97 5.36
N VAL F 266 -20.80 47.37 4.08
CA VAL F 266 -20.54 48.80 3.74
C VAL F 266 -21.75 49.63 4.17
N ALA F 267 -22.96 49.10 3.93
CA ALA F 267 -24.27 49.68 4.34
C ALA F 267 -24.31 49.90 5.86
N ALA F 268 -23.77 48.95 6.62
CA ALA F 268 -23.71 48.98 8.12
C ALA F 268 -22.46 49.71 8.58
N GLY F 269 -21.73 50.36 7.66
CA GLY F 269 -20.69 51.36 7.98
C GLY F 269 -19.27 50.89 7.75
N HIS F 270 -19.03 49.65 7.31
CA HIS F 270 -17.66 49.08 7.22
C HIS F 270 -16.99 49.36 5.87
N GLY F 271 -17.39 50.43 5.18
CA GLY F 271 -16.89 50.81 3.86
C GLY F 271 -15.37 50.85 3.81
N GLY F 272 -14.73 51.33 4.88
CA GLY F 272 -13.26 51.48 4.92
C GLY F 272 -12.60 50.45 5.83
N ASP F 273 -13.31 49.41 6.25
CA ASP F 273 -12.76 48.34 7.12
C ASP F 273 -12.25 47.19 6.26
N ASP F 274 -11.52 46.24 6.88
CA ASP F 274 -10.89 45.07 6.21
C ASP F 274 -11.94 43.97 6.04
N ILE F 275 -11.65 43.00 5.17
CA ILE F 275 -12.54 41.84 4.86
C ILE F 275 -12.76 41.00 6.14
N SER F 276 -11.97 41.21 7.19
CA SER F 276 -12.14 40.57 8.52
C SER F 276 -13.49 40.93 9.12
N SER F 277 -13.89 42.19 8.92
CA SER F 277 -15.12 42.82 9.49
C SER F 277 -16.36 41.99 9.18
N LEU F 278 -16.36 41.23 8.08
CA LEU F 278 -17.54 40.46 7.60
C LEU F 278 -17.89 39.37 8.61
N ILE F 279 -16.95 39.00 9.49
CA ILE F 279 -17.11 37.82 10.40
C ILE F 279 -18.44 37.99 11.15
N ASP F 280 -18.76 39.21 11.59
CA ASP F 280 -19.95 39.53 12.43
C ASP F 280 -21.25 39.54 11.59
N PHE F 281 -21.15 39.48 10.26
CA PHE F 281 -22.30 39.57 9.34
C PHE F 281 -22.61 38.22 8.70
N VAL F 282 -21.96 37.14 9.14
CA VAL F 282 -22.26 35.75 8.72
C VAL F 282 -22.95 35.03 9.87
N LYS F 283 -23.04 35.68 11.04
CA LYS F 283 -23.77 35.20 12.24
C LYS F 283 -25.23 35.69 12.21
N MET G 1 17.37 58.86 -12.77
CA MET G 1 17.43 58.49 -14.21
C MET G 1 16.04 58.61 -14.86
N SER G 2 14.97 58.21 -14.17
CA SER G 2 13.62 57.97 -14.75
C SER G 2 12.54 58.71 -13.94
N SER G 3 11.67 59.43 -14.67
CA SER G 3 10.50 60.19 -14.19
C SER G 3 9.22 59.40 -14.42
N VAL G 4 8.33 59.35 -13.42
CA VAL G 4 6.95 58.76 -13.51
C VAL G 4 5.95 59.79 -12.96
N SER G 5 4.69 59.70 -13.36
CA SER G 5 3.58 60.56 -12.85
C SER G 5 2.35 59.69 -12.54
N ILE G 6 2.02 59.59 -11.26
CA ILE G 6 0.92 58.71 -10.76
C ILE G 6 -0.39 59.52 -10.69
N PHE G 7 -1.52 58.83 -10.88
CA PHE G 7 -2.90 59.30 -10.62
C PHE G 7 -3.59 58.30 -9.68
N GLY G 8 -4.15 58.80 -8.58
CA GLY G 8 -4.88 57.99 -7.57
C GLY G 8 -3.97 57.60 -6.41
N LEU G 9 -4.24 58.12 -5.22
CA LEU G 9 -3.38 57.95 -4.04
C LEU G 9 -4.18 57.25 -2.93
N GLY G 10 -4.85 56.16 -3.28
CA GLY G 10 -5.46 55.25 -2.31
C GLY G 10 -4.39 54.38 -1.65
N ALA G 11 -4.81 53.27 -1.05
CA ALA G 11 -3.91 52.28 -0.40
C ALA G 11 -2.88 51.76 -1.39
N MET G 12 -3.24 51.64 -2.68
CA MET G 12 -2.40 50.95 -3.69
C MET G 12 -1.53 51.97 -4.43
N GLY G 13 -2.09 53.11 -4.83
CA GLY G 13 -1.38 54.16 -5.59
C GLY G 13 -0.29 54.86 -4.77
N THR G 14 -0.37 54.76 -3.44
CA THR G 14 0.60 55.32 -2.46
C THR G 14 1.76 54.33 -2.31
N ALA G 15 1.43 53.07 -1.97
CA ALA G 15 2.37 51.93 -1.96
C ALA G 15 3.22 51.97 -3.23
N LEU G 16 2.59 52.07 -4.40
CA LEU G 16 3.30 52.21 -5.70
C LEU G 16 4.17 53.46 -5.66
N ALA G 17 3.60 54.63 -5.33
CA ALA G 17 4.31 55.93 -5.35
C ALA G 17 5.50 55.89 -4.40
N SER G 18 5.28 55.43 -3.15
CA SER G 18 6.32 55.22 -2.12
C SER G 18 7.48 54.38 -2.67
N ARG G 19 7.19 53.31 -3.42
CA ARG G 19 8.24 52.36 -3.89
C ARG G 19 9.10 53.07 -4.95
N PHE G 20 8.48 53.76 -5.90
CA PHE G 20 9.22 54.51 -6.96
C PHE G 20 10.21 55.50 -6.31
N LEU G 21 9.88 55.98 -5.11
CA LEU G 21 10.75 56.92 -4.34
C LEU G 21 11.94 56.16 -3.77
N GLU G 22 11.69 54.97 -3.20
CA GLU G 22 12.73 54.11 -2.55
C GLU G 22 13.77 53.64 -3.58
N GLU G 23 13.44 53.65 -4.88
CA GLU G 23 14.41 53.41 -6.00
C GLU G 23 14.79 54.74 -6.65
N LYS G 24 14.66 55.85 -5.90
CA LYS G 24 15.13 57.20 -6.32
C LYS G 24 14.71 57.47 -7.78
N TYR G 25 13.40 57.63 -8.01
CA TYR G 25 12.80 58.09 -9.30
C TYR G 25 12.30 59.52 -9.13
N LYS G 26 11.99 60.21 -10.23
CA LYS G 26 11.35 61.55 -10.21
C LYS G 26 9.82 61.38 -10.20
N VAL G 27 9.23 61.01 -9.06
CA VAL G 27 7.80 60.59 -8.93
C VAL G 27 6.91 61.83 -8.85
N ALA G 28 6.04 62.08 -9.84
CA ALA G 28 4.94 63.07 -9.78
C ALA G 28 3.67 62.36 -9.31
N VAL G 29 2.81 63.02 -8.53
CA VAL G 29 1.57 62.38 -7.96
C VAL G 29 0.39 63.36 -8.02
N TRP G 30 -0.82 62.80 -8.09
CA TRP G 30 -2.12 63.49 -8.25
C TRP G 30 -3.19 62.72 -7.48
N ASN G 31 -4.27 63.39 -7.06
CA ASN G 31 -5.46 62.75 -6.45
C ASN G 31 -6.66 63.69 -6.63
N ARG G 32 -7.86 63.17 -6.44
CA ARG G 32 -9.09 64.00 -6.30
C ARG G 32 -8.87 64.92 -5.10
N SER G 33 -8.54 64.31 -3.96
CA SER G 33 -8.37 64.92 -2.62
C SER G 33 -6.90 64.86 -2.21
N PRO G 34 -6.15 66.00 -2.29
CA PRO G 34 -4.76 66.03 -1.87
C PRO G 34 -4.60 66.09 -0.34
N GLU G 35 -5.32 67.02 0.32
CA GLU G 35 -5.33 67.15 1.80
C GLU G 35 -5.85 65.85 2.43
N LYS G 36 -6.60 65.04 1.69
CA LYS G 36 -7.07 63.69 2.11
C LYS G 36 -5.89 62.70 1.96
N ALA G 37 -5.80 61.99 0.84
CA ALA G 37 -4.59 61.23 0.46
C ALA G 37 -3.39 62.17 0.52
N SER G 38 -2.49 61.99 1.51
CA SER G 38 -1.31 62.89 1.66
C SER G 38 -0.56 62.91 0.33
N SER G 39 -0.30 64.12 -0.19
CA SER G 39 0.59 64.33 -1.35
C SER G 39 2.02 64.52 -0.83
N LEU G 40 2.55 63.46 -0.19
CA LEU G 40 3.85 63.43 0.53
C LEU G 40 4.99 63.85 -0.40
N LEU G 41 5.09 65.16 -0.64
CA LEU G 41 6.34 65.82 -1.13
C LEU G 41 7.44 65.59 -0.08
N GLY G 42 7.05 65.18 1.13
CA GLY G 42 7.97 64.87 2.24
C GLY G 42 9.02 63.85 1.85
N LYS G 43 8.60 62.80 1.12
CA LYS G 43 9.51 61.69 0.69
C LYS G 43 10.11 62.04 -0.68
N GLY G 44 9.74 63.21 -1.25
CA GLY G 44 10.37 63.76 -2.47
C GLY G 44 9.42 63.89 -3.66
N ALA G 45 8.18 63.42 -3.55
CA ALA G 45 7.17 63.44 -4.63
C ALA G 45 6.87 64.88 -5.06
N THR G 46 6.46 65.06 -6.31
CA THR G 46 5.96 66.33 -6.89
C THR G 46 4.43 66.24 -7.00
N LEU G 47 3.70 67.19 -6.40
CA LEU G 47 2.20 67.22 -6.43
C LEU G 47 1.71 67.91 -7.72
N SER G 48 1.01 67.17 -8.58
CA SER G 48 0.31 67.70 -9.79
C SER G 48 -0.97 68.41 -9.34
N HIS G 49 -1.05 69.72 -9.55
CA HIS G 49 -2.16 70.59 -9.08
C HIS G 49 -3.46 70.15 -9.77
N THR G 50 -3.36 69.87 -11.07
CA THR G 50 -4.46 69.41 -11.95
C THR G 50 -4.02 68.12 -12.64
N ALA G 51 -4.93 67.46 -13.35
CA ALA G 51 -4.65 66.27 -14.19
C ALA G 51 -3.70 66.66 -15.35
N VAL G 52 -3.82 67.89 -15.88
CA VAL G 52 -2.98 68.39 -17.01
C VAL G 52 -1.52 68.48 -16.56
N ASP G 53 -1.29 69.06 -15.38
CA ASP G 53 0.05 69.28 -14.78
C ASP G 53 0.68 67.93 -14.43
N GLY G 54 -0.13 66.92 -14.13
CA GLY G 54 0.32 65.53 -13.86
C GLY G 54 0.54 64.75 -15.13
N ILE G 55 -0.17 65.10 -16.22
CA ILE G 55 0.01 64.48 -17.56
C ILE G 55 1.34 64.96 -18.14
N ASN G 56 1.67 66.25 -17.94
CA ASN G 56 2.89 66.91 -18.49
C ASN G 56 4.10 66.67 -17.57
N ALA G 57 3.88 66.10 -16.38
CA ALA G 57 4.92 65.81 -15.38
C ALA G 57 5.89 64.75 -15.93
N SER G 58 5.39 63.80 -16.74
CA SER G 58 6.16 62.61 -17.18
C SER G 58 5.54 62.01 -18.46
N ASP G 59 6.29 61.11 -19.10
CA ASP G 59 5.88 60.35 -20.32
C ASP G 59 5.57 58.90 -19.94
N LEU G 60 5.88 58.46 -18.73
CA LEU G 60 5.31 57.23 -18.13
C LEU G 60 4.22 57.69 -17.16
N ILE G 61 3.01 57.17 -17.30
CA ILE G 61 1.85 57.57 -16.47
C ILE G 61 1.20 56.31 -15.91
N ILE G 62 1.37 56.06 -14.61
CA ILE G 62 0.78 54.88 -13.90
C ILE G 62 -0.51 55.35 -13.22
N ILE G 63 -1.68 55.13 -13.84
CA ILE G 63 -3.01 55.38 -13.22
C ILE G 63 -3.37 54.19 -12.30
N CYS G 64 -4.07 54.44 -11.19
CA CYS G 64 -4.52 53.38 -10.25
C CYS G 64 -5.62 53.92 -9.32
N LEU G 65 -6.89 53.71 -9.68
CA LEU G 65 -8.07 54.41 -9.09
C LEU G 65 -9.11 53.37 -8.64
N LEU G 66 -10.34 53.81 -8.33
CA LEU G 66 -11.46 52.96 -7.81
C LEU G 66 -12.01 52.07 -8.93
N ASP G 67 -12.37 52.69 -10.06
CA ASP G 67 -12.90 52.02 -11.26
C ASP G 67 -12.31 52.70 -12.49
N ASN G 68 -12.68 52.25 -13.69
CA ASN G 68 -12.31 52.87 -14.99
C ASN G 68 -13.16 54.13 -15.21
N ALA G 69 -14.36 54.21 -14.62
CA ALA G 69 -15.20 55.42 -14.72
C ALA G 69 -14.36 56.61 -14.22
N ALA G 70 -13.80 56.48 -13.01
CA ALA G 70 -12.86 57.44 -12.37
C ALA G 70 -11.66 57.74 -13.29
N VAL G 71 -11.17 56.76 -14.05
CA VAL G 71 -10.07 56.96 -15.04
C VAL G 71 -10.54 57.98 -16.08
N GLU G 72 -11.64 57.69 -16.79
CA GLU G 72 -12.25 58.59 -17.81
C GLU G 72 -12.57 59.95 -17.19
N ALA G 73 -13.24 59.95 -16.02
CA ALA G 73 -13.73 61.16 -15.34
C ALA G 73 -12.57 62.13 -15.08
N THR G 74 -11.50 61.62 -14.46
CA THR G 74 -10.30 62.37 -13.98
C THR G 74 -9.46 62.87 -15.15
N LEU G 75 -9.26 62.05 -16.18
CA LEU G 75 -8.40 62.38 -17.34
C LEU G 75 -9.19 63.16 -18.40
N ALA G 76 -10.49 63.38 -18.22
CA ALA G 76 -11.35 64.11 -19.19
C ALA G 76 -10.67 65.42 -19.57
N GLY G 77 -10.71 66.43 -18.68
CA GLY G 77 -10.11 67.77 -18.88
C GLY G 77 -8.79 67.72 -19.65
N ALA G 78 -7.99 66.66 -19.48
CA ALA G 78 -6.62 66.53 -20.02
C ALA G 78 -6.64 65.66 -21.27
N LEU G 79 -7.61 65.87 -22.17
CA LEU G 79 -7.73 65.11 -23.44
C LEU G 79 -6.51 65.40 -24.34
N ASP G 80 -6.20 66.69 -24.52
CA ASP G 80 -5.37 67.27 -25.61
C ASP G 80 -3.87 67.03 -25.31
N HIS G 81 -3.47 67.02 -24.02
CA HIS G 81 -2.04 66.94 -23.60
C HIS G 81 -1.58 65.48 -23.45
N LEU G 82 -2.29 64.53 -24.07
CA LEU G 82 -2.06 63.07 -23.91
C LEU G 82 -1.08 62.56 -24.98
N HIS G 83 -1.01 63.24 -26.14
CA HIS G 83 -0.13 62.90 -27.28
C HIS G 83 1.32 62.68 -26.81
N GLY G 84 1.82 61.44 -26.94
CA GLY G 84 3.22 61.06 -26.70
C GLY G 84 3.39 60.14 -25.51
N LYS G 85 2.44 60.16 -24.57
CA LYS G 85 2.55 59.52 -23.23
C LYS G 85 2.33 58.00 -23.34
N THR G 86 2.77 57.23 -22.32
CA THR G 86 2.55 55.76 -22.21
C THR G 86 1.70 55.47 -20.96
N ILE G 87 0.39 55.32 -21.13
CA ILE G 87 -0.59 55.16 -20.02
C ILE G 87 -0.59 53.70 -19.58
N ILE G 88 -0.17 53.39 -18.34
CA ILE G 88 -0.37 52.07 -17.65
C ILE G 88 -1.53 52.20 -16.65
N ASN G 89 -2.69 51.64 -16.96
CA ASN G 89 -3.87 51.67 -16.07
C ASN G 89 -3.85 50.37 -15.24
N LEU G 90 -3.65 50.48 -13.93
CA LEU G 90 -3.57 49.30 -13.03
C LEU G 90 -4.96 49.09 -12.40
N THR G 91 -5.88 50.02 -12.64
CA THR G 91 -7.27 50.01 -12.13
C THR G 91 -7.92 48.66 -12.45
N ASN G 92 -8.30 47.91 -11.42
CA ASN G 92 -9.07 46.64 -11.57
C ASN G 92 -10.36 46.99 -12.31
N GLY G 93 -10.85 46.09 -13.16
CA GLY G 93 -12.06 46.31 -13.98
C GLY G 93 -12.35 45.16 -14.91
N THR G 94 -13.27 45.35 -15.85
CA THR G 94 -13.71 44.31 -16.83
C THR G 94 -12.77 44.37 -18.03
N PRO G 95 -12.63 43.27 -18.80
CA PRO G 95 -11.92 43.27 -20.07
C PRO G 95 -12.47 44.35 -21.01
N ASP G 96 -13.81 44.51 -21.05
CA ASP G 96 -14.50 45.43 -22.00
C ASP G 96 -14.28 46.88 -21.58
N GLN G 97 -14.34 47.19 -20.27
CA GLN G 97 -13.95 48.55 -19.78
C GLN G 97 -12.56 48.86 -20.36
N ALA G 98 -11.62 47.93 -20.23
CA ALA G 98 -10.19 48.08 -20.56
C ALA G 98 -9.99 48.31 -22.06
N ARG G 99 -10.78 47.62 -22.89
CA ARG G 99 -10.72 47.74 -24.37
C ARG G 99 -11.32 49.09 -24.80
N LYS G 100 -12.42 49.50 -24.16
CA LYS G 100 -13.09 50.80 -24.45
C LYS G 100 -12.12 51.95 -24.13
N LEU G 101 -11.41 51.84 -23.01
CA LEU G 101 -10.39 52.84 -22.54
C LEU G 101 -9.20 52.85 -23.50
N SER G 102 -8.70 51.67 -23.90
CA SER G 102 -7.50 51.50 -24.75
C SER G 102 -7.71 52.17 -26.11
N ASP G 103 -8.91 52.02 -26.67
CA ASP G 103 -9.31 52.60 -27.98
C ASP G 103 -9.53 54.11 -27.80
N ARG G 104 -10.15 54.53 -26.69
CA ARG G 104 -10.47 55.95 -26.39
C ARG G 104 -9.16 56.74 -26.27
N PHE G 105 -8.14 56.19 -25.59
CA PHE G 105 -6.87 56.85 -25.23
C PHE G 105 -5.88 56.79 -26.41
N VAL G 106 -5.87 55.70 -27.19
CA VAL G 106 -5.03 55.57 -28.42
C VAL G 106 -5.52 56.56 -29.49
N SER G 107 -6.82 56.93 -29.45
CA SER G 107 -7.44 57.92 -30.35
C SER G 107 -6.89 59.32 -30.06
N HIS G 108 -6.33 59.52 -28.87
CA HIS G 108 -5.80 60.83 -28.38
C HIS G 108 -4.27 60.80 -28.29
N GLY G 109 -3.61 59.87 -29.00
CA GLY G 109 -2.18 59.96 -29.33
C GLY G 109 -1.31 59.13 -28.40
N ALA G 110 -1.87 58.69 -27.26
CA ALA G 110 -1.17 57.88 -26.25
C ALA G 110 -0.93 56.46 -26.78
N ARG G 111 -0.47 55.56 -25.92
CA ARG G 111 -0.30 54.12 -26.22
C ARG G 111 -0.49 53.33 -24.92
N HIS G 114 -2.55 47.69 -19.81
CA HIS G 114 -3.43 47.45 -18.63
C HIS G 114 -2.81 46.38 -17.73
N GLY G 115 -3.01 46.47 -16.43
CA GLY G 115 -2.32 45.60 -15.47
C GLY G 115 -3.19 45.26 -14.29
N GLY G 116 -3.34 43.97 -14.00
CA GLY G 116 -3.92 43.47 -12.75
C GLY G 116 -2.82 43.29 -11.74
N ILE G 117 -2.78 44.14 -10.72
CA ILE G 117 -1.80 44.08 -9.60
C ILE G 117 -2.21 42.89 -8.74
N MET G 118 -1.61 41.72 -8.98
CA MET G 118 -1.79 40.54 -8.08
C MET G 118 -0.88 40.72 -6.87
N ALA G 119 -1.19 41.70 -6.02
CA ALA G 119 -0.44 42.08 -4.80
C ALA G 119 -1.26 43.05 -3.96
N THR G 120 -1.34 42.80 -2.65
CA THR G 120 -1.79 43.80 -1.63
C THR G 120 -0.73 44.90 -1.55
N PRO G 121 -1.03 46.06 -0.95
CA PRO G 121 -0.08 47.17 -0.93
C PRO G 121 1.27 46.80 -0.28
N SER G 122 1.23 46.16 0.89
CA SER G 122 2.43 45.82 1.69
C SER G 122 3.38 44.91 0.90
N MET G 123 2.85 44.07 0.00
CA MET G 123 3.62 43.14 -0.88
C MET G 123 4.26 43.92 -2.03
N ILE G 124 3.84 45.13 -2.36
CA ILE G 124 4.48 45.86 -3.49
C ILE G 124 5.97 45.94 -3.14
N GLY G 125 6.85 45.85 -4.14
CA GLY G 125 8.32 45.81 -3.97
C GLY G 125 8.81 44.45 -3.48
N SER G 126 7.96 43.58 -2.94
CA SER G 126 8.36 42.28 -2.34
C SER G 126 8.59 41.27 -3.45
N PRO G 127 9.19 40.09 -3.14
CA PRO G 127 9.37 39.01 -4.13
C PRO G 127 8.06 38.43 -4.69
N TYR G 128 7.04 38.26 -3.83
CA TYR G 128 5.75 37.60 -4.17
C TYR G 128 4.78 38.56 -4.88
N ALA G 129 5.11 39.85 -4.97
CA ALA G 129 4.36 40.82 -5.79
C ALA G 129 4.39 40.33 -7.23
N LEU G 130 3.28 40.47 -7.94
CA LEU G 130 3.07 40.04 -9.35
C LEU G 130 2.05 40.99 -10.00
N VAL G 131 2.27 41.35 -11.26
CA VAL G 131 1.34 42.22 -12.06
C VAL G 131 1.24 41.65 -13.47
N LEU G 132 0.03 41.28 -13.90
CA LEU G 132 -0.29 40.80 -15.27
C LEU G 132 -0.48 42.03 -16.15
N TYR G 133 0.14 42.09 -17.32
CA TYR G 133 -0.01 43.22 -18.28
C TYR G 133 -0.40 42.70 -19.66
N SER G 134 -1.35 43.39 -20.28
CA SER G 134 -1.79 43.19 -21.68
C SER G 134 -1.96 44.58 -22.31
N GLY G 135 -1.98 44.67 -23.64
CA GLY G 135 -2.05 45.95 -24.38
C GLY G 135 -0.84 46.12 -25.28
N SER G 136 -0.67 47.30 -25.87
CA SER G 136 0.42 47.64 -26.83
C SER G 136 1.76 47.13 -26.29
N PRO G 137 2.35 46.07 -26.88
CA PRO G 137 3.58 45.48 -26.35
C PRO G 137 4.82 46.35 -26.62
N ASP G 138 4.74 47.26 -27.60
CA ASP G 138 5.78 48.29 -27.90
C ASP G 138 5.97 49.16 -26.66
N ALA G 139 4.88 49.74 -26.15
CA ALA G 139 4.83 50.59 -24.94
C ALA G 139 5.28 49.81 -23.70
N PHE G 140 4.81 48.58 -23.54
CA PHE G 140 5.12 47.73 -22.35
C PHE G 140 6.62 47.43 -22.29
N LYS G 141 7.26 47.20 -23.43
CA LYS G 141 8.68 46.75 -23.51
C LYS G 141 9.58 47.89 -23.00
N ALA G 142 9.33 49.13 -23.46
CA ALA G 142 10.07 50.36 -23.07
C ALA G 142 10.01 50.59 -21.56
N ALA G 143 8.80 50.47 -20.98
CA ALA G 143 8.50 50.76 -19.57
C ALA G 143 8.54 49.48 -18.70
N GLU G 144 8.91 48.32 -19.25
CA GLU G 144 9.11 47.07 -18.46
C GLU G 144 10.21 47.29 -17.42
N GLY G 145 11.27 48.01 -17.78
CA GLY G 145 12.38 48.36 -16.86
C GLY G 145 11.85 48.98 -15.58
N ASP G 146 11.23 50.15 -15.69
CA ASP G 146 10.71 50.95 -14.54
C ASP G 146 9.74 50.11 -13.71
N LEU G 147 8.65 49.63 -14.33
CA LEU G 147 7.53 48.91 -13.66
C LEU G 147 8.06 47.75 -12.82
N SER G 148 9.15 47.10 -13.26
CA SER G 148 9.77 45.90 -12.64
C SER G 148 10.11 46.13 -11.16
N VAL G 149 10.30 47.39 -10.74
CA VAL G 149 10.60 47.77 -9.33
C VAL G 149 9.45 47.29 -8.42
N LEU G 150 8.21 47.33 -8.92
CA LEU G 150 6.96 47.13 -8.11
C LEU G 150 6.75 45.64 -7.83
N ALA G 151 6.90 44.80 -8.85
CA ALA G 151 6.58 43.36 -8.78
C ALA G 151 7.15 42.62 -10.01
N LYS G 152 6.95 41.30 -10.04
CA LYS G 152 7.36 40.41 -11.15
C LYS G 152 6.39 40.63 -12.32
N CYS G 153 6.80 41.39 -13.36
CA CYS G 153 6.02 41.58 -14.62
C CYS G 153 5.67 40.22 -15.25
N VAL G 154 4.54 40.14 -15.97
CA VAL G 154 4.05 38.91 -16.67
C VAL G 154 3.14 39.35 -17.82
N PHE G 155 3.70 39.72 -18.98
CA PHE G 155 2.94 40.11 -20.19
C PHE G 155 2.15 38.90 -20.71
N LEU G 156 0.99 39.11 -21.35
CA LEU G 156 0.20 38.00 -21.95
C LEU G 156 -0.85 38.51 -22.94
N GLY G 157 -0.44 39.29 -23.95
CA GLY G 157 -1.19 39.51 -25.20
C GLY G 157 -1.30 40.98 -25.58
N GLU G 158 -1.62 41.26 -26.85
CA GLU G 158 -1.89 42.62 -27.39
C GLU G 158 -3.37 42.97 -27.18
N ASP G 159 -4.11 42.08 -26.51
CA ASP G 159 -5.55 42.19 -26.17
C ASP G 159 -5.68 43.04 -24.89
N ALA G 160 -6.07 44.31 -25.03
CA ALA G 160 -6.03 45.36 -23.98
C ALA G 160 -6.71 44.94 -22.67
N GLY G 161 -7.53 43.86 -22.68
CA GLY G 161 -8.37 43.45 -21.53
C GLY G 161 -8.10 42.04 -21.04
N THR G 162 -6.97 41.44 -21.43
CA THR G 162 -6.59 40.05 -21.05
C THR G 162 -6.12 40.01 -19.59
N ALA G 163 -5.32 41.01 -19.17
CA ALA G 163 -4.82 41.18 -17.79
C ALA G 163 -5.98 41.27 -16.79
N SER G 164 -7.03 42.01 -17.17
CA SER G 164 -8.27 42.24 -16.38
C SER G 164 -9.04 40.93 -16.21
N LEU G 165 -9.16 40.14 -17.27
CA LEU G 165 -9.83 38.80 -17.22
C LEU G 165 -9.07 37.91 -16.22
N HIS G 166 -7.75 37.91 -16.27
CA HIS G 166 -6.86 37.10 -15.39
C HIS G 166 -6.90 37.66 -13.95
N ASP G 167 -6.95 39.00 -13.82
CA ASP G 167 -7.13 39.66 -12.51
C ASP G 167 -8.38 39.06 -11.85
N LEU G 168 -9.54 39.24 -12.48
CA LEU G 168 -10.88 38.91 -11.92
C LEU G 168 -10.96 37.40 -11.64
N ALA G 169 -10.46 36.57 -12.55
CA ALA G 169 -10.36 35.10 -12.36
C ALA G 169 -9.63 34.80 -11.05
N LEU G 170 -8.41 35.33 -10.88
CA LEU G 170 -7.57 35.01 -9.69
C LEU G 170 -8.33 35.45 -8.41
N LEU G 171 -8.82 36.69 -8.41
CA LEU G 171 -9.71 37.27 -7.37
C LEU G 171 -10.92 36.36 -7.08
N SER G 172 -11.58 35.83 -8.11
CA SER G 172 -12.69 34.85 -7.97
C SER G 172 -12.27 33.67 -7.07
N GLY G 173 -11.02 33.18 -7.20
CA GLY G 173 -10.49 32.06 -6.41
C GLY G 173 -10.07 32.49 -5.01
N MET G 174 -9.50 33.68 -4.90
CA MET G 174 -9.28 34.36 -3.60
C MET G 174 -10.60 34.35 -2.83
N TYR G 175 -11.62 34.97 -3.40
CA TYR G 175 -12.93 35.21 -2.75
C TYR G 175 -13.61 33.88 -2.38
N GLY G 176 -13.39 32.84 -3.17
CA GLY G 176 -13.73 31.46 -2.77
C GLY G 176 -13.08 31.12 -1.44
N LEU G 177 -11.78 31.40 -1.33
CA LEU G 177 -10.91 30.98 -0.20
C LEU G 177 -11.38 31.72 1.08
N PHE G 178 -11.56 33.04 0.98
CA PHE G 178 -12.03 33.88 2.13
C PHE G 178 -13.44 33.45 2.56
N SER G 179 -14.30 33.10 1.61
CA SER G 179 -15.68 32.61 1.86
C SER G 179 -15.61 31.32 2.69
N GLY G 180 -14.62 30.48 2.43
CA GLY G 180 -14.43 29.24 3.21
C GLY G 180 -13.86 29.53 4.60
N PHE G 181 -12.84 30.39 4.64
CA PHE G 181 -12.17 30.86 5.88
C PHE G 181 -13.22 31.44 6.85
N LEU G 182 -13.91 32.49 6.43
CA LEU G 182 -15.03 33.15 7.18
C LEU G 182 -16.06 32.10 7.66
N HIS G 183 -16.58 31.26 6.78
CA HIS G 183 -17.54 30.19 7.17
C HIS G 183 -16.89 29.28 8.23
N ALA G 184 -15.68 28.79 7.95
CA ALA G 184 -14.92 27.83 8.80
C ALA G 184 -14.63 28.46 10.18
N THR G 185 -14.09 29.68 10.21
CA THR G 185 -13.83 30.44 11.48
C THR G 185 -15.14 30.59 12.26
N ALA G 186 -16.08 31.37 11.72
CA ALA G 186 -17.48 31.50 12.21
C ALA G 186 -17.95 30.20 12.86
N LEU G 187 -17.87 29.07 12.15
CA LEU G 187 -18.53 27.80 12.57
C LEU G 187 -17.88 27.29 13.85
N VAL G 188 -16.65 27.70 14.12
CA VAL G 188 -15.80 27.12 15.21
C VAL G 188 -15.62 28.14 16.37
N ARG G 189 -15.81 29.44 16.12
CA ARG G 189 -15.74 30.53 17.14
C ARG G 189 -16.19 30.03 18.51
N SER G 190 -17.36 29.43 18.63
CA SER G 190 -17.96 29.04 19.94
C SER G 190 -16.97 28.16 20.72
N SER G 191 -16.28 27.25 20.02
CA SER G 191 -15.54 26.11 20.61
C SER G 191 -14.04 26.44 20.78
N THR G 192 -13.50 27.34 19.95
CA THR G 192 -12.05 27.65 19.87
C THR G 192 -11.83 29.02 19.22
N PRO G 193 -10.69 29.68 19.54
CA PRO G 193 -10.29 30.92 18.87
C PRO G 193 -9.70 30.69 17.47
N ALA G 194 -9.81 31.71 16.60
CA ALA G 194 -9.54 31.61 15.15
C ALA G 194 -8.06 31.28 14.92
N VAL G 195 -7.14 31.92 15.65
CA VAL G 195 -5.65 31.75 15.48
C VAL G 195 -5.30 30.28 15.79
N LYS G 196 -5.59 29.79 17.00
CA LYS G 196 -5.34 28.36 17.39
C LYS G 196 -5.95 27.40 16.34
N PHE G 197 -6.99 27.84 15.60
CA PHE G 197 -7.71 27.06 14.57
C PHE G 197 -6.95 27.07 13.24
N MET G 198 -6.20 28.14 12.93
CA MET G 198 -5.30 28.21 11.73
C MET G 198 -4.27 27.07 11.77
N ASP G 199 -3.98 26.53 12.95
CA ASP G 199 -3.10 25.34 13.13
C ASP G 199 -3.69 24.11 12.40
N LEU G 200 -5.02 24.08 12.22
CA LEU G 200 -5.78 23.02 11.47
C LEU G 200 -6.18 23.52 10.08
N LEU G 201 -6.69 24.73 9.95
CA LEU G 201 -7.10 25.26 8.61
C LEU G 201 -5.91 25.28 7.66
N VAL G 202 -4.86 26.05 7.97
CA VAL G 202 -3.76 26.42 7.02
C VAL G 202 -3.13 25.18 6.39
N PRO G 203 -2.77 24.12 7.14
CA PRO G 203 -2.32 22.89 6.51
C PRO G 203 -3.41 22.33 5.57
N TRP G 204 -4.60 22.07 6.12
CA TRP G 204 -5.76 21.47 5.40
C TRP G 204 -6.02 22.19 4.08
N LEU G 205 -6.05 23.53 4.10
CA LEU G 205 -6.24 24.33 2.85
C LEU G 205 -5.08 24.04 1.88
N GLY G 206 -3.86 23.96 2.41
CA GLY G 206 -2.65 23.51 1.68
C GLY G 206 -2.87 22.20 0.96
N ALA G 207 -3.27 21.14 1.68
CA ALA G 207 -3.65 19.84 1.09
C ALA G 207 -4.61 20.12 -0.07
N MET G 208 -5.78 20.67 0.24
CA MET G 208 -6.91 20.87 -0.68
C MET G 208 -6.50 21.76 -1.86
N THR G 209 -5.60 22.72 -1.66
CA THR G 209 -5.05 23.56 -2.76
C THR G 209 -4.23 22.67 -3.72
N GLU G 210 -3.56 21.63 -3.21
CA GLU G 210 -2.78 20.67 -4.04
C GLU G 210 -3.75 19.91 -4.93
N TYR G 211 -4.80 19.34 -4.32
CA TYR G 211 -5.87 18.52 -4.92
C TYR G 211 -6.52 19.27 -6.10
N THR G 212 -6.51 20.61 -6.11
CA THR G 212 -7.09 21.42 -7.21
C THR G 212 -6.17 21.41 -8.44
N LYS G 213 -4.87 21.15 -8.24
CA LYS G 213 -3.87 21.01 -9.33
C LYS G 213 -4.19 19.74 -10.13
N GLY G 214 -4.40 18.63 -9.40
CA GLY G 214 -4.73 17.31 -9.93
C GLY G 214 -6.18 17.23 -10.35
N MET G 215 -6.88 18.38 -10.42
CA MET G 215 -8.31 18.46 -10.83
C MET G 215 -8.44 19.37 -12.06
N ALA G 216 -7.64 20.42 -12.18
CA ALA G 216 -7.45 21.20 -13.43
C ALA G 216 -7.03 20.26 -14.58
N LYS G 217 -6.20 19.24 -14.27
CA LYS G 217 -5.80 18.16 -15.23
C LYS G 217 -7.07 17.46 -15.74
N GLN G 218 -7.85 16.86 -14.85
CA GLN G 218 -9.18 16.25 -15.14
C GLN G 218 -9.97 17.22 -16.03
N ILE G 219 -10.22 18.44 -15.54
CA ILE G 219 -11.03 19.50 -16.23
C ILE G 219 -10.49 19.72 -17.65
N ASP G 220 -9.17 19.61 -17.85
CA ASP G 220 -8.50 19.91 -19.15
C ASP G 220 -8.67 18.75 -20.13
N GLU G 221 -8.67 17.50 -19.64
CA GLU G 221 -8.79 16.27 -20.47
C GLU G 221 -10.28 15.87 -20.54
N GLY G 222 -10.86 15.41 -19.43
CA GLY G 222 -12.30 15.08 -19.31
C GLY G 222 -12.55 13.80 -18.54
N LYS G 223 -11.75 13.49 -17.53
CA LYS G 223 -11.84 12.25 -16.71
C LYS G 223 -13.11 12.29 -15.85
N TYR G 224 -13.05 12.97 -14.69
CA TYR G 224 -14.16 13.08 -13.69
C TYR G 224 -14.38 11.72 -13.00
N THR G 225 -13.33 10.90 -12.90
CA THR G 225 -13.38 9.51 -12.39
C THR G 225 -13.15 9.50 -10.87
N SER G 226 -14.03 8.80 -10.13
CA SER G 226 -13.95 8.56 -8.67
C SER G 226 -12.59 8.00 -8.27
N SER G 229 -14.80 9.27 -2.77
CA SER G 229 -14.90 10.75 -2.69
C SER G 229 -15.96 11.22 -3.70
N ASN G 230 -17.18 10.68 -3.54
CA ASN G 230 -18.26 10.70 -4.57
C ASN G 230 -19.33 11.77 -4.26
N LEU G 231 -19.80 12.48 -5.28
CA LEU G 231 -20.81 13.58 -5.22
C LEU G 231 -22.06 13.20 -4.41
N ALA G 232 -22.45 11.93 -4.32
CA ALA G 232 -23.61 11.52 -3.50
C ALA G 232 -23.32 11.73 -2.00
N MET G 233 -22.13 11.34 -1.54
CA MET G 233 -21.71 11.41 -0.12
C MET G 233 -21.38 12.87 0.24
N GLN G 234 -20.72 13.60 -0.66
CA GLN G 234 -20.37 15.03 -0.43
C GLN G 234 -21.67 15.77 -0.17
N LEU G 235 -22.68 15.56 -1.02
CA LEU G 235 -24.05 16.14 -0.85
C LEU G 235 -24.59 15.96 0.56
N VAL G 236 -24.50 14.77 1.14
CA VAL G 236 -25.05 14.50 2.50
C VAL G 236 -24.10 15.15 3.50
N GLY G 237 -22.83 15.30 3.12
CA GLY G 237 -21.83 16.07 3.88
C GLY G 237 -22.18 17.53 3.95
N ILE G 238 -22.30 18.20 2.78
CA ILE G 238 -22.66 19.65 2.68
C ILE G 238 -23.95 19.91 3.47
N GLN G 239 -24.90 18.96 3.48
CA GLN G 239 -26.14 19.07 4.29
C GLN G 239 -25.81 19.07 5.79
N ASN G 240 -24.80 18.33 6.22
CA ASN G 240 -24.35 18.31 7.64
C ASN G 240 -23.72 19.66 8.02
N ILE G 241 -23.06 20.35 7.09
CA ILE G 241 -22.44 21.70 7.37
C ILE G 241 -23.58 22.74 7.54
N ILE G 242 -24.57 22.74 6.66
CA ILE G 242 -25.78 23.62 6.71
C ILE G 242 -26.54 23.44 8.03
N ASP G 243 -26.86 22.19 8.39
CA ASP G 243 -27.54 21.84 9.66
C ASP G 243 -26.68 22.32 10.84
N ALA G 244 -25.35 22.13 10.79
CA ALA G 244 -24.39 22.48 11.87
C ALA G 244 -24.26 24.00 12.02
N SER G 245 -24.22 24.71 10.90
CA SER G 245 -24.15 26.18 10.82
C SER G 245 -25.39 26.82 11.47
N GLU G 246 -26.59 26.36 11.15
CA GLU G 246 -27.86 26.87 11.74
C GLU G 246 -27.81 26.66 13.27
N ALA G 247 -27.33 25.50 13.72
CA ALA G 247 -27.27 25.13 15.15
C ALA G 247 -26.27 26.03 15.90
N GLN G 248 -25.21 26.50 15.22
CA GLN G 248 -24.20 27.44 15.81
C GLN G 248 -24.61 28.90 15.49
N GLN G 249 -25.82 29.14 15.01
CA GLN G 249 -26.30 30.50 14.65
C GLN G 249 -25.39 31.15 13.60
N VAL G 250 -24.78 30.35 12.72
CA VAL G 250 -23.94 30.82 11.56
C VAL G 250 -24.74 30.63 10.26
N SER G 251 -24.63 31.56 9.32
CA SER G 251 -25.18 31.47 7.94
C SER G 251 -24.38 30.49 7.08
N ALA G 252 -25.04 29.52 6.45
CA ALA G 252 -24.45 28.58 5.48
C ALA G 252 -24.72 29.07 4.06
N GLU G 253 -24.87 30.37 3.84
CA GLU G 253 -25.11 30.94 2.50
C GLU G 253 -23.85 30.88 1.64
N PHE G 254 -22.67 30.65 2.23
CA PHE G 254 -21.38 30.55 1.47
C PHE G 254 -21.37 29.25 0.65
N ILE G 255 -21.98 28.19 1.21
CA ILE G 255 -21.93 26.80 0.66
C ILE G 255 -23.12 26.52 -0.29
N ARG G 256 -24.21 27.31 -0.26
CA ARG G 256 -25.45 26.97 -1.01
C ARG G 256 -25.17 26.79 -2.49
N PRO G 257 -24.42 27.70 -3.18
CA PRO G 257 -24.14 27.52 -4.61
C PRO G 257 -23.46 26.16 -4.84
N MET G 258 -22.49 25.81 -3.99
CA MET G 258 -21.81 24.49 -4.14
C MET G 258 -22.90 23.41 -4.14
N LYS G 259 -23.82 23.44 -3.16
CA LYS G 259 -24.93 22.45 -3.01
C LYS G 259 -25.78 22.44 -4.29
N GLU G 260 -26.24 23.60 -4.72
CA GLU G 260 -27.09 23.72 -5.93
C GLU G 260 -26.36 23.03 -7.09
N PHE G 261 -25.05 23.23 -7.22
CA PHE G 261 -24.23 22.68 -8.34
C PHE G 261 -24.08 21.17 -8.22
N MET G 262 -23.78 20.63 -7.04
CA MET G 262 -23.68 19.16 -6.82
C MET G 262 -25.05 18.50 -7.10
N GLN G 263 -26.15 19.15 -6.73
CA GLN G 263 -27.53 18.65 -7.00
C GLN G 263 -27.79 18.58 -8.50
N LYS G 264 -27.41 19.59 -9.28
CA LYS G 264 -27.47 19.57 -10.77
C LYS G 264 -26.70 18.34 -11.26
N ALA G 265 -25.60 17.99 -10.60
CA ALA G 265 -24.62 16.97 -11.05
C ALA G 265 -25.15 15.57 -10.78
N VAL G 266 -25.59 15.24 -9.56
CA VAL G 266 -26.01 13.84 -9.24
C VAL G 266 -27.29 13.55 -10.05
N ALA G 267 -28.21 14.53 -10.13
CA ALA G 267 -29.46 14.51 -10.92
C ALA G 267 -29.16 14.22 -12.40
N ALA G 268 -28.09 14.83 -12.93
CA ALA G 268 -27.63 14.69 -14.34
C ALA G 268 -26.69 13.50 -14.48
N GLY G 269 -26.59 12.66 -13.43
CA GLY G 269 -26.00 11.31 -13.51
C GLY G 269 -24.64 11.17 -12.85
N HIS G 270 -24.05 12.24 -12.29
CA HIS G 270 -22.65 12.23 -11.78
C HIS G 270 -22.56 11.78 -10.32
N GLY G 271 -23.53 10.97 -9.86
CA GLY G 271 -23.65 10.51 -8.47
C GLY G 271 -22.34 9.95 -7.93
N GLY G 272 -21.62 9.20 -8.76
CA GLY G 272 -20.38 8.50 -8.39
C GLY G 272 -19.14 9.17 -8.95
N ASP G 273 -19.24 10.38 -9.50
CA ASP G 273 -18.10 11.09 -10.13
C ASP G 273 -17.46 12.04 -9.10
N ASP G 274 -16.30 12.60 -9.45
CA ASP G 274 -15.48 13.50 -8.57
C ASP G 274 -16.04 14.92 -8.68
N ILE G 275 -15.66 15.77 -7.73
CA ILE G 275 -16.06 17.21 -7.64
C ILE G 275 -15.62 17.96 -8.91
N SER G 276 -14.74 17.38 -9.73
CA SER G 276 -14.26 17.96 -11.01
C SER G 276 -15.44 18.08 -11.98
N SER G 277 -16.31 17.07 -11.95
CA SER G 277 -17.48 16.90 -12.86
C SER G 277 -18.35 18.15 -12.89
N LEU G 278 -18.37 18.94 -11.81
CA LEU G 278 -19.28 20.12 -11.67
C LEU G 278 -18.89 21.19 -12.72
N ILE G 279 -17.67 21.11 -13.27
CA ILE G 279 -17.10 22.21 -14.10
C ILE G 279 -18.11 22.52 -15.22
N ASP G 280 -18.73 21.49 -15.80
CA ASP G 280 -19.63 21.62 -16.98
C ASP G 280 -21.02 22.15 -16.56
N PHE G 281 -21.30 22.26 -15.26
CA PHE G 281 -22.61 22.71 -14.73
C PHE G 281 -22.52 24.12 -14.15
N VAL G 282 -21.46 24.88 -14.44
CA VAL G 282 -21.33 26.31 -14.04
C VAL G 282 -21.54 27.21 -15.25
N LYS G 283 -21.78 26.62 -16.42
CA LYS G 283 -22.14 27.31 -17.69
C LYS G 283 -23.68 27.45 -17.78
N SER H 2 -6.86 -50.29 -9.11
CA SER H 2 -7.94 -49.37 -8.71
C SER H 2 -9.14 -49.48 -9.66
N SER H 3 -10.35 -49.62 -9.09
CA SER H 3 -11.63 -49.87 -9.81
C SER H 3 -12.45 -48.57 -9.85
N VAL H 4 -13.03 -48.26 -11.01
CA VAL H 4 -13.97 -47.12 -11.22
C VAL H 4 -15.19 -47.66 -11.98
N SER H 5 -16.35 -47.00 -11.86
CA SER H 5 -17.59 -47.34 -12.61
C SER H 5 -18.22 -46.07 -13.19
N ILE H 6 -18.21 -45.94 -14.51
CA ILE H 6 -18.70 -44.74 -15.24
C ILE H 6 -20.17 -44.93 -15.61
N PHE H 7 -20.92 -43.81 -15.68
CA PHE H 7 -22.29 -43.68 -16.23
C PHE H 7 -22.26 -42.58 -17.31
N GLY H 8 -22.78 -42.88 -18.51
CA GLY H 8 -22.92 -41.92 -19.62
C GLY H 8 -21.76 -41.98 -20.59
N LEU H 9 -22.00 -42.43 -21.83
CA LEU H 9 -20.92 -42.76 -22.80
C LEU H 9 -21.12 -41.91 -24.06
N GLY H 10 -21.33 -40.61 -23.87
CA GLY H 10 -21.28 -39.63 -24.98
C GLY H 10 -19.83 -39.30 -25.29
N ALA H 11 -19.59 -38.15 -25.94
CA ALA H 11 -18.25 -37.69 -26.35
C ALA H 11 -17.34 -37.55 -25.12
N MET H 12 -17.89 -37.20 -23.94
CA MET H 12 -17.05 -36.85 -22.76
C MET H 12 -16.88 -38.07 -21.87
N GLY H 13 -17.92 -38.85 -21.64
CA GLY H 13 -17.87 -40.03 -20.74
C GLY H 13 -17.07 -41.17 -21.34
N THR H 14 -16.83 -41.14 -22.66
CA THR H 14 -16.03 -42.14 -23.42
C THR H 14 -14.55 -41.74 -23.28
N ALA H 15 -14.22 -40.49 -23.65
CA ALA H 15 -12.91 -39.85 -23.43
C ALA H 15 -12.44 -40.17 -22.02
N LEU H 16 -13.27 -39.92 -21.01
CA LEU H 16 -12.98 -40.26 -19.59
C LEU H 16 -12.75 -41.77 -19.48
N ALA H 17 -13.67 -42.59 -19.97
CA ALA H 17 -13.63 -44.07 -19.83
C ALA H 17 -12.36 -44.60 -20.50
N SER H 18 -12.11 -44.18 -21.74
CA SER H 18 -10.89 -44.50 -22.52
C SER H 18 -9.62 -44.21 -21.70
N ARG H 19 -9.57 -43.07 -21.00
CA ARG H 19 -8.35 -42.62 -20.28
C ARG H 19 -8.11 -43.55 -19.10
N PHE H 20 -9.14 -43.87 -18.32
CA PHE H 20 -9.03 -44.78 -17.16
C PHE H 20 -8.44 -46.13 -17.60
N LEU H 21 -8.69 -46.52 -18.86
CA LEU H 21 -8.18 -47.78 -19.46
C LEU H 21 -6.67 -47.64 -19.74
N GLU H 22 -6.28 -46.51 -20.31
CA GLU H 22 -4.87 -46.19 -20.70
C GLU H 22 -3.96 -46.14 -19.47
N GLU H 23 -4.51 -45.91 -18.27
CA GLU H 23 -3.79 -45.99 -16.96
C GLU H 23 -4.15 -47.31 -16.27
N LYS H 24 -4.57 -48.31 -17.04
CA LYS H 24 -4.78 -49.70 -16.55
C LYS H 24 -5.56 -49.69 -15.23
N TYR H 25 -6.84 -49.27 -15.27
CA TYR H 25 -7.81 -49.33 -14.15
C TYR H 25 -8.80 -50.46 -14.43
N LYS H 26 -9.56 -50.86 -13.41
CA LYS H 26 -10.71 -51.81 -13.57
C LYS H 26 -11.98 -50.98 -13.88
N VAL H 27 -12.13 -50.50 -15.11
CA VAL H 27 -13.19 -49.55 -15.56
C VAL H 27 -14.49 -50.30 -15.80
N ALA H 28 -15.55 -50.04 -15.00
CA ALA H 28 -16.94 -50.49 -15.29
C ALA H 28 -17.65 -49.36 -16.03
N VAL H 29 -18.51 -49.67 -17.00
CA VAL H 29 -19.21 -48.64 -17.82
C VAL H 29 -20.68 -49.01 -18.05
N TRP H 30 -21.50 -47.96 -18.26
CA TRP H 30 -22.98 -48.00 -18.37
C TRP H 30 -23.42 -46.92 -19.33
N ASN H 31 -24.57 -47.09 -19.98
CA ASN H 31 -25.21 -46.06 -20.83
C ASN H 31 -26.70 -46.39 -20.91
N ARG H 32 -27.51 -45.44 -21.36
CA ARG H 32 -28.92 -45.68 -21.75
C ARG H 32 -28.88 -46.71 -22.87
N SER H 33 -28.12 -46.41 -23.93
CA SER H 33 -27.96 -47.21 -25.16
C SER H 33 -26.53 -47.75 -25.28
N PRO H 34 -26.25 -49.02 -24.91
CA PRO H 34 -24.88 -49.54 -24.98
C PRO H 34 -24.49 -49.94 -26.42
N GLU H 35 -25.34 -50.75 -27.06
CA GLU H 35 -25.31 -51.09 -28.50
C GLU H 35 -25.31 -49.79 -29.33
N ALA H 37 -23.96 -45.87 -28.26
CA ALA H 37 -22.71 -45.45 -27.61
C ALA H 37 -21.90 -46.68 -27.18
N SER H 38 -20.73 -46.86 -27.78
CA SER H 38 -19.89 -48.09 -27.67
C SER H 38 -19.72 -48.49 -26.21
N SER H 39 -19.88 -49.78 -25.94
CA SER H 39 -19.45 -50.49 -24.72
C SER H 39 -18.22 -51.32 -25.07
N LEU H 40 -17.14 -50.66 -25.47
CA LEU H 40 -15.72 -51.14 -25.60
C LEU H 40 -15.31 -52.06 -24.45
N LEU H 41 -15.92 -53.22 -24.24
CA LEU H 41 -15.29 -54.34 -23.48
C LEU H 41 -14.03 -54.78 -24.22
N GLY H 42 -13.90 -54.37 -25.48
CA GLY H 42 -12.75 -54.68 -26.34
C GLY H 42 -11.45 -54.24 -25.72
N LYS H 43 -11.44 -53.04 -25.13
CA LYS H 43 -10.26 -52.41 -24.50
C LYS H 43 -10.20 -52.83 -23.03
N GLY H 44 -11.13 -53.65 -22.56
CA GLY H 44 -11.10 -54.32 -21.23
C GLY H 44 -12.22 -53.88 -20.28
N ALA H 45 -13.02 -52.88 -20.66
CA ALA H 45 -14.11 -52.32 -19.83
C ALA H 45 -15.12 -53.41 -19.50
N THR H 46 -15.81 -53.28 -18.36
CA THR H 46 -16.90 -54.17 -17.90
C THR H 46 -18.23 -53.43 -18.11
N LEU H 47 -19.17 -54.03 -18.86
CA LEU H 47 -20.49 -53.41 -19.18
C LEU H 47 -21.47 -53.71 -18.04
N SER H 48 -21.92 -52.65 -17.34
CA SER H 48 -23.01 -52.72 -16.32
C SER H 48 -24.36 -52.84 -17.05
N HIS H 49 -25.06 -53.96 -16.88
CA HIS H 49 -26.33 -54.26 -17.61
C HIS H 49 -27.39 -53.24 -17.17
N THR H 50 -27.41 -52.96 -15.86
CA THR H 50 -28.32 -51.99 -15.22
C THR H 50 -27.49 -50.95 -14.47
N ALA H 51 -28.14 -49.89 -13.97
CA ALA H 51 -27.51 -48.87 -13.10
C ALA H 51 -27.09 -49.50 -11.76
N VAL H 52 -27.85 -50.50 -11.27
CA VAL H 52 -27.55 -51.20 -9.98
C VAL H 52 -26.21 -51.96 -10.12
N ASP H 53 -26.04 -52.69 -11.22
CA ASP H 53 -24.85 -53.52 -11.51
C ASP H 53 -23.62 -52.61 -11.70
N GLY H 54 -23.84 -51.38 -12.17
CA GLY H 54 -22.78 -50.36 -12.34
C GLY H 54 -22.51 -49.62 -11.05
N ILE H 55 -23.49 -49.53 -10.16
CA ILE H 55 -23.33 -48.92 -8.80
C ILE H 55 -22.49 -49.85 -7.94
N ASN H 56 -22.73 -51.17 -8.05
CA ASN H 56 -22.07 -52.22 -7.23
C ASN H 56 -20.72 -52.63 -7.85
N ALA H 57 -20.43 -52.14 -9.06
CA ALA H 57 -19.18 -52.42 -9.79
C ALA H 57 -17.98 -51.84 -9.03
N SER H 58 -18.15 -50.71 -8.35
CA SER H 58 -17.05 -49.89 -7.78
C SER H 58 -17.60 -48.97 -6.68
N ASP H 59 -16.68 -48.39 -5.89
CA ASP H 59 -16.98 -47.42 -4.79
C ASP H 59 -16.59 -46.00 -5.24
N LEU H 60 -15.88 -45.86 -6.36
CA LEU H 60 -15.70 -44.57 -7.07
C LEU H 60 -16.65 -44.63 -8.26
N ILE H 61 -17.54 -43.63 -8.40
CA ILE H 61 -18.57 -43.62 -9.46
C ILE H 61 -18.52 -42.24 -10.14
N ILE H 62 -17.99 -42.19 -11.37
CA ILE H 62 -17.87 -40.94 -12.17
C ILE H 62 -19.06 -40.88 -13.14
N ILE H 63 -20.13 -40.17 -12.78
CA ILE H 63 -21.29 -39.90 -13.68
C ILE H 63 -20.94 -38.74 -14.63
N CYS H 64 -21.45 -38.76 -15.85
CA CYS H 64 -21.23 -37.68 -16.86
C CYS H 64 -22.25 -37.78 -17.99
N LEU H 65 -23.37 -37.05 -17.90
CA LEU H 65 -24.58 -37.22 -18.75
C LEU H 65 -24.99 -35.88 -19.39
N LEU H 66 -26.21 -35.77 -19.94
CA LEU H 66 -26.69 -34.52 -20.64
C LEU H 66 -27.05 -33.47 -19.59
N ASP H 67 -27.86 -33.85 -18.61
CA ASP H 67 -28.35 -32.95 -17.53
C ASP H 67 -28.32 -33.75 -16.23
N ASN H 68 -28.68 -33.07 -15.14
CA ASN H 68 -28.84 -33.66 -13.79
C ASN H 68 -30.17 -34.43 -13.73
N ALA H 69 -31.15 -34.09 -14.57
CA ALA H 69 -32.42 -34.84 -14.62
C ALA H 69 -32.07 -36.30 -14.90
N ALA H 70 -31.31 -36.55 -15.97
CA ALA H 70 -30.75 -37.88 -16.35
C ALA H 70 -30.00 -38.53 -15.19
N VAL H 71 -29.27 -37.75 -14.38
CA VAL H 71 -28.56 -38.27 -13.18
C VAL H 71 -29.58 -38.88 -12.22
N GLU H 72 -30.57 -38.10 -11.77
CA GLU H 72 -31.68 -38.54 -10.88
C GLU H 72 -32.43 -39.72 -11.52
N ALA H 73 -32.81 -39.58 -12.80
CA ALA H 73 -33.65 -40.55 -13.53
C ALA H 73 -32.98 -41.91 -13.52
N THR H 74 -31.69 -41.97 -13.90
CA THR H 74 -30.87 -43.19 -14.10
C THR H 74 -30.55 -43.87 -12.76
N LEU H 75 -30.22 -43.08 -11.74
CA LEU H 75 -29.82 -43.61 -10.40
C LEU H 75 -31.05 -43.89 -9.51
N ALA H 76 -32.27 -43.55 -9.98
CA ALA H 76 -33.52 -43.76 -9.22
C ALA H 76 -33.56 -45.19 -8.65
N GLY H 77 -33.82 -46.19 -9.50
CA GLY H 77 -33.81 -47.63 -9.19
C GLY H 77 -32.84 -48.02 -8.07
N ALA H 78 -31.68 -47.38 -8.00
CA ALA H 78 -30.58 -47.72 -7.06
C ALA H 78 -30.60 -46.76 -5.85
N ASP H 80 -31.04 -47.63 -2.50
CA ASP H 80 -30.69 -48.58 -1.40
C ASP H 80 -29.26 -49.12 -1.60
N HIS H 81 -28.78 -49.27 -2.86
CA HIS H 81 -27.42 -49.78 -3.16
C HIS H 81 -26.39 -48.64 -3.19
N LEU H 82 -26.71 -47.47 -2.61
CA LEU H 82 -25.84 -46.26 -2.69
C LEU H 82 -24.90 -46.20 -1.48
N HIS H 83 -25.30 -46.78 -0.35
CA HIS H 83 -24.56 -46.75 0.95
C HIS H 83 -23.09 -47.10 0.76
N GLY H 84 -22.19 -46.12 0.98
CA GLY H 84 -20.73 -46.32 1.04
C GLY H 84 -20.01 -45.58 -0.08
N LYS H 85 -20.71 -45.33 -1.21
CA LYS H 85 -20.08 -44.97 -2.51
C LYS H 85 -19.65 -43.49 -2.51
N THR H 86 -18.76 -43.10 -3.43
CA THR H 86 -18.32 -41.69 -3.65
C THR H 86 -18.72 -41.23 -5.06
N ILE H 87 -19.85 -40.54 -5.18
CA ILE H 87 -20.45 -40.11 -6.48
C ILE H 87 -19.73 -38.83 -6.92
N ILE H 88 -19.02 -38.86 -8.06
CA ILE H 88 -18.46 -37.64 -8.73
C ILE H 88 -19.33 -37.34 -9.95
N ASN H 89 -20.17 -36.32 -9.89
CA ASN H 89 -21.08 -35.96 -11.03
C ASN H 89 -20.37 -34.86 -11.81
N LEU H 90 -19.96 -35.14 -13.04
CA LEU H 90 -19.20 -34.18 -13.86
C LEU H 90 -20.20 -33.49 -14.80
N THR H 91 -21.45 -33.93 -14.79
CA THR H 91 -22.58 -33.34 -15.57
C THR H 91 -22.62 -31.82 -15.32
N ASN H 92 -22.43 -31.03 -16.38
CA ASN H 92 -22.59 -29.55 -16.35
C ASN H 92 -24.02 -29.27 -15.90
N GLY H 93 -24.22 -28.21 -15.12
CA GLY H 93 -25.54 -27.88 -14.55
C GLY H 93 -25.50 -26.59 -13.73
N THR H 94 -26.59 -26.31 -13.02
CA THR H 94 -26.72 -25.12 -12.13
C THR H 94 -26.16 -25.50 -10.76
N PRO H 95 -25.74 -24.50 -9.95
CA PRO H 95 -25.38 -24.74 -8.56
C PRO H 95 -26.53 -25.43 -7.79
N ASP H 96 -27.78 -25.02 -8.05
CA ASP H 96 -28.96 -25.51 -7.29
C ASP H 96 -29.32 -26.93 -7.73
N GLN H 97 -29.21 -27.27 -9.00
CA GLN H 97 -29.34 -28.69 -9.46
C GLN H 97 -28.38 -29.53 -8.60
N ALA H 98 -27.12 -29.08 -8.48
CA ALA H 98 -26.01 -29.79 -7.84
C ALA H 98 -26.28 -29.98 -6.33
N ARG H 99 -26.84 -28.97 -5.68
CA ARG H 99 -27.18 -28.99 -4.23
C ARG H 99 -28.37 -29.92 -3.99
N LYS H 100 -29.36 -29.90 -4.89
CA LYS H 100 -30.58 -30.77 -4.79
C LYS H 100 -30.14 -32.24 -4.90
N LEU H 101 -29.21 -32.54 -5.83
CA LEU H 101 -28.63 -33.90 -6.05
C LEU H 101 -27.80 -34.32 -4.83
N SER H 102 -26.96 -33.41 -4.31
CA SER H 102 -26.01 -33.67 -3.19
C SER H 102 -26.78 -34.05 -1.93
N ASP H 103 -27.89 -33.38 -1.66
CA ASP H 103 -28.79 -33.63 -0.49
C ASP H 103 -29.57 -34.92 -0.72
N ARG H 104 -30.04 -35.16 -1.96
CA ARG H 104 -30.83 -36.37 -2.33
C ARG H 104 -29.97 -37.63 -2.11
N PHE H 105 -28.69 -37.58 -2.54
CA PHE H 105 -27.76 -38.74 -2.58
C PHE H 105 -27.11 -38.95 -1.20
N VAL H 106 -26.83 -37.88 -0.45
CA VAL H 106 -26.26 -37.97 0.93
C VAL H 106 -27.33 -38.53 1.87
N SER H 107 -28.62 -38.38 1.54
CA SER H 107 -29.76 -38.95 2.30
C SER H 107 -29.76 -40.49 2.18
N HIS H 108 -29.09 -41.02 1.15
CA HIS H 108 -29.02 -42.49 0.87
C HIS H 108 -27.62 -43.03 1.14
N GLY H 109 -26.80 -42.34 1.93
CA GLY H 109 -25.59 -42.91 2.55
C GLY H 109 -24.31 -42.62 1.77
N ALA H 110 -24.45 -42.15 0.54
CA ALA H 110 -23.31 -41.79 -0.35
C ALA H 110 -22.62 -40.51 0.20
N ARG H 111 -21.70 -39.95 -0.57
CA ARG H 111 -20.85 -38.80 -0.21
C ARG H 111 -20.49 -38.10 -1.51
N TYR H 112 -21.15 -36.98 -1.78
CA TYR H 112 -21.30 -36.39 -3.13
C TYR H 112 -20.22 -35.32 -3.35
N VAL H 113 -19.69 -35.24 -4.56
CA VAL H 113 -18.83 -34.12 -5.04
C VAL H 113 -19.14 -33.91 -6.52
N HIS H 114 -18.96 -32.68 -7.00
CA HIS H 114 -19.44 -32.19 -8.32
C HIS H 114 -18.29 -31.51 -9.04
N GLY H 115 -18.29 -31.58 -10.36
CA GLY H 115 -17.13 -31.11 -11.13
C GLY H 115 -17.54 -30.55 -12.48
N GLY H 116 -17.03 -29.37 -12.77
CA GLY H 116 -17.05 -28.82 -14.13
C GLY H 116 -15.81 -29.21 -14.89
N ILE H 117 -15.94 -30.10 -15.88
CA ILE H 117 -14.80 -30.50 -16.76
C ILE H 117 -14.51 -29.33 -17.68
N MET H 118 -13.55 -28.48 -17.32
CA MET H 118 -13.05 -27.40 -18.20
C MET H 118 -12.05 -28.03 -19.19
N ALA H 119 -12.56 -28.87 -20.09
CA ALA H 119 -11.80 -29.60 -21.13
C ALA H 119 -12.74 -30.21 -22.16
N THR H 120 -12.43 -30.04 -23.46
CA THR H 120 -13.03 -30.82 -24.56
C THR H 120 -12.53 -32.26 -24.44
N PRO H 121 -13.17 -33.23 -25.12
CA PRO H 121 -12.79 -34.64 -24.96
C PRO H 121 -11.32 -34.91 -25.30
N SER H 122 -10.84 -34.39 -26.43
CA SER H 122 -9.47 -34.66 -26.95
C SER H 122 -8.41 -34.17 -25.95
N MET H 123 -8.70 -33.12 -25.17
CA MET H 123 -7.83 -32.52 -24.13
C MET H 123 -7.81 -33.40 -22.87
N ILE H 124 -8.75 -34.33 -22.68
CA ILE H 124 -8.73 -35.16 -21.46
C ILE H 124 -7.38 -35.86 -21.44
N GLY H 125 -6.79 -36.04 -20.26
CA GLY H 125 -5.42 -36.58 -20.09
C GLY H 125 -4.31 -35.60 -20.46
N SER H 126 -4.59 -34.51 -21.17
CA SER H 126 -3.59 -33.53 -21.66
C SER H 126 -3.17 -32.62 -20.50
N PRO H 127 -2.09 -31.80 -20.66
CA PRO H 127 -1.68 -30.83 -19.65
C PRO H 127 -2.74 -29.74 -19.34
N TYR H 128 -3.41 -29.22 -20.39
CA TYR H 128 -4.35 -28.07 -20.32
C TYR H 128 -5.75 -28.52 -19.86
N ALA H 129 -5.99 -29.83 -19.72
CA ALA H 129 -7.22 -30.36 -19.09
C ALA H 129 -7.29 -29.80 -17.68
N LEU H 130 -8.49 -29.44 -17.23
CA LEU H 130 -8.79 -28.84 -15.90
C LEU H 130 -10.22 -29.24 -15.51
N VAL H 131 -10.43 -29.54 -14.23
CA VAL H 131 -11.77 -29.89 -13.67
C VAL H 131 -11.90 -29.24 -12.29
N LEU H 132 -12.91 -28.39 -12.11
CA LEU H 132 -13.25 -27.71 -10.83
C LEU H 132 -14.09 -28.68 -10.03
N TYR H 133 -13.80 -28.88 -8.74
CA TYR H 133 -14.59 -29.78 -7.87
C TYR H 133 -14.98 -29.06 -6.58
N SER H 134 -16.24 -29.24 -6.17
CA SER H 134 -16.82 -28.81 -4.88
C SER H 134 -17.68 -29.94 -4.33
N GLY H 135 -17.99 -29.94 -3.03
CA GLY H 135 -18.73 -31.03 -2.36
C GLY H 135 -17.90 -31.62 -1.23
N SER H 136 -18.34 -32.74 -0.66
CA SER H 136 -17.72 -33.40 0.52
C SER H 136 -16.22 -33.52 0.33
N PRO H 137 -15.38 -32.75 1.04
CA PRO H 137 -13.94 -32.75 0.82
C PRO H 137 -13.25 -34.02 1.36
N ASP H 138 -13.91 -34.75 2.28
CA ASP H 138 -13.47 -36.08 2.78
C ASP H 138 -13.39 -37.05 1.59
N ALA H 139 -14.50 -37.17 0.84
CA ALA H 139 -14.65 -38.03 -0.36
C ALA H 139 -13.66 -37.59 -1.46
N PHE H 140 -13.54 -36.27 -1.70
CA PHE H 140 -12.70 -35.73 -2.80
C PHE H 140 -11.23 -36.06 -2.53
N LYS H 141 -10.79 -36.01 -1.27
CA LYS H 141 -9.35 -36.19 -0.91
C LYS H 141 -8.92 -37.61 -1.23
N ALA H 142 -9.73 -38.61 -0.85
CA ALA H 142 -9.50 -40.05 -1.07
C ALA H 142 -9.36 -40.35 -2.57
N ALA H 143 -10.28 -39.81 -3.40
CA ALA H 143 -10.39 -40.05 -4.85
C ALA H 143 -9.67 -38.96 -5.67
N GLU H 144 -8.96 -38.02 -5.05
CA GLU H 144 -8.14 -37.01 -5.78
C GLU H 144 -7.05 -37.74 -6.58
N GLY H 145 -6.46 -38.80 -6.01
CA GLY H 145 -5.46 -39.64 -6.69
C GLY H 145 -5.94 -40.08 -8.05
N ASP H 146 -7.00 -40.90 -8.10
CA ASP H 146 -7.55 -41.52 -9.33
C ASP H 146 -7.91 -40.40 -10.35
N LEU H 147 -8.81 -39.49 -9.96
CA LEU H 147 -9.38 -38.41 -10.83
C LEU H 147 -8.25 -37.65 -11.55
N SER H 148 -7.11 -37.47 -10.88
CA SER H 148 -5.94 -36.67 -11.35
C SER H 148 -5.44 -37.14 -12.73
N VAL H 149 -5.72 -38.39 -13.11
CA VAL H 149 -5.33 -38.96 -14.44
C VAL H 149 -5.97 -38.13 -15.55
N LEU H 150 -7.18 -37.62 -15.33
CA LEU H 150 -8.04 -36.98 -16.37
C LEU H 150 -7.55 -35.56 -16.67
N ALA H 151 -7.28 -34.77 -15.62
CA ALA H 151 -6.92 -33.35 -15.75
C ALA H 151 -6.30 -32.82 -14.45
N LYS H 152 -5.96 -31.52 -14.43
CA LYS H 152 -5.47 -30.80 -13.22
C LYS H 152 -6.68 -30.55 -12.31
N CYS H 153 -6.86 -31.33 -11.23
CA CYS H 153 -7.87 -31.08 -10.15
C CYS H 153 -7.72 -29.65 -9.61
N VAL H 154 -8.82 -29.04 -9.13
CA VAL H 154 -8.88 -27.69 -8.50
C VAL H 154 -10.09 -27.65 -7.58
N PHE H 155 -9.98 -28.15 -6.34
CA PHE H 155 -11.04 -28.10 -5.32
C PHE H 155 -11.31 -26.64 -4.91
N LEU H 156 -12.56 -26.30 -4.54
CA LEU H 156 -12.89 -24.93 -4.07
C LEU H 156 -14.24 -24.87 -3.31
N GLY H 157 -14.39 -25.67 -2.26
CA GLY H 157 -15.40 -25.47 -1.20
C GLY H 157 -16.19 -26.73 -0.89
N GLU H 158 -16.84 -26.77 0.28
CA GLU H 158 -17.75 -27.85 0.73
C GLU H 158 -19.17 -27.58 0.21
N ASP H 159 -19.34 -26.49 -0.57
CA ASP H 159 -20.60 -26.02 -1.19
C ASP H 159 -20.82 -26.81 -2.49
N ALA H 160 -21.73 -27.79 -2.46
CA ALA H 160 -21.93 -28.83 -3.51
C ALA H 160 -22.08 -28.23 -4.93
N GLY H 161 -22.34 -26.93 -5.06
CA GLY H 161 -22.65 -26.30 -6.36
C GLY H 161 -21.73 -25.16 -6.75
N THR H 162 -20.55 -25.05 -6.11
CA THR H 162 -19.55 -23.97 -6.36
C THR H 162 -18.81 -24.23 -7.68
N ALA H 163 -18.45 -25.49 -7.96
CA ALA H 163 -17.80 -25.94 -9.21
C ALA H 163 -18.65 -25.59 -10.44
N SER H 164 -19.97 -25.80 -10.32
CA SER H 164 -21.01 -25.56 -11.36
C SER H 164 -21.11 -24.06 -11.63
N LEU H 165 -21.10 -23.22 -10.60
CA LEU H 165 -21.12 -21.74 -10.75
C LEU H 165 -19.89 -21.30 -11.56
N HIS H 166 -18.73 -21.84 -11.21
CA HIS H 166 -17.42 -21.53 -11.87
C HIS H 166 -17.39 -22.12 -13.28
N ASP H 167 -17.97 -23.31 -13.47
CA ASP H 167 -18.12 -23.93 -14.80
C ASP H 167 -18.82 -22.92 -15.71
N LEU H 168 -20.04 -22.55 -15.33
CA LEU H 168 -20.95 -21.74 -16.19
C LEU H 168 -20.34 -20.35 -16.44
N ALA H 169 -19.77 -19.74 -15.40
CA ALA H 169 -19.00 -18.48 -15.51
C ALA H 169 -17.94 -18.61 -16.61
N LEU H 170 -17.06 -19.63 -16.52
CA LEU H 170 -15.93 -19.76 -17.47
C LEU H 170 -16.48 -19.93 -18.90
N LEU H 171 -17.45 -20.85 -19.07
CA LEU H 171 -18.23 -21.06 -20.31
C LEU H 171 -18.83 -19.72 -20.83
N SER H 172 -19.42 -18.90 -19.95
CA SER H 172 -19.94 -17.55 -20.31
C SER H 172 -18.87 -16.71 -21.03
N GLY H 173 -17.60 -16.80 -20.61
CA GLY H 173 -16.45 -16.04 -21.16
C GLY H 173 -15.93 -16.68 -22.43
N MET H 174 -15.91 -18.01 -22.47
CA MET H 174 -15.68 -18.78 -23.73
C MET H 174 -16.66 -18.26 -24.79
N TYR H 175 -17.96 -18.36 -24.48
CA TYR H 175 -19.05 -18.08 -25.45
C TYR H 175 -19.02 -16.62 -25.89
N GLY H 176 -18.59 -15.71 -25.01
CA GLY H 176 -18.25 -14.33 -25.41
C GLY H 176 -17.24 -14.35 -26.53
N LEU H 177 -16.16 -15.13 -26.35
CA LEU H 177 -14.98 -15.17 -27.25
C LEU H 177 -15.43 -15.70 -28.63
N PHE H 178 -16.12 -16.83 -28.66
CA PHE H 178 -16.62 -17.46 -29.92
C PHE H 178 -17.60 -16.51 -30.65
N SER H 179 -18.43 -15.80 -29.89
CA SER H 179 -19.40 -14.82 -30.42
C SER H 179 -18.65 -13.68 -31.13
N GLY H 180 -17.49 -13.30 -30.60
CA GLY H 180 -16.65 -12.27 -31.22
C GLY H 180 -15.93 -12.79 -32.44
N PHE H 181 -15.36 -13.99 -32.33
CA PHE H 181 -14.66 -14.73 -33.41
C PHE H 181 -15.58 -14.80 -34.64
N LEU H 182 -16.75 -15.47 -34.48
CA LEU H 182 -17.79 -15.66 -35.51
C LEU H 182 -18.15 -14.31 -36.13
N HIS H 183 -18.51 -13.31 -35.32
CA HIS H 183 -18.87 -11.96 -35.82
C HIS H 183 -17.69 -11.39 -36.62
N ALA H 184 -16.49 -11.40 -36.03
CA ALA H 184 -15.24 -10.82 -36.59
C ALA H 184 -14.88 -11.51 -37.91
N THR H 185 -14.85 -12.84 -37.92
CA THR H 185 -14.58 -13.67 -39.14
C THR H 185 -15.61 -13.30 -40.22
N ALA H 186 -16.89 -13.64 -39.99
CA ALA H 186 -18.04 -13.24 -40.81
C ALA H 186 -17.81 -11.87 -41.46
N LEU H 187 -17.49 -10.85 -40.66
CA LEU H 187 -17.49 -9.44 -41.11
C LEU H 187 -16.36 -9.25 -42.16
N VAL H 188 -15.36 -10.11 -42.15
CA VAL H 188 -14.11 -9.93 -42.93
C VAL H 188 -14.03 -10.95 -44.10
N ARG H 189 -14.73 -12.09 -43.99
CA ARG H 189 -14.77 -13.17 -45.01
C ARG H 189 -14.65 -12.57 -46.42
N SER H 190 -15.50 -11.60 -46.77
CA SER H 190 -15.59 -11.05 -48.15
C SER H 190 -14.20 -10.60 -48.63
N SER H 191 -13.41 -9.99 -47.75
CA SER H 191 -12.17 -9.25 -48.13
C SER H 191 -10.92 -10.13 -47.99
N THR H 192 -10.93 -11.09 -47.05
CA THR H 192 -9.76 -11.93 -46.70
C THR H 192 -10.20 -13.22 -46.00
N PRO H 193 -9.39 -14.29 -46.11
CA PRO H 193 -9.72 -15.59 -45.52
C PRO H 193 -9.47 -15.64 -44.01
N ALA H 194 -10.15 -16.55 -43.32
CA ALA H 194 -10.22 -16.59 -41.83
C ALA H 194 -8.84 -16.86 -41.24
N VAL H 195 -8.07 -17.80 -41.83
CA VAL H 195 -6.73 -18.22 -41.32
C VAL H 195 -5.78 -17.02 -41.34
N LYS H 196 -5.52 -16.42 -42.52
CA LYS H 196 -4.69 -15.21 -42.68
C LYS H 196 -5.14 -14.11 -41.70
N PHE H 197 -6.40 -14.13 -41.27
CA PHE H 197 -7.01 -13.11 -40.36
C PHE H 197 -6.68 -13.44 -38.89
N MET H 198 -6.52 -14.72 -38.53
CA MET H 198 -6.09 -15.13 -37.15
C MET H 198 -4.70 -14.53 -36.85
N ASP H 199 -3.91 -14.22 -37.89
CA ASP H 199 -2.58 -13.57 -37.75
C ASP H 199 -2.74 -12.19 -37.12
N LEU H 200 -3.92 -11.57 -37.26
CA LEU H 200 -4.26 -10.25 -36.64
C LEU H 200 -5.14 -10.45 -35.40
N LEU H 201 -6.16 -11.32 -35.45
CA LEU H 201 -7.05 -11.52 -34.28
C LEU H 201 -6.23 -12.02 -33.08
N VAL H 202 -5.60 -13.19 -33.20
CA VAL H 202 -5.03 -13.97 -32.06
C VAL H 202 -4.07 -13.11 -31.21
N PRO H 203 -3.13 -12.36 -31.80
CA PRO H 203 -2.32 -11.42 -31.01
C PRO H 203 -3.23 -10.39 -30.30
N TRP H 204 -4.03 -9.66 -31.09
CA TRP H 204 -4.94 -8.58 -30.63
C TRP H 204 -5.79 -9.05 -29.44
N LEU H 205 -6.38 -10.25 -29.53
CA LEU H 205 -7.17 -10.83 -28.40
C LEU H 205 -6.25 -11.01 -27.18
N GLY H 206 -5.02 -11.48 -27.40
CA GLY H 206 -3.93 -11.53 -26.39
C GLY H 206 -3.76 -10.20 -25.68
N ALA H 207 -3.50 -9.12 -26.42
CA ALA H 207 -3.45 -7.74 -25.87
C ALA H 207 -4.66 -7.53 -24.97
N MET H 208 -5.85 -7.56 -25.58
CA MET H 208 -7.16 -7.23 -24.95
C MET H 208 -7.44 -8.16 -23.76
N THR H 209 -6.98 -9.42 -23.80
CA THR H 209 -7.08 -10.36 -22.65
C THR H 209 -6.24 -9.83 -21.48
N GLU H 210 -5.12 -9.14 -21.74
CA GLU H 210 -4.26 -8.51 -20.70
C GLU H 210 -5.08 -7.41 -20.01
N TYR H 211 -5.64 -6.51 -20.82
CA TYR H 211 -6.47 -5.34 -20.39
C TYR H 211 -7.61 -5.78 -19.45
N THR H 212 -8.10 -7.02 -19.55
CA THR H 212 -9.19 -7.55 -18.67
C THR H 212 -8.66 -7.89 -17.28
N LYS H 213 -7.34 -8.11 -17.14
CA LYS H 213 -6.64 -8.32 -15.84
C LYS H 213 -6.71 -7.01 -15.06
N GLY H 214 -6.34 -5.90 -15.71
CA GLY H 214 -6.36 -4.54 -15.16
C GLY H 214 -7.76 -3.96 -15.17
N MET H 215 -8.77 -4.81 -15.29
CA MET H 215 -10.22 -4.44 -15.28
C MET H 215 -10.89 -5.16 -14.12
N ALA H 216 -10.57 -6.44 -13.89
CA ALA H 216 -10.98 -7.20 -12.69
C ALA H 216 -10.51 -6.45 -11.42
N LYS H 217 -9.33 -5.84 -11.46
CA LYS H 217 -8.75 -4.98 -10.39
C LYS H 217 -9.72 -3.83 -10.12
N GLN H 218 -9.99 -3.00 -11.14
CA GLN H 218 -11.01 -1.92 -11.09
C GLN H 218 -12.29 -2.47 -10.45
N ILE H 219 -12.88 -3.51 -11.05
CA ILE H 219 -14.15 -4.16 -10.60
C ILE H 219 -14.07 -4.54 -9.11
N ASP H 220 -12.90 -4.93 -8.62
CA ASP H 220 -12.69 -5.40 -7.23
C ASP H 220 -12.62 -4.20 -6.26
N GLU H 221 -12.02 -3.08 -6.68
CA GLU H 221 -11.81 -1.86 -5.84
C GLU H 221 -12.98 -0.89 -6.08
N GLY H 222 -13.07 -0.28 -7.27
CA GLY H 222 -14.23 0.53 -7.70
C GLY H 222 -13.83 1.77 -8.47
N LYS H 223 -12.79 1.68 -9.32
CA LYS H 223 -12.24 2.84 -10.08
C LYS H 223 -13.24 3.25 -11.17
N TYR H 224 -13.18 2.59 -12.33
CA TYR H 224 -13.97 2.87 -13.56
C TYR H 224 -13.50 4.19 -14.19
N THR H 225 -12.23 4.53 -14.00
CA THR H 225 -11.62 5.82 -14.45
C THR H 225 -11.03 5.62 -15.85
N SER H 226 -11.36 6.52 -16.79
CA SER H 226 -10.75 6.61 -18.14
C SER H 226 -9.24 6.86 -17.98
N SER H 229 -10.37 6.16 -23.83
CA SER H 229 -10.98 4.81 -23.98
C SER H 229 -12.40 4.86 -23.39
N ASN H 230 -13.22 5.81 -23.82
CA ASN H 230 -14.43 6.29 -23.11
C ASN H 230 -15.72 5.79 -23.79
N LEU H 231 -16.72 5.40 -22.98
CA LEU H 231 -18.04 4.83 -23.38
C LEU H 231 -18.73 5.69 -24.46
N ALA H 232 -18.50 6.99 -24.54
CA ALA H 232 -19.12 7.86 -25.57
C ALA H 232 -18.54 7.51 -26.96
N MET H 233 -17.22 7.34 -27.06
CA MET H 233 -16.50 7.06 -28.33
C MET H 233 -16.74 5.60 -28.74
N GLN H 234 -16.73 4.68 -27.77
CA GLN H 234 -16.97 3.24 -28.03
C GLN H 234 -18.35 3.11 -28.66
N LEU H 235 -19.36 3.78 -28.09
CA LEU H 235 -20.75 3.85 -28.62
C LEU H 235 -20.76 4.18 -30.11
N VAL H 236 -20.01 5.21 -30.54
CA VAL H 236 -20.04 5.62 -31.98
C VAL H 236 -19.25 4.57 -32.75
N GLY H 237 -18.30 3.90 -32.08
CA GLY H 237 -17.57 2.75 -32.63
C GLY H 237 -18.52 1.58 -32.90
N ILE H 238 -19.17 1.07 -31.85
CA ILE H 238 -20.13 -0.07 -31.91
C ILE H 238 -21.19 0.22 -33.00
N GLN H 239 -21.60 1.47 -33.17
CA GLN H 239 -22.54 1.87 -34.26
C GLN H 239 -21.90 1.67 -35.63
N ASN H 240 -20.59 1.90 -35.76
CA ASN H 240 -19.86 1.67 -37.03
C ASN H 240 -19.79 0.18 -37.36
N ILE H 241 -19.71 -0.71 -36.35
CA ILE H 241 -19.68 -2.19 -36.57
C ILE H 241 -21.06 -2.64 -37.08
N ILE H 242 -22.15 -2.19 -36.45
CA ILE H 242 -23.56 -2.51 -36.84
C ILE H 242 -23.83 -2.06 -38.27
N ASP H 243 -23.51 -0.79 -38.60
CA ASP H 243 -23.66 -0.23 -39.96
C ASP H 243 -22.83 -1.06 -40.95
N ALA H 244 -21.59 -1.44 -40.59
CA ALA H 244 -20.64 -2.19 -41.47
C ALA H 244 -21.13 -3.63 -41.68
N SER H 245 -21.65 -4.26 -40.64
CA SER H 245 -22.21 -5.63 -40.64
C SER H 245 -23.40 -5.73 -41.62
N GLU H 246 -24.35 -4.80 -41.53
CA GLU H 246 -25.53 -4.73 -42.43
C GLU H 246 -25.04 -4.62 -43.88
N ALA H 247 -24.05 -3.77 -44.13
CA ALA H 247 -23.51 -3.48 -45.49
C ALA H 247 -22.81 -4.73 -46.05
N GLN H 248 -22.23 -5.59 -45.20
CA GLN H 248 -21.57 -6.86 -45.62
C GLN H 248 -22.57 -8.02 -45.51
N GLN H 249 -23.86 -7.73 -45.34
CA GLN H 249 -24.92 -8.77 -45.23
C GLN H 249 -24.64 -9.72 -44.04
N VAL H 250 -23.97 -9.22 -42.98
CA VAL H 250 -23.68 -9.98 -41.72
C VAL H 250 -24.60 -9.47 -40.62
N SER H 251 -25.06 -10.37 -39.74
CA SER H 251 -25.85 -10.08 -38.51
C SER H 251 -24.96 -9.44 -37.44
N ALA H 252 -25.41 -8.31 -36.88
CA ALA H 252 -24.74 -7.64 -35.74
C ALA H 252 -25.41 -8.03 -34.41
N GLU H 253 -26.06 -9.18 -34.35
CA GLU H 253 -26.88 -9.59 -33.16
C GLU H 253 -25.97 -9.99 -32.00
N PHE H 254 -24.70 -10.27 -32.26
CA PHE H 254 -23.71 -10.68 -31.22
C PHE H 254 -23.36 -9.46 -30.34
N ILE H 255 -23.36 -8.27 -30.95
CA ILE H 255 -22.89 -6.98 -30.32
C ILE H 255 -24.07 -6.23 -29.68
N ARG H 256 -25.33 -6.52 -30.01
CA ARG H 256 -26.48 -5.71 -29.56
C ARG H 256 -26.51 -5.59 -28.04
N PRO H 257 -26.39 -6.68 -27.26
CA PRO H 257 -26.44 -6.56 -25.80
C PRO H 257 -25.34 -5.60 -25.32
N MET H 258 -24.13 -5.69 -25.89
CA MET H 258 -23.04 -4.74 -25.50
C MET H 258 -23.59 -3.32 -25.68
N LYS H 259 -24.18 -3.02 -26.86
CA LYS H 259 -24.72 -1.67 -27.21
C LYS H 259 -25.77 -1.28 -26.18
N GLU H 260 -26.76 -2.15 -25.95
CA GLU H 260 -27.86 -1.86 -25.00
C GLU H 260 -27.23 -1.48 -23.65
N PHE H 261 -26.19 -2.20 -23.20
CA PHE H 261 -25.53 -1.96 -21.89
C PHE H 261 -24.76 -0.63 -21.88
N MET H 262 -23.98 -0.31 -22.92
CA MET H 262 -23.26 0.99 -22.99
C MET H 262 -24.26 2.16 -23.03
N GLN H 263 -25.40 2.00 -23.71
CA GLN H 263 -26.49 3.02 -23.78
C GLN H 263 -27.07 3.26 -22.37
N LYS H 264 -27.34 2.20 -21.60
CA LYS H 264 -27.78 2.32 -20.19
C LYS H 264 -26.75 3.14 -19.42
N ALA H 265 -25.47 2.98 -19.76
CA ALA H 265 -24.31 3.52 -19.02
C ALA H 265 -24.16 5.01 -19.29
N VAL H 266 -24.08 5.45 -20.56
CA VAL H 266 -23.82 6.89 -20.87
C VAL H 266 -25.04 7.69 -20.39
N ALA H 267 -26.26 7.17 -20.61
CA ALA H 267 -27.55 7.74 -20.16
C ALA H 267 -27.55 7.93 -18.63
N ALA H 268 -26.99 6.96 -17.90
CA ALA H 268 -26.89 6.96 -16.42
C ALA H 268 -25.62 7.68 -15.96
N GLY H 269 -24.90 8.34 -16.89
CA GLY H 269 -23.85 9.33 -16.58
C GLY H 269 -22.44 8.86 -16.86
N HIS H 270 -22.21 7.63 -17.32
CA HIS H 270 -20.84 7.03 -17.46
C HIS H 270 -20.20 7.33 -18.82
N GLY H 271 -20.62 8.43 -19.46
CA GLY H 271 -20.15 8.84 -20.80
C GLY H 271 -18.63 8.85 -20.89
N GLY H 272 -17.94 9.28 -19.83
CA GLY H 272 -16.46 9.42 -19.81
C GLY H 272 -15.77 8.33 -19.02
N ASP H 273 -16.50 7.30 -18.58
CA ASP H 273 -15.94 6.19 -17.75
C ASP H 273 -15.49 5.05 -18.68
N ASP H 274 -14.75 4.09 -18.13
CA ASP H 274 -14.16 2.92 -18.85
C ASP H 274 -15.22 1.83 -18.99
N ILE H 275 -15.01 0.88 -19.89
CA ILE H 275 -15.91 -0.28 -20.16
C ILE H 275 -16.07 -1.13 -18.88
N SER H 276 -15.23 -0.94 -17.86
CA SER H 276 -15.32 -1.60 -16.53
C SER H 276 -16.64 -1.21 -15.86
N SER H 277 -17.03 0.06 -16.02
CA SER H 277 -18.23 0.69 -15.39
C SER H 277 -19.50 -0.13 -15.65
N LEU H 278 -19.55 -0.87 -16.76
CA LEU H 278 -20.75 -1.64 -17.20
C LEU H 278 -21.02 -2.77 -16.20
N ILE H 279 -20.07 -3.13 -15.35
CA ILE H 279 -20.19 -4.29 -14.41
C ILE H 279 -21.48 -4.10 -13.61
N ASP H 280 -21.78 -2.90 -13.18
CA ASP H 280 -22.95 -2.55 -12.31
C ASP H 280 -24.27 -2.53 -13.12
N PHE H 281 -24.22 -2.60 -14.44
CA PHE H 281 -25.40 -2.54 -15.33
C PHE H 281 -25.71 -3.91 -15.94
N VAL H 282 -25.04 -4.97 -15.51
CA VAL H 282 -25.35 -6.38 -15.90
C VAL H 282 -26.02 -7.06 -14.71
N LYS H 283 -25.97 -6.43 -13.53
CA LYS H 283 -26.53 -6.98 -12.25
C LYS H 283 -27.95 -6.44 -12.05
#